data_5SGA
# 
_entry.id   5SGA 
# 
_audit_conform.dict_name       mmcif_pdbx.dic 
_audit_conform.dict_version    5.398 
_audit_conform.dict_location   http://mmcif.pdb.org/dictionaries/ascii/mmcif_pdbx.dic 
# 
loop_
_database_2.database_id 
_database_2.database_code 
_database_2.pdbx_database_accession 
_database_2.pdbx_DOI 
PDB   5SGA         pdb_00005sga 10.2210/pdb5sga/pdb 
WWPDB D_1000179772 ?            ?                   
# 
loop_
_pdbx_audit_revision_history.ordinal 
_pdbx_audit_revision_history.data_content_type 
_pdbx_audit_revision_history.major_revision 
_pdbx_audit_revision_history.minor_revision 
_pdbx_audit_revision_history.revision_date 
1 'Structure model' 1 0 1991-10-15 
2 'Structure model' 1 1 2008-03-25 
3 'Structure model' 1 2 2011-07-13 
4 'Structure model' 1 3 2012-12-12 
5 'Structure model' 1 4 2013-03-13 
6 'Structure model' 1 5 2024-06-05 
7 'Structure model' 1 6 2024-11-06 
# 
_pdbx_audit_revision_details.ordinal             1 
_pdbx_audit_revision_details.revision_ordinal    1 
_pdbx_audit_revision_details.data_content_type   'Structure model' 
_pdbx_audit_revision_details.provider            repository 
_pdbx_audit_revision_details.type                'Initial release' 
_pdbx_audit_revision_details.description         ? 
_pdbx_audit_revision_details.details             ? 
# 
loop_
_pdbx_audit_revision_group.ordinal 
_pdbx_audit_revision_group.revision_ordinal 
_pdbx_audit_revision_group.data_content_type 
_pdbx_audit_revision_group.group 
1  2 'Structure model' 'Version format compliance' 
2  3 'Structure model' 'Atomic model'              
3  3 'Structure model' 'Database references'       
4  3 'Structure model' 'Derived calculations'      
5  3 'Structure model' 'Non-polymer description'   
6  3 'Structure model' 'Structure summary'         
7  3 'Structure model' 'Version format compliance' 
8  4 'Structure model' Other                       
9  5 'Structure model' Other                       
10 6 'Structure model' 'Data collection'           
11 6 'Structure model' 'Database references'       
12 6 'Structure model' 'Derived calculations'      
13 6 'Structure model' Other                       
14 7 'Structure model' 'Structure summary'         
# 
loop_
_pdbx_audit_revision_category.ordinal 
_pdbx_audit_revision_category.revision_ordinal 
_pdbx_audit_revision_category.data_content_type 
_pdbx_audit_revision_category.category 
1 6 'Structure model' chem_comp_atom            
2 6 'Structure model' chem_comp_bond            
3 6 'Structure model' database_2                
4 6 'Structure model' pdbx_database_status      
5 6 'Structure model' struct_conn               
6 6 'Structure model' struct_ref_seq_dif        
7 7 'Structure model' pdbx_entry_details        
8 7 'Structure model' pdbx_modification_feature 
# 
loop_
_pdbx_audit_revision_item.ordinal 
_pdbx_audit_revision_item.revision_ordinal 
_pdbx_audit_revision_item.data_content_type 
_pdbx_audit_revision_item.item 
1  6 'Structure model' '_database_2.pdbx_DOI'                
2  6 'Structure model' '_database_2.pdbx_database_accession' 
3  6 'Structure model' '_pdbx_database_status.process_site'  
4  6 'Structure model' '_struct_conn.pdbx_leaving_atom_flag' 
5  6 'Structure model' '_struct_conn.ptnr1_auth_comp_id'     
6  6 'Structure model' '_struct_conn.ptnr1_auth_seq_id'      
7  6 'Structure model' '_struct_conn.ptnr1_label_atom_id'    
8  6 'Structure model' '_struct_conn.ptnr1_label_comp_id'    
9  6 'Structure model' '_struct_conn.ptnr1_label_seq_id'     
10 6 'Structure model' '_struct_conn.ptnr2_auth_comp_id'     
11 6 'Structure model' '_struct_conn.ptnr2_auth_seq_id'      
12 6 'Structure model' '_struct_conn.ptnr2_label_atom_id'    
13 6 'Structure model' '_struct_conn.ptnr2_label_comp_id'    
14 6 'Structure model' '_struct_conn.ptnr2_label_seq_id'     
15 6 'Structure model' '_struct_ref_seq_dif.details'         
# 
_pdbx_database_status.status_code                     REL 
_pdbx_database_status.entry_id                        5SGA 
_pdbx_database_status.recvd_initial_deposition_date   1990-05-29 
_pdbx_database_status.deposit_site                    ? 
_pdbx_database_status.process_site                    BNL 
_pdbx_database_status.SG_entry                        . 
_pdbx_database_status.status_code_sf                  ? 
_pdbx_database_status.status_code_mr                  ? 
_pdbx_database_status.status_code_cs                  ? 
_pdbx_database_status.pdb_format_compatible           Y 
_pdbx_database_status.status_code_nmr_data            ? 
_pdbx_database_status.methods_development_category    ? 
# 
loop_
_audit_author.name 
_audit_author.pdbx_ordinal 
'Sielecki, A.R.' 1 
'James, M.N.G.'  2 
# 
loop_
_citation.id 
_citation.title 
_citation.journal_abbrev 
_citation.journal_volume 
_citation.page_first 
_citation.page_last 
_citation.year 
_citation.journal_id_ASTM 
_citation.country 
_citation.journal_id_ISSN 
_citation.journal_id_CSD 
_citation.book_publisher 
_citation.pdbx_database_id_PubMed 
_citation.pdbx_database_id_DOI 
primary 
;Structures of product and inhibitor complexes of Streptomyces griseus protease A at 1.8 A resolution. A model for serine protease catalysis.
;
J.Mol.Biol.                                                                    144 43  88 1980 JMOBAK UK 0022-2836 0070 ? 6783761 
'10.1016/0022-2836(80)90214-4' 
1       'The Importance of Refined Structures to the Understanding of Enzyme Action' 
'Proceedings of the Daresbury Study Weekend: Refinement of Protein Structures' ?   78  ?  1981 ?      ?  0144-5677 0811 
'Daresbury Laboratory, Daresbury, England' ?       ?                              
2       'Protein Structure Refinement. Streptomyces Griseus Serine Protease A at 1.8 Angstroms Resolution' J.Mol.Biol. 134 781 ?  
1979 JMOBAK UK 0022-2836 0070 ?                                          ?       ?                              
3       
;Electron Density Calculations as an Extension of Protein Structure Refinement. Streptomyces Griseus Protease at 1.5 Angstroms Resolution
;
J.Mol.Biol.                                                                    182 555 ?  1985 JMOBAK UK 0022-2836 0070 ? ?       
?                              
4       
;Crystallographic and Kinetic Investigations of the Covalent Complex Formed by a Specific Tetrapeptide Aldehyde and the Serine Protease from Streptomyces Griseus
;
Proc.Natl.Acad.Sci.USA                                                         76  96  ?  1979 PNASA6 US 0027-8424 0040 ? ?       
?                              
5       
;Molecular Structure of Crystalline Streptomyces Griseus Protease A at 2.8 Angstroms Resolution. II. Molecular Conformation, Comparison with Alpha-Chymotrypsin and Active-Site Geometry
;
J.Mol.Biol.                                                                    124 261 ?  1978 JMOBAK UK 0022-2836 0070 ? ?       
?                              
6       
;Molecular Structure of Crystalline Streptomyces Griseus Protease A at 2.8 Angstroms Resolution. I. Crystallization, Data Collection and Structural Analysis
;
J.Mol.Biol.                                                                    124 243 ?  1978 JMOBAK UK 0022-2836 0070 ? ?       
?                              
7       'Amino Acid Sequence Alignment of Bacterial and Mammalian Pancreatic Serine Proteases Based on Topological Equivalences' 
Can.J.Biochem.                                                                 56  396 ?  1978 CJBIAE CA 0008-4018 0415 ? ?       
?                              
8       'Tertiary Structural Differences between Microbial Serine Proteases and Pancreatic Serine Enzymes' Nature 257 758 ?  1975 
NATUAS UK 0028-0836 0006 ?                                          ?       ?                              
9       
;Structure of the Complex Formed between the Bacterial-Produced Inhibitor Chymostatin and the Serine Enzyme Streptomyces Griseus Protease A
;
J.Mol.Biol.                                                                    139 45  ?  1980 JMOBAK UK 0022-2836 0070 ? ?       
?                              
10      
'Refined Structure of Alpha-Lytic Protease at 1.7 Angstroms Resolution: Analysis of Hydrogen Bonding and Solvent Structure' 
J.Mol.Biol.                                                                    183 479 ?  1985 JMOBAK UK 0022-2836 0070 ? ?       
?                              
# 
loop_
_citation_author.citation_id 
_citation_author.name 
_citation_author.ordinal 
_citation_author.identifier_ORCID 
primary 'James, M.N.'       1  ? 
primary 'Sielecki, A.R.'    2  ? 
primary 'Brayer, G.D.'      3  ? 
primary 'Delbaere, L.T.'    4  ? 
primary 'Bauer, C.A.'       5  ? 
1       'Sielecki, A.R.'    6  ? 
1       'James, M.N.G.'     7  ? 
2       'Sielecki, A.R.'    8  ? 
2       'Hendrickson, W.A.' 9  ? 
2       'Broughton, C.G.'   10 ? 
2       'Delbaere, L.T.J.'  11 ? 
2       'Brayer, G.D.'      12 ? 
2       'James, M.N.G.'     13 ? 
3       'Moult, J.'         14 ? 
3       'Sussman, F.'       15 ? 
3       'James, M.N.G.'     16 ? 
4       'Brayer, G.D.'      17 ? 
4       'Delbaere, L.T.J.'  18 ? 
4       'James, M.N.G.'     19 ? 
4       'Bauer, C.-A.'      20 ? 
4       'Thompson, R.C.'    21 ? 
5       'Brayer, G.D.'      22 ? 
5       'Delbaere, L.T.J.'  23 ? 
5       'James, M.N.G.'     24 ? 
6       'Brayer, G.D.'      25 ? 
6       'Delbaere, L.T.J.'  26 ? 
6       'James, M.N.G.'     27 ? 
7       'James, M.N.G.'     28 ? 
7       'Delbaere, L.T.J.'  29 ? 
7       'Brayer, G.D.'      30 ? 
8       'Delbaere, L.T.J.'  31 ? 
8       'Hutcheon, W.L.B.'  32 ? 
8       'James, M.N.G.'     33 ? 
8       'Thiessen, W.E.'    34 ? 
9       'Delbaere, L.T.J.'  35 ? 
9       'Brayer, G.D.'      36 ? 
10      'Fujinaga, M.'      37 ? 
10      'Delbaere, L.T.J.'  38 ? 
10      'Brayer, G.D.'      39 ? 
10      'James, M.N.G.'     40 ? 
# 
loop_
_entity.id 
_entity.type 
_entity.src_method 
_entity.pdbx_description 
_entity.formula_weight 
_entity.pdbx_number_of_molecules 
_entity.pdbx_ec 
_entity.pdbx_mutation 
_entity.pdbx_fragment 
_entity.details 
1 polymer man 'PROTEINASE A (SGPA)'              18016.625 1   ? ? ? ? 
2 polymer man 'TETRAPEPTIDE ACE-PRO-ALA-PRO-TYR' 472.534   1   ? ? ? ? 
3 water   nat water                              18.015    185 ? ? ? ? 
# 
loop_
_entity_poly.entity_id 
_entity_poly.type 
_entity_poly.nstd_linkage 
_entity_poly.nstd_monomer 
_entity_poly.pdbx_seq_one_letter_code 
_entity_poly.pdbx_seq_one_letter_code_can 
_entity_poly.pdbx_strand_id 
_entity_poly.pdbx_target_identifier 
1 'polypeptide(L)' no no  
;IAGGEAITTGGSRCSLGFNVSVNGVAHALTAGHCTNISASWSIGTRTGTSFPNNDYGIIRHSNPAAADGRVYLYNGSYQD
ITTAGNAFVGQAVQRSGSTTGLRSGSVTGLNATVNYGSSGIVYGMIQTNVCAQPGDSGGSLFAGSTALGLTSGGSGNCRT
GGTTFYQPVTEALSAYGATVL
;
;IAGGEAITTGGSRCSLGFNVSVNGVAHALTAGHCTNISASWSIGTRTGTSFPNNDYGIIRHSNPAAADGRVYLYNGSYQD
ITTAGNAFVGQAVQRSGSTTGLRSGSVTGLNATVNYGSSGIVYGMIQTNVCAQPGDSGGSLFAGSTALGLTSGGSGNCRT
GGTTFYQPVTEALSAYGATVL
;
E ? 
2 'polypeptide(L)' no yes '(ACE)PAPY' XPAPY P ? 
# 
_pdbx_entity_nonpoly.entity_id   3 
_pdbx_entity_nonpoly.name        water 
_pdbx_entity_nonpoly.comp_id     HOH 
# 
loop_
_entity_poly_seq.entity_id 
_entity_poly_seq.num 
_entity_poly_seq.mon_id 
_entity_poly_seq.hetero 
1 1   ILE n 
1 2   ALA n 
1 3   GLY n 
1 4   GLY n 
1 5   GLU n 
1 6   ALA n 
1 7   ILE n 
1 8   THR n 
1 9   THR n 
1 10  GLY n 
1 11  GLY n 
1 12  SER n 
1 13  ARG n 
1 14  CYS n 
1 15  SER n 
1 16  LEU n 
1 17  GLY n 
1 18  PHE n 
1 19  ASN n 
1 20  VAL n 
1 21  SER n 
1 22  VAL n 
1 23  ASN n 
1 24  GLY n 
1 25  VAL n 
1 26  ALA n 
1 27  HIS n 
1 28  ALA n 
1 29  LEU n 
1 30  THR n 
1 31  ALA n 
1 32  GLY n 
1 33  HIS n 
1 34  CYS n 
1 35  THR n 
1 36  ASN n 
1 37  ILE n 
1 38  SER n 
1 39  ALA n 
1 40  SER n 
1 41  TRP n 
1 42  SER n 
1 43  ILE n 
1 44  GLY n 
1 45  THR n 
1 46  ARG n 
1 47  THR n 
1 48  GLY n 
1 49  THR n 
1 50  SER n 
1 51  PHE n 
1 52  PRO n 
1 53  ASN n 
1 54  ASN n 
1 55  ASP n 
1 56  TYR n 
1 57  GLY n 
1 58  ILE n 
1 59  ILE n 
1 60  ARG n 
1 61  HIS n 
1 62  SER n 
1 63  ASN n 
1 64  PRO n 
1 65  ALA n 
1 66  ALA n 
1 67  ALA n 
1 68  ASP n 
1 69  GLY n 
1 70  ARG n 
1 71  VAL n 
1 72  TYR n 
1 73  LEU n 
1 74  TYR n 
1 75  ASN n 
1 76  GLY n 
1 77  SER n 
1 78  TYR n 
1 79  GLN n 
1 80  ASP n 
1 81  ILE n 
1 82  THR n 
1 83  THR n 
1 84  ALA n 
1 85  GLY n 
1 86  ASN n 
1 87  ALA n 
1 88  PHE n 
1 89  VAL n 
1 90  GLY n 
1 91  GLN n 
1 92  ALA n 
1 93  VAL n 
1 94  GLN n 
1 95  ARG n 
1 96  SER n 
1 97  GLY n 
1 98  SER n 
1 99  THR n 
1 100 THR n 
1 101 GLY n 
1 102 LEU n 
1 103 ARG n 
1 104 SER n 
1 105 GLY n 
1 106 SER n 
1 107 VAL n 
1 108 THR n 
1 109 GLY n 
1 110 LEU n 
1 111 ASN n 
1 112 ALA n 
1 113 THR n 
1 114 VAL n 
1 115 ASN n 
1 116 TYR n 
1 117 GLY n 
1 118 SER n 
1 119 SER n 
1 120 GLY n 
1 121 ILE n 
1 122 VAL n 
1 123 TYR n 
1 124 GLY n 
1 125 MET n 
1 126 ILE n 
1 127 GLN n 
1 128 THR n 
1 129 ASN n 
1 130 VAL n 
1 131 CYS n 
1 132 ALA n 
1 133 GLN n 
1 134 PRO n 
1 135 GLY n 
1 136 ASP n 
1 137 SER n 
1 138 GLY n 
1 139 GLY n 
1 140 SER n 
1 141 LEU n 
1 142 PHE n 
1 143 ALA n 
1 144 GLY n 
1 145 SER n 
1 146 THR n 
1 147 ALA n 
1 148 LEU n 
1 149 GLY n 
1 150 LEU n 
1 151 THR n 
1 152 SER n 
1 153 GLY n 
1 154 GLY n 
1 155 SER n 
1 156 GLY n 
1 157 ASN n 
1 158 CYS n 
1 159 ARG n 
1 160 THR n 
1 161 GLY n 
1 162 GLY n 
1 163 THR n 
1 164 THR n 
1 165 PHE n 
1 166 TYR n 
1 167 GLN n 
1 168 PRO n 
1 169 VAL n 
1 170 THR n 
1 171 GLU n 
1 172 ALA n 
1 173 LEU n 
1 174 SER n 
1 175 ALA n 
1 176 TYR n 
1 177 GLY n 
1 178 ALA n 
1 179 THR n 
1 180 VAL n 
1 181 LEU n 
2 1   ACE n 
2 2   PRO n 
2 3   ALA n 
2 4   PRO n 
2 5   TYR n 
# 
_entity_src_gen.entity_id                          1 
_entity_src_gen.pdbx_src_id                        1 
_entity_src_gen.pdbx_alt_source_flag               sample 
_entity_src_gen.pdbx_seq_type                      ? 
_entity_src_gen.pdbx_beg_seq_num                   ? 
_entity_src_gen.pdbx_end_seq_num                   ? 
_entity_src_gen.gene_src_common_name               ? 
_entity_src_gen.gene_src_genus                     Streptomyces 
_entity_src_gen.pdbx_gene_src_gene                 ? 
_entity_src_gen.gene_src_species                   ? 
_entity_src_gen.gene_src_strain                    ? 
_entity_src_gen.gene_src_tissue                    ? 
_entity_src_gen.gene_src_tissue_fraction           ? 
_entity_src_gen.gene_src_details                   ? 
_entity_src_gen.pdbx_gene_src_fragment             ? 
_entity_src_gen.pdbx_gene_src_scientific_name      'Streptomyces griseus' 
_entity_src_gen.pdbx_gene_src_ncbi_taxonomy_id     1911 
_entity_src_gen.pdbx_gene_src_variant              ? 
_entity_src_gen.pdbx_gene_src_cell_line            ? 
_entity_src_gen.pdbx_gene_src_atcc                 ? 
_entity_src_gen.pdbx_gene_src_organ                ? 
_entity_src_gen.pdbx_gene_src_organelle            ? 
_entity_src_gen.pdbx_gene_src_cell                 ? 
_entity_src_gen.pdbx_gene_src_cellular_location    ? 
_entity_src_gen.host_org_common_name               ? 
_entity_src_gen.pdbx_host_org_scientific_name      ? 
_entity_src_gen.pdbx_host_org_ncbi_taxonomy_id     ? 
_entity_src_gen.host_org_genus                     ? 
_entity_src_gen.pdbx_host_org_gene                 ? 
_entity_src_gen.pdbx_host_org_organ                ? 
_entity_src_gen.host_org_species                   ? 
_entity_src_gen.pdbx_host_org_tissue               ? 
_entity_src_gen.pdbx_host_org_tissue_fraction      ? 
_entity_src_gen.pdbx_host_org_strain               ? 
_entity_src_gen.pdbx_host_org_variant              ? 
_entity_src_gen.pdbx_host_org_cell_line            ? 
_entity_src_gen.pdbx_host_org_atcc                 ? 
_entity_src_gen.pdbx_host_org_culture_collection   ? 
_entity_src_gen.pdbx_host_org_cell                 ? 
_entity_src_gen.pdbx_host_org_organelle            ? 
_entity_src_gen.pdbx_host_org_cellular_location    ? 
_entity_src_gen.pdbx_host_org_vector_type          ? 
_entity_src_gen.pdbx_host_org_vector               ? 
_entity_src_gen.host_org_details                   ? 
_entity_src_gen.expression_system_id               ? 
_entity_src_gen.plasmid_name                       ? 
_entity_src_gen.plasmid_details                    ? 
_entity_src_gen.pdbx_description                   ? 
# 
loop_
_chem_comp.id 
_chem_comp.type 
_chem_comp.mon_nstd_flag 
_chem_comp.name 
_chem_comp.pdbx_synonyms 
_chem_comp.formula 
_chem_comp.formula_weight 
ACE non-polymer         . 'ACETYL GROUP'  ? 'C2 H4 O'        44.053  
ALA 'L-peptide linking' y ALANINE         ? 'C3 H7 N O2'     89.093  
ARG 'L-peptide linking' y ARGININE        ? 'C6 H15 N4 O2 1' 175.209 
ASN 'L-peptide linking' y ASPARAGINE      ? 'C4 H8 N2 O3'    132.118 
ASP 'L-peptide linking' y 'ASPARTIC ACID' ? 'C4 H7 N O4'     133.103 
CYS 'L-peptide linking' y CYSTEINE        ? 'C3 H7 N O2 S'   121.158 
GLN 'L-peptide linking' y GLUTAMINE       ? 'C5 H10 N2 O3'   146.144 
GLU 'L-peptide linking' y 'GLUTAMIC ACID' ? 'C5 H9 N O4'     147.129 
GLY 'peptide linking'   y GLYCINE         ? 'C2 H5 N O2'     75.067  
HIS 'L-peptide linking' y HISTIDINE       ? 'C6 H10 N3 O2 1' 156.162 
HOH non-polymer         . WATER           ? 'H2 O'           18.015  
ILE 'L-peptide linking' y ISOLEUCINE      ? 'C6 H13 N O2'    131.173 
LEU 'L-peptide linking' y LEUCINE         ? 'C6 H13 N O2'    131.173 
MET 'L-peptide linking' y METHIONINE      ? 'C5 H11 N O2 S'  149.211 
PHE 'L-peptide linking' y PHENYLALANINE   ? 'C9 H11 N O2'    165.189 
PRO 'L-peptide linking' y PROLINE         ? 'C5 H9 N O2'     115.130 
SER 'L-peptide linking' y SERINE          ? 'C3 H7 N O3'     105.093 
THR 'L-peptide linking' y THREONINE       ? 'C4 H9 N O3'     119.119 
TRP 'L-peptide linking' y TRYPTOPHAN      ? 'C11 H12 N2 O2'  204.225 
TYR 'L-peptide linking' y TYROSINE        ? 'C9 H11 N O3'    181.189 
VAL 'L-peptide linking' y VALINE          ? 'C5 H11 N O2'    117.146 
# 
loop_
_pdbx_poly_seq_scheme.asym_id 
_pdbx_poly_seq_scheme.entity_id 
_pdbx_poly_seq_scheme.seq_id 
_pdbx_poly_seq_scheme.mon_id 
_pdbx_poly_seq_scheme.ndb_seq_num 
_pdbx_poly_seq_scheme.pdb_seq_num 
_pdbx_poly_seq_scheme.auth_seq_num 
_pdbx_poly_seq_scheme.pdb_mon_id 
_pdbx_poly_seq_scheme.auth_mon_id 
_pdbx_poly_seq_scheme.pdb_strand_id 
_pdbx_poly_seq_scheme.pdb_ins_code 
_pdbx_poly_seq_scheme.hetero 
A 1 1   ILE 1   16  16  ILE ILE E . n 
A 1 2   ALA 2   17  17  ALA ALA E . n 
A 1 3   GLY 3   18  18  GLY GLY E . n 
A 1 4   GLY 4   19  19  GLY GLY E . n 
A 1 5   GLU 5   29  29  GLU GLU E . n 
A 1 6   ALA 6   30  30  ALA ALA E . n 
A 1 7   ILE 7   31  31  ILE ILE E . n 
A 1 8   THR 8   32  32  THR THR E . n 
A 1 9   THR 9   33  33  THR THR E . n 
A 1 10  GLY 10  34  34  GLY GLY E . n 
A 1 11  GLY 11  39  39  GLY GLY E . n 
A 1 12  SER 12  40  40  SER SER E . n 
A 1 13  ARG 13  41  41  ARG ARG E . n 
A 1 14  CYS 14  42  42  CYS CYS E . n 
A 1 15  SER 15  43  43  SER SER E . n 
A 1 16  LEU 16  44  44  LEU LEU E . n 
A 1 17  GLY 17  45  45  GLY GLY E . n 
A 1 18  PHE 18  46  46  PHE PHE E . n 
A 1 19  ASN 19  47  47  ASN ASN E . n 
A 1 20  VAL 20  48  48  VAL VAL E . n 
A 1 21  SER 21  48  48  SER SER E A n 
A 1 22  VAL 22  48  48  VAL VAL E B n 
A 1 23  ASN 23  48  48  ASN ASN E C n 
A 1 24  GLY 24  48  48  GLY GLY E D n 
A 1 25  VAL 25  49  49  VAL VAL E . n 
A 1 26  ALA 26  50  50  ALA ALA E . n 
A 1 27  HIS 27  51  51  HIS HIS E . n 
A 1 28  ALA 28  52  52  ALA ALA E . n 
A 1 29  LEU 29  53  53  LEU LEU E . n 
A 1 30  THR 30  54  54  THR THR E . n 
A 1 31  ALA 31  55  55  ALA ALA E . n 
A 1 32  GLY 32  56  56  GLY GLY E . n 
A 1 33  HIS 33  57  57  HIS HIS E . n 
A 1 34  CYS 34  58  58  CYS CYS E . n 
A 1 35  THR 35  59  59  THR THR E . n 
A 1 36  ASN 36  62  62  ASN ASN E . n 
A 1 37  ILE 37  63  63  ILE ILE E . n 
A 1 38  SER 38  64  64  SER SER E . n 
A 1 39  ALA 39  65  65  ALA ALA E . n 
A 1 40  SER 40  65  65  SER SER E A n 
A 1 41  TRP 41  66  66  TRP TRP E . n 
A 1 42  SER 42  84  84  SER SER E . n 
A 1 43  ILE 43  85  85  ILE ILE E . n 
A 1 44  GLY 44  86  86  GLY GLY E . n 
A 1 45  THR 45  87  87  THR THR E . n 
A 1 46  ARG 46  88  88  ARG ARG E . n 
A 1 47  THR 47  89  89  THR THR E . n 
A 1 48  GLY 48  90  90  GLY GLY E . n 
A 1 49  THR 49  91  91  THR THR E . n 
A 1 50  SER 50  93  93  SER SER E . n 
A 1 51  PHE 51  94  94  PHE PHE E . n 
A 1 52  PRO 52  99  99  PRO PRO E A n 
A 1 53  ASN 53  100 100 ASN ASN E . n 
A 1 54  ASN 54  101 101 ASN ASN E . n 
A 1 55  ASP 55  102 102 ASP ASP E . n 
A 1 56  TYR 56  103 103 TYR TYR E . n 
A 1 57  GLY 57  104 104 GLY GLY E . n 
A 1 58  ILE 58  105 105 ILE ILE E . n 
A 1 59  ILE 59  106 106 ILE ILE E . n 
A 1 60  ARG 60  107 107 ARG ARG E . n 
A 1 61  HIS 61  108 108 HIS HIS E . n 
A 1 62  SER 62  109 109 SER SER E . n 
A 1 63  ASN 63  110 110 ASN ASN E . n 
A 1 64  PRO 64  111 111 PRO PRO E . n 
A 1 65  ALA 65  112 112 ALA ALA E . n 
A 1 66  ALA 66  113 113 ALA ALA E . n 
A 1 67  ALA 67  114 114 ALA ALA E . n 
A 1 68  ASP 68  115 115 ASP ASP E . n 
A 1 69  GLY 69  116 116 GLY GLY E . n 
A 1 70  ARG 70  117 117 ARG ARG E . n 
A 1 71  VAL 71  118 118 VAL VAL E . n 
A 1 72  TYR 72  119 119 TYR TYR E . n 
A 1 73  LEU 73  120 120 LEU LEU E . n 
A 1 74  TYR 74  120 120 TYR TYR E A n 
A 1 75  ASN 75  120 120 ASN ASN E B n 
A 1 76  GLY 76  120 120 GLY GLY E C n 
A 1 77  SER 77  120 120 SER SER E D n 
A 1 78  TYR 78  121 121 TYR TYR E . n 
A 1 79  GLN 79  122 122 GLN GLN E . n 
A 1 80  ASP 80  123 123 ASP ASP E . n 
A 1 81  ILE 81  124 124 ILE ILE E . n 
A 1 82  THR 82  125 125 THR THR E . n 
A 1 83  THR 83  126 126 THR THR E . n 
A 1 84  ALA 84  127 127 ALA ALA E . n 
A 1 85  GLY 85  128 128 GLY GLY E . n 
A 1 86  ASN 86  129 129 ASN ASN E . n 
A 1 87  ALA 87  130 130 ALA ALA E . n 
A 1 88  PHE 88  131 131 PHE PHE E . n 
A 1 89  VAL 89  132 132 VAL VAL E . n 
A 1 90  GLY 90  133 133 GLY GLY E . n 
A 1 91  GLN 91  134 134 GLN GLN E . n 
A 1 92  ALA 92  135 135 ALA ALA E . n 
A 1 93  VAL 93  136 136 VAL VAL E . n 
A 1 94  GLN 94  137 137 GLN GLN E . n 
A 1 95  ARG 95  138 138 ARG ARG E . n 
A 1 96  SER 96  139 139 SER SER E . n 
A 1 97  GLY 97  140 140 GLY GLY E . n 
A 1 98  SER 98  141 141 SER SER E . n 
A 1 99  THR 99  142 142 THR THR E . n 
A 1 100 THR 100 143 143 THR THR E . n 
A 1 101 GLY 101 156 156 GLY GLY E . n 
A 1 102 LEU 102 157 157 LEU LEU E . n 
A 1 103 ARG 103 158 158 ARG ARG E . n 
A 1 104 SER 104 159 159 SER SER E . n 
A 1 105 GLY 105 160 160 GLY GLY E . n 
A 1 106 SER 106 161 161 SER SER E . n 
A 1 107 VAL 107 162 162 VAL VAL E . n 
A 1 108 THR 108 163 163 THR THR E . n 
A 1 109 GLY 109 164 164 GLY GLY E . n 
A 1 110 LEU 110 165 165 LEU LEU E . n 
A 1 111 ASN 111 166 166 ASN ASN E . n 
A 1 112 ALA 112 167 167 ALA ALA E . n 
A 1 113 THR 113 168 168 THR THR E . n 
A 1 114 VAL 114 169 169 VAL VAL E . n 
A 1 115 ASN 115 170 170 ASN ASN E . n 
A 1 116 TYR 116 171 171 TYR TYR E . n 
A 1 117 GLY 117 172 172 GLY GLY E . n 
A 1 118 SER 118 173 173 SER SER E . n 
A 1 119 SER 119 174 174 SER SER E . n 
A 1 120 GLY 120 175 175 GLY GLY E . n 
A 1 121 ILE 121 176 176 ILE ILE E . n 
A 1 122 VAL 122 177 177 VAL VAL E . n 
A 1 123 TYR 123 178 178 TYR TYR E . n 
A 1 124 GLY 124 179 179 GLY GLY E . n 
A 1 125 MET 125 180 180 MET MET E . n 
A 1 126 ILE 126 181 181 ILE ILE E . n 
A 1 127 GLN 127 182 182 GLN GLN E . n 
A 1 128 THR 128 183 183 THR THR E . n 
A 1 129 ASN 129 184 184 ASN ASN E . n 
A 1 130 VAL 130 190 190 VAL VAL E . n 
A 1 131 CYS 131 191 191 CYS CYS E . n 
A 1 132 ALA 132 192 192 ALA ALA E . n 
A 1 133 GLN 133 192 192 GLN GLN E A n 
A 1 134 PRO 134 192 192 PRO PRO E B n 
A 1 135 GLY 135 193 193 GLY GLY E . n 
A 1 136 ASP 136 194 194 ASP ASP E . n 
A 1 137 SER 137 195 195 SER SER E . n 
A 1 138 GLY 138 196 196 GLY GLY E . n 
A 1 139 GLY 139 197 197 GLY GLY E . n 
A 1 140 SER 140 198 198 SER SER E . n 
A 1 141 LEU 141 199 199 LEU LEU E . n 
A 1 142 PHE 142 200 200 PHE PHE E . n 
A 1 143 ALA 143 201 201 ALA ALA E . n 
A 1 144 GLY 144 202 202 GLY GLY E . n 
A 1 145 SER 145 207 207 SER SER E . n 
A 1 146 THR 146 208 208 THR THR E . n 
A 1 147 ALA 147 209 209 ALA ALA E . n 
A 1 148 LEU 148 210 210 LEU LEU E . n 
A 1 149 GLY 149 211 211 GLY GLY E . n 
A 1 150 LEU 150 212 212 LEU LEU E . n 
A 1 151 THR 151 213 213 THR THR E . n 
A 1 152 SER 152 214 214 SER SER E . n 
A 1 153 GLY 153 215 215 GLY GLY E . n 
A 1 154 GLY 154 216 216 GLY GLY E . n 
A 1 155 SER 155 217 217 SER SER E . n 
A 1 156 GLY 156 218 218 GLY GLY E . n 
A 1 157 ASN 157 219 219 ASN ASN E . n 
A 1 158 CYS 158 220 220 CYS CYS E . n 
A 1 159 ARG 159 221 221 ARG ARG E . n 
A 1 160 THR 160 222 222 THR THR E . n 
A 1 161 GLY 161 223 223 GLY GLY E . n 
A 1 162 GLY 162 224 224 GLY GLY E . n 
A 1 163 THR 163 225 225 THR THR E . n 
A 1 164 THR 164 226 226 THR THR E . n 
A 1 165 PHE 165 227 227 PHE PHE E . n 
A 1 166 TYR 166 228 228 TYR TYR E . n 
A 1 167 GLN 167 229 229 GLN GLN E . n 
A 1 168 PRO 168 230 230 PRO PRO E . n 
A 1 169 VAL 169 231 231 VAL VAL E . n 
A 1 170 THR 170 232 232 THR THR E . n 
A 1 171 GLU 171 233 233 GLU GLU E . n 
A 1 172 ALA 172 234 234 ALA ALA E . n 
A 1 173 LEU 173 235 235 LEU LEU E . n 
A 1 174 SER 174 235 235 SER SER E A n 
A 1 175 ALA 175 236 236 ALA ALA E . n 
A 1 176 TYR 176 237 237 TYR TYR E . n 
A 1 177 GLY 177 238 238 GLY GLY E . n 
A 1 178 ALA 178 239 239 ALA ALA E . n 
A 1 179 THR 179 240 240 THR THR E . n 
A 1 180 VAL 180 241 241 VAL VAL E . n 
A 1 181 LEU 181 242 242 LEU LEU E . n 
B 2 1   ACE 1   5   5   ACE ACE P . n 
B 2 2   PRO 2   4   4   PRO PRO P . n 
B 2 3   ALA 3   3   3   ALA ALA P . n 
B 2 4   PRO 4   2   2   PRO PRO P . n 
B 2 5   TYR 5   1   1   TYR TYR P . n 
# 
loop_
_pdbx_nonpoly_scheme.asym_id 
_pdbx_nonpoly_scheme.entity_id 
_pdbx_nonpoly_scheme.mon_id 
_pdbx_nonpoly_scheme.ndb_seq_num 
_pdbx_nonpoly_scheme.pdb_seq_num 
_pdbx_nonpoly_scheme.auth_seq_num 
_pdbx_nonpoly_scheme.pdb_mon_id 
_pdbx_nonpoly_scheme.auth_mon_id 
_pdbx_nonpoly_scheme.pdb_strand_id 
_pdbx_nonpoly_scheme.pdb_ins_code 
C 3 HOH 1   243 186 HOH HOH E . 
C 3 HOH 2   244 187 HOH HOH E . 
C 3 HOH 3   245 188 HOH HOH E . 
C 3 HOH 4   246 189 HOH HOH E . 
C 3 HOH 5   247 190 HOH HOH E . 
C 3 HOH 6   248 191 HOH HOH E . 
C 3 HOH 7   249 192 HOH HOH E . 
C 3 HOH 8   250 193 HOH HOH E . 
C 3 HOH 9   251 194 HOH HOH E . 
C 3 HOH 10  252 195 HOH HOH E . 
C 3 HOH 11  253 196 HOH HOH E . 
C 3 HOH 12  254 198 HOH HOH E . 
C 3 HOH 13  255 199 HOH HOH E . 
C 3 HOH 14  256 200 HOH HOH E . 
C 3 HOH 15  257 201 HOH HOH E . 
C 3 HOH 16  258 202 HOH HOH E . 
C 3 HOH 17  259 203 HOH HOH E . 
C 3 HOH 18  260 204 HOH HOH E . 
C 3 HOH 19  261 205 HOH HOH E . 
C 3 HOH 20  262 206 HOH HOH E . 
C 3 HOH 21  263 207 HOH HOH E . 
C 3 HOH 22  264 208 HOH HOH E . 
C 3 HOH 23  265 209 HOH HOH E . 
C 3 HOH 24  266 210 HOH HOH E . 
C 3 HOH 25  267 211 HOH HOH E . 
C 3 HOH 26  268 212 HOH HOH E . 
C 3 HOH 27  269 213 HOH HOH E . 
C 3 HOH 28  270 214 HOH HOH E . 
C 3 HOH 29  271 215 HOH HOH E . 
C 3 HOH 30  272 216 HOH HOH E . 
C 3 HOH 31  273 217 HOH HOH E . 
C 3 HOH 32  274 218 HOH HOH E . 
C 3 HOH 33  275 219 HOH HOH E . 
C 3 HOH 34  276 220 HOH HOH E . 
C 3 HOH 35  277 221 HOH HOH E . 
C 3 HOH 36  278 222 HOH HOH E . 
C 3 HOH 37  279 223 HOH HOH E . 
C 3 HOH 38  280 224 HOH HOH E . 
C 3 HOH 39  281 225 HOH HOH E . 
C 3 HOH 40  282 226 HOH HOH E . 
C 3 HOH 41  283 227 HOH HOH E . 
C 3 HOH 42  284 228 HOH HOH E . 
C 3 HOH 43  285 229 HOH HOH E . 
C 3 HOH 44  286 230 HOH HOH E . 
C 3 HOH 45  287 231 HOH HOH E . 
C 3 HOH 46  288 232 HOH HOH E . 
C 3 HOH 47  289 233 HOH HOH E . 
C 3 HOH 48  290 234 HOH HOH E . 
C 3 HOH 49  291 235 HOH HOH E . 
C 3 HOH 50  292 236 HOH HOH E . 
C 3 HOH 51  293 237 HOH HOH E . 
C 3 HOH 52  294 238 HOH HOH E . 
C 3 HOH 53  295 239 HOH HOH E . 
C 3 HOH 54  296 240 HOH HOH E . 
C 3 HOH 55  297 241 HOH HOH E . 
C 3 HOH 56  298 242 HOH HOH E . 
C 3 HOH 57  299 244 HOH HOH E . 
C 3 HOH 58  300 245 HOH HOH E . 
C 3 HOH 59  301 246 HOH HOH E . 
C 3 HOH 60  302 247 HOH HOH E . 
C 3 HOH 61  303 249 HOH HOH E . 
C 3 HOH 62  304 250 HOH HOH E . 
C 3 HOH 63  305 251 HOH HOH E . 
C 3 HOH 64  306 252 HOH HOH E . 
C 3 HOH 65  307 253 HOH HOH E . 
C 3 HOH 66  308 254 HOH HOH E . 
C 3 HOH 67  309 255 HOH HOH E . 
C 3 HOH 68  310 256 HOH HOH E . 
C 3 HOH 69  311 257 HOH HOH E . 
C 3 HOH 70  312 258 HOH HOH E . 
C 3 HOH 71  313 259 HOH HOH E . 
C 3 HOH 72  314 260 HOH HOH E . 
C 3 HOH 73  315 261 HOH HOH E . 
C 3 HOH 74  316 262 HOH HOH E . 
C 3 HOH 75  317 263 HOH HOH E . 
C 3 HOH 76  318 264 HOH HOH E . 
C 3 HOH 77  319 266 HOH HOH E . 
C 3 HOH 78  320 268 HOH HOH E . 
C 3 HOH 79  321 269 HOH HOH E . 
C 3 HOH 80  322 270 HOH HOH E . 
C 3 HOH 81  323 271 HOH HOH E . 
C 3 HOH 82  324 272 HOH HOH E . 
C 3 HOH 83  325 273 HOH HOH E . 
C 3 HOH 84  326 274 HOH HOH E . 
C 3 HOH 85  327 275 HOH HOH E . 
C 3 HOH 86  328 276 HOH HOH E . 
C 3 HOH 87  329 277 HOH HOH E . 
C 3 HOH 88  330 278 HOH HOH E . 
C 3 HOH 89  331 279 HOH HOH E . 
C 3 HOH 90  332 280 HOH HOH E . 
C 3 HOH 91  333 281 HOH HOH E . 
C 3 HOH 92  334 282 HOH HOH E . 
C 3 HOH 93  335 283 HOH HOH E . 
C 3 HOH 94  336 284 HOH HOH E . 
C 3 HOH 95  337 285 HOH HOH E . 
C 3 HOH 96  338 286 HOH HOH E . 
C 3 HOH 97  339 287 HOH HOH E . 
C 3 HOH 98  340 288 HOH HOH E . 
C 3 HOH 99  341 289 HOH HOH E . 
C 3 HOH 100 342 290 HOH HOH E . 
C 3 HOH 101 343 291 HOH HOH E . 
C 3 HOH 102 344 292 HOH HOH E . 
C 3 HOH 103 345 293 HOH HOH E . 
C 3 HOH 104 346 294 HOH HOH E . 
C 3 HOH 105 347 295 HOH HOH E . 
C 3 HOH 106 348 296 HOH HOH E . 
C 3 HOH 107 349 297 HOH HOH E . 
C 3 HOH 108 350 298 HOH HOH E . 
C 3 HOH 109 351 300 HOH HOH E . 
C 3 HOH 110 352 301 HOH HOH E . 
C 3 HOH 111 353 303 HOH HOH E . 
C 3 HOH 112 354 304 HOH HOH E . 
C 3 HOH 113 355 305 HOH HOH E . 
C 3 HOH 114 356 306 HOH HOH E . 
C 3 HOH 115 357 307 HOH HOH E . 
C 3 HOH 116 358 308 HOH HOH E . 
C 3 HOH 117 359 310 HOH HOH E . 
C 3 HOH 118 360 311 HOH HOH E . 
C 3 HOH 119 361 312 HOH HOH E . 
C 3 HOH 120 362 313 HOH HOH E . 
C 3 HOH 121 363 314 HOH HOH E . 
C 3 HOH 122 364 315 HOH HOH E . 
C 3 HOH 123 365 316 HOH HOH E . 
C 3 HOH 124 366 317 HOH HOH E . 
C 3 HOH 125 367 318 HOH HOH E . 
C 3 HOH 126 368 320 HOH HOH E . 
C 3 HOH 127 369 321 HOH HOH E . 
C 3 HOH 128 370 323 HOH HOH E . 
C 3 HOH 129 371 324 HOH HOH E . 
C 3 HOH 130 372 325 HOH HOH E . 
C 3 HOH 131 373 326 HOH HOH E . 
C 3 HOH 132 374 327 HOH HOH E . 
C 3 HOH 133 375 328 HOH HOH E . 
C 3 HOH 134 376 329 HOH HOH E . 
C 3 HOH 135 377 330 HOH HOH E . 
C 3 HOH 136 378 332 HOH HOH E . 
C 3 HOH 137 379 333 HOH HOH E . 
C 3 HOH 138 380 335 HOH HOH E . 
C 3 HOH 139 381 336 HOH HOH E . 
C 3 HOH 140 382 337 HOH HOH E . 
C 3 HOH 141 383 338 HOH HOH E . 
C 3 HOH 142 384 339 HOH HOH E . 
C 3 HOH 143 385 340 HOH HOH E . 
C 3 HOH 144 386 341 HOH HOH E . 
C 3 HOH 145 387 342 HOH HOH E . 
C 3 HOH 146 388 343 HOH HOH E . 
C 3 HOH 147 389 344 HOH HOH E . 
C 3 HOH 148 390 345 HOH HOH E . 
C 3 HOH 149 391 346 HOH HOH E . 
C 3 HOH 150 392 347 HOH HOH E . 
C 3 HOH 151 393 348 HOH HOH E . 
C 3 HOH 152 394 349 HOH HOH E . 
C 3 HOH 153 395 351 HOH HOH E . 
C 3 HOH 154 396 352 HOH HOH E . 
C 3 HOH 155 397 353 HOH HOH E . 
C 3 HOH 156 398 354 HOH HOH E . 
C 3 HOH 157 399 355 HOH HOH E . 
C 3 HOH 158 400 358 HOH HOH E . 
C 3 HOH 159 401 359 HOH HOH E . 
C 3 HOH 160 402 360 HOH HOH E . 
C 3 HOH 161 403 361 HOH HOH E . 
C 3 HOH 162 404 362 HOH HOH E . 
C 3 HOH 163 405 363 HOH HOH E . 
C 3 HOH 164 406 364 HOH HOH E . 
C 3 HOH 165 407 365 HOH HOH E . 
C 3 HOH 166 408 366 HOH HOH E . 
C 3 HOH 167 409 367 HOH HOH E . 
C 3 HOH 168 410 368 HOH HOH E . 
C 3 HOH 169 411 370 HOH HOH E . 
C 3 HOH 170 412 372 HOH HOH E . 
C 3 HOH 171 413 373 HOH HOH E . 
C 3 HOH 172 414 374 HOH HOH E . 
C 3 HOH 173 415 377 HOH HOH E . 
C 3 HOH 174 416 378 HOH HOH E . 
C 3 HOH 175 417 379 HOH HOH E . 
C 3 HOH 176 418 380 HOH HOH E . 
C 3 HOH 177 419 381 HOH HOH E . 
C 3 HOH 178 420 382 HOH HOH E . 
C 3 HOH 179 421 383 HOH HOH E . 
C 3 HOH 180 422 384 HOH HOH E . 
C 3 HOH 181 423 385 HOH HOH E . 
C 3 HOH 182 424 389 HOH HOH E . 
D 3 HOH 1   356 356 HOH HOH P . 
D 3 HOH 2   357 357 HOH HOH P . 
D 3 HOH 3   387 387 HOH HOH P . 
# 
loop_
_pdbx_unobs_or_zero_occ_atoms.id 
_pdbx_unobs_or_zero_occ_atoms.PDB_model_num 
_pdbx_unobs_or_zero_occ_atoms.polymer_flag 
_pdbx_unobs_or_zero_occ_atoms.occupancy_flag 
_pdbx_unobs_or_zero_occ_atoms.auth_asym_id 
_pdbx_unobs_or_zero_occ_atoms.auth_comp_id 
_pdbx_unobs_or_zero_occ_atoms.auth_seq_id 
_pdbx_unobs_or_zero_occ_atoms.PDB_ins_code 
_pdbx_unobs_or_zero_occ_atoms.auth_atom_id 
_pdbx_unobs_or_zero_occ_atoms.label_alt_id 
_pdbx_unobs_or_zero_occ_atoms.label_asym_id 
_pdbx_unobs_or_zero_occ_atoms.label_comp_id 
_pdbx_unobs_or_zero_occ_atoms.label_seq_id 
_pdbx_unobs_or_zero_occ_atoms.label_atom_id 
1 1 Y 1 E ARG 221 ? CG  ? A ARG 159 CG  
2 1 Y 1 E ARG 221 ? CD  ? A ARG 159 CD  
3 1 Y 1 E ARG 221 ? NE  ? A ARG 159 NE  
4 1 Y 1 E ARG 221 ? CZ  ? A ARG 159 CZ  
5 1 Y 1 E ARG 221 ? NH1 ? A ARG 159 NH1 
6 1 Y 1 E ARG 221 ? NH2 ? A ARG 159 NH2 
# 
_software.name             PROLSQ 
_software.classification   refinement 
_software.version          . 
_software.citation_id      ? 
_software.pdbx_ordinal     1 
# 
_cell.entry_id           5SGA 
_cell.length_a           55.160 
_cell.length_b           55.160 
_cell.length_c           54.780 
_cell.angle_alpha        90.00 
_cell.angle_beta         90.00 
_cell.angle_gamma        90.00 
_cell.Z_PDB              4 
_cell.pdbx_unique_axis   ? 
_cell.length_a_esd       ? 
_cell.length_b_esd       ? 
_cell.length_c_esd       ? 
_cell.angle_alpha_esd    ? 
_cell.angle_beta_esd     ? 
_cell.angle_gamma_esd    ? 
# 
_symmetry.entry_id                         5SGA 
_symmetry.space_group_name_H-M             'P 42' 
_symmetry.pdbx_full_space_group_name_H-M   ? 
_symmetry.cell_setting                     ? 
_symmetry.Int_Tables_number                77 
_symmetry.space_group_name_Hall            ? 
# 
_exptl.entry_id          5SGA 
_exptl.method            'X-RAY DIFFRACTION' 
_exptl.crystals_number   ? 
# 
_exptl_crystal.id                    1 
_exptl_crystal.density_meas          ? 
_exptl_crystal.density_Matthews      2.25 
_exptl_crystal.density_percent_sol   45.41 
_exptl_crystal.description           ? 
_exptl_crystal.F_000                 ? 
_exptl_crystal.preparation           ? 
# 
_diffrn.id                     1 
_diffrn.ambient_temp           ? 
_diffrn.ambient_temp_details   ? 
_diffrn.crystal_id             1 
# 
_diffrn_radiation.diffrn_id                        1 
_diffrn_radiation.wavelength_id                    1 
_diffrn_radiation.monochromator                    ? 
_diffrn_radiation.pdbx_monochromatic_or_laue_m_l   ? 
_diffrn_radiation.pdbx_diffrn_protocol             ? 
_diffrn_radiation.pdbx_scattering_type             x-ray 
# 
_diffrn_radiation_wavelength.id           1 
_diffrn_radiation_wavelength.wavelength   . 
_diffrn_radiation_wavelength.wt           1.0 
# 
_refine.entry_id                                 5SGA 
_refine.ls_number_reflns_obs                     ? 
_refine.ls_number_reflns_all                     ? 
_refine.pdbx_ls_sigma_I                          ? 
_refine.pdbx_ls_sigma_F                          ? 
_refine.pdbx_data_cutoff_high_absF               ? 
_refine.pdbx_data_cutoff_low_absF                ? 
_refine.pdbx_data_cutoff_high_rms_absF           ? 
_refine.ls_d_res_low                             10.0 
_refine.ls_d_res_high                            1.8 
_refine.ls_percent_reflns_obs                    ? 
_refine.ls_R_factor_obs                          0.116 
_refine.ls_R_factor_all                          ? 
_refine.ls_R_factor_R_work                       ? 
_refine.ls_R_factor_R_free                       ? 
_refine.ls_R_factor_R_free_error                 ? 
_refine.ls_R_factor_R_free_error_details         ? 
_refine.ls_percent_reflns_R_free                 ? 
_refine.ls_number_reflns_R_free                  ? 
_refine.ls_number_parameters                     ? 
_refine.ls_number_restraints                     ? 
_refine.occupancy_min                            ? 
_refine.occupancy_max                            ? 
_refine.B_iso_mean                               ? 
_refine.aniso_B[1][1]                            ? 
_refine.aniso_B[2][2]                            ? 
_refine.aniso_B[3][3]                            ? 
_refine.aniso_B[1][2]                            ? 
_refine.aniso_B[1][3]                            ? 
_refine.aniso_B[2][3]                            ? 
_refine.solvent_model_details                    ? 
_refine.solvent_model_param_ksol                 ? 
_refine.solvent_model_param_bsol                 ? 
_refine.pdbx_ls_cross_valid_method               ? 
_refine.details                                  ? 
_refine.pdbx_starting_model                      ? 
_refine.pdbx_method_to_determine_struct          ? 
_refine.pdbx_isotropic_thermal_model             ? 
_refine.pdbx_stereochemistry_target_values       ? 
_refine.pdbx_stereochem_target_val_spec_case     ? 
_refine.pdbx_R_Free_selection_details            ? 
_refine.pdbx_overall_ESU_R_Free                  ? 
_refine.overall_SU_ML                            ? 
_refine.overall_SU_B                             ? 
_refine.pdbx_refine_id                           'X-RAY DIFFRACTION' 
_refine.ls_redundancy_reflns_obs                 ? 
_refine.pdbx_overall_phase_error                 ? 
_refine.B_iso_min                                ? 
_refine.B_iso_max                                ? 
_refine.correlation_coeff_Fo_to_Fc               ? 
_refine.correlation_coeff_Fo_to_Fc_free          ? 
_refine.pdbx_solvent_vdw_probe_radii             ? 
_refine.pdbx_solvent_ion_probe_radii             ? 
_refine.pdbx_solvent_shrinkage_radii             ? 
_refine.overall_SU_R_Cruickshank_DPI             ? 
_refine.overall_SU_R_free                        ? 
_refine.ls_wR_factor_R_free                      ? 
_refine.ls_wR_factor_R_work                      ? 
_refine.overall_FOM_free_R_set                   ? 
_refine.overall_FOM_work_R_set                   ? 
_refine.pdbx_overall_ESU_R                       ? 
_refine.pdbx_diffrn_id                           1 
_refine.pdbx_TLS_residual_ADP_flag               ? 
_refine.pdbx_overall_SU_R_free_Cruickshank_DPI   ? 
_refine.pdbx_overall_SU_R_Blow_DPI               ? 
_refine.pdbx_overall_SU_R_free_Blow_DPI          ? 
# 
_refine_hist.pdbx_refine_id                   'X-RAY DIFFRACTION' 
_refine_hist.cycle_id                         LAST 
_refine_hist.pdbx_number_atoms_protein        1294 
_refine_hist.pdbx_number_atoms_nucleic_acid   0 
_refine_hist.pdbx_number_atoms_ligand         0 
_refine_hist.number_atoms_solvent             185 
_refine_hist.number_atoms_total               1479 
_refine_hist.d_res_high                       1.8 
_refine_hist.d_res_low                        10.0 
# 
loop_
_refine_ls_restr.type 
_refine_ls_restr.dev_ideal 
_refine_ls_restr.dev_ideal_target 
_refine_ls_restr.weight 
_refine_ls_restr.number 
_refine_ls_restr.pdbx_refine_id 
_refine_ls_restr.pdbx_restraint_function 
p_bond_d            0.019 0.030 ? ? 'X-RAY DIFFRACTION' ? 
p_angle_d           0.036 0.046 ? ? 'X-RAY DIFFRACTION' ? 
p_angle_deg         ?     ?     ? ? 'X-RAY DIFFRACTION' ? 
p_planar_d          ?     ?     ? ? 'X-RAY DIFFRACTION' ? 
p_hb_or_metal_coord ?     ?     ? ? 'X-RAY DIFFRACTION' ? 
p_mcbond_it         ?     ?     ? ? 'X-RAY DIFFRACTION' ? 
p_mcangle_it        ?     ?     ? ? 'X-RAY DIFFRACTION' ? 
p_scbond_it         ?     ?     ? ? 'X-RAY DIFFRACTION' ? 
p_scangle_it        ?     ?     ? ? 'X-RAY DIFFRACTION' ? 
p_plane_restr       0.015 0.018 ? ? 'X-RAY DIFFRACTION' ? 
p_chiral_restr      0.148 0.180 ? ? 'X-RAY DIFFRACTION' ? 
p_singtor_nbd       0.207 0.400 ? ? 'X-RAY DIFFRACTION' ? 
p_multtor_nbd       ?     ?     ? ? 'X-RAY DIFFRACTION' ? 
p_xhyhbond_nbd      0.147 ?     ? ? 'X-RAY DIFFRACTION' ? 
p_xyhbond_nbd       ?     ?     ? ? 'X-RAY DIFFRACTION' ? 
p_planar_tor        2.9   6.0   ? ? 'X-RAY DIFFRACTION' ? 
p_staggered_tor     ?     ?     ? ? 'X-RAY DIFFRACTION' ? 
p_orthonormal_tor   ?     ?     ? ? 'X-RAY DIFFRACTION' ? 
p_transverse_tor    ?     ?     ? ? 'X-RAY DIFFRACTION' ? 
p_special_tor       ?     ?     ? ? 'X-RAY DIFFRACTION' ? 
# 
_struct.entry_id                  5SGA 
_struct.title                     
;Structures of product and inhibitor complexes of Streptomyces griseus protease a at 1.8 Angstroms resolution. a model for serine protease catalysis
;
_struct.pdbx_model_details        ? 
_struct.pdbx_CASP_flag            ? 
_struct.pdbx_model_type_details   ? 
# 
_struct_keywords.entry_id        5SGA 
_struct_keywords.pdbx_keywords   'HYDROLASE/HYDROLASE INHIBITOR' 
_struct_keywords.text            'SERINE PROTEINASE, HYDROLASE-HYDROLASE INHIBITOR complex' 
# 
loop_
_struct_asym.id 
_struct_asym.pdbx_blank_PDB_chainid_flag 
_struct_asym.pdbx_modified 
_struct_asym.entity_id 
_struct_asym.details 
A N N 1 ? 
B N N 2 ? 
C N N 3 ? 
D N N 3 ? 
# 
loop_
_struct_ref.id 
_struct_ref.db_name 
_struct_ref.db_code 
_struct_ref.pdbx_db_accession 
_struct_ref.entity_id 
_struct_ref.pdbx_align_begin 
_struct_ref.pdbx_seq_one_letter_code 
_struct_ref.pdbx_db_isoform 
1 UNP PRTA_STRGR P00776 1 117 ? ? 
2 PDB 5SGA       5SGA   2 ?   ? ? 
# 
loop_
_struct_ref_seq.align_id 
_struct_ref_seq.ref_id 
_struct_ref_seq.pdbx_PDB_id_code 
_struct_ref_seq.pdbx_strand_id 
_struct_ref_seq.seq_align_beg 
_struct_ref_seq.pdbx_seq_align_beg_ins_code 
_struct_ref_seq.seq_align_end 
_struct_ref_seq.pdbx_seq_align_end_ins_code 
_struct_ref_seq.pdbx_db_accession 
_struct_ref_seq.db_align_beg 
_struct_ref_seq.pdbx_db_align_beg_ins_code 
_struct_ref_seq.db_align_end 
_struct_ref_seq.pdbx_db_align_end_ins_code 
_struct_ref_seq.pdbx_auth_seq_align_beg 
_struct_ref_seq.pdbx_auth_seq_align_end 
1 1 5SGA E 1 ? 181 ? P00776 117 ? 297 ? 16 242 
2 2 5SGA P 1 ? 5   ? 5SGA   5   ? 1   ? 5  1   
# 
_struct_ref_seq_dif.align_id                     1 
_struct_ref_seq_dif.pdbx_pdb_id_code             5SGA 
_struct_ref_seq_dif.mon_id                       GLN 
_struct_ref_seq_dif.pdbx_pdb_strand_id           E 
_struct_ref_seq_dif.seq_num                      133 
_struct_ref_seq_dif.pdbx_pdb_ins_code            A 
_struct_ref_seq_dif.pdbx_seq_db_name             UNP 
_struct_ref_seq_dif.pdbx_seq_db_accession_code   P00776 
_struct_ref_seq_dif.db_mon_id                    GLU 
_struct_ref_seq_dif.pdbx_seq_db_seq_num          249 
_struct_ref_seq_dif.details                      conflict 
_struct_ref_seq_dif.pdbx_auth_seq_num            192 
_struct_ref_seq_dif.pdbx_ordinal                 1 
# 
_pdbx_struct_assembly.id                   1 
_pdbx_struct_assembly.details              author_and_software_defined_assembly 
_pdbx_struct_assembly.method_details       PISA 
_pdbx_struct_assembly.oligomeric_details   dimeric 
_pdbx_struct_assembly.oligomeric_count     2 
# 
loop_
_pdbx_struct_assembly_prop.biol_id 
_pdbx_struct_assembly_prop.type 
_pdbx_struct_assembly_prop.value 
_pdbx_struct_assembly_prop.details 
1 'ABSA (A^2)' 950  ? 
1 MORE         -7   ? 
1 'SSA (A^2)'  7010 ? 
# 
_pdbx_struct_assembly_gen.assembly_id       1 
_pdbx_struct_assembly_gen.oper_expression   1 
_pdbx_struct_assembly_gen.asym_id_list      A,B,C,D 
# 
_pdbx_struct_oper_list.id                   1 
_pdbx_struct_oper_list.type                 'identity operation' 
_pdbx_struct_oper_list.name                 1_555 
_pdbx_struct_oper_list.symmetry_operation   x,y,z 
_pdbx_struct_oper_list.matrix[1][1]         1.0000000000 
_pdbx_struct_oper_list.matrix[1][2]         0.0000000000 
_pdbx_struct_oper_list.matrix[1][3]         0.0000000000 
_pdbx_struct_oper_list.vector[1]            0.0000000000 
_pdbx_struct_oper_list.matrix[2][1]         0.0000000000 
_pdbx_struct_oper_list.matrix[2][2]         1.0000000000 
_pdbx_struct_oper_list.matrix[2][3]         0.0000000000 
_pdbx_struct_oper_list.vector[2]            0.0000000000 
_pdbx_struct_oper_list.matrix[3][1]         0.0000000000 
_pdbx_struct_oper_list.matrix[3][2]         0.0000000000 
_pdbx_struct_oper_list.matrix[3][3]         1.0000000000 
_pdbx_struct_oper_list.vector[3]            0.0000000000 
# 
_struct_biol.id        1 
_struct_biol.details   ? 
# 
loop_
_struct_conf.conf_type_id 
_struct_conf.id 
_struct_conf.pdbx_PDB_helix_id 
_struct_conf.beg_label_comp_id 
_struct_conf.beg_label_asym_id 
_struct_conf.beg_label_seq_id 
_struct_conf.pdbx_beg_PDB_ins_code 
_struct_conf.end_label_comp_id 
_struct_conf.end_label_asym_id 
_struct_conf.end_label_seq_id 
_struct_conf.pdbx_end_PDB_ins_code 
_struct_conf.beg_auth_comp_id 
_struct_conf.beg_auth_asym_id 
_struct_conf.beg_auth_seq_id 
_struct_conf.end_auth_comp_id 
_struct_conf.end_auth_asym_id 
_struct_conf.end_auth_seq_id 
_struct_conf.pdbx_PDB_helix_class 
_struct_conf.details 
_struct_conf.pdbx_PDB_helix_length 
HELX_P HELX_P1 H1 GLY A 32  ? ILE A 37  ? GLY E 56  ILE E 63  1 ? 6 
HELX_P HELX_P2 H2 PRO A 168 ? ALA A 175 ? PRO E 230 ALA E 236 1 ? 8 
# 
_struct_conf_type.id          HELX_P 
_struct_conf_type.criteria    ? 
_struct_conf_type.reference   ? 
# 
loop_
_struct_conn.id 
_struct_conn.conn_type_id 
_struct_conn.pdbx_leaving_atom_flag 
_struct_conn.pdbx_PDB_id 
_struct_conn.ptnr1_label_asym_id 
_struct_conn.ptnr1_label_comp_id 
_struct_conn.ptnr1_label_seq_id 
_struct_conn.ptnr1_label_atom_id 
_struct_conn.pdbx_ptnr1_label_alt_id 
_struct_conn.pdbx_ptnr1_PDB_ins_code 
_struct_conn.pdbx_ptnr1_standard_comp_id 
_struct_conn.ptnr1_symmetry 
_struct_conn.ptnr2_label_asym_id 
_struct_conn.ptnr2_label_comp_id 
_struct_conn.ptnr2_label_seq_id 
_struct_conn.ptnr2_label_atom_id 
_struct_conn.pdbx_ptnr2_label_alt_id 
_struct_conn.pdbx_ptnr2_PDB_ins_code 
_struct_conn.ptnr1_auth_asym_id 
_struct_conn.ptnr1_auth_comp_id 
_struct_conn.ptnr1_auth_seq_id 
_struct_conn.ptnr2_auth_asym_id 
_struct_conn.ptnr2_auth_comp_id 
_struct_conn.ptnr2_auth_seq_id 
_struct_conn.ptnr2_symmetry 
_struct_conn.pdbx_ptnr3_label_atom_id 
_struct_conn.pdbx_ptnr3_label_seq_id 
_struct_conn.pdbx_ptnr3_label_comp_id 
_struct_conn.pdbx_ptnr3_label_asym_id 
_struct_conn.pdbx_ptnr3_label_alt_id 
_struct_conn.pdbx_ptnr3_PDB_ins_code 
_struct_conn.details 
_struct_conn.pdbx_dist_value 
_struct_conn.pdbx_value_order 
_struct_conn.pdbx_role 
disulf1 disulf ?    ? A CYS 14  SG ? ? ? 1_555 A CYS 34  SG ? ? E CYS 42  E CYS 58  1_555 ? ? ? ? ? ? ? 2.042 ? ? 
disulf2 disulf ?    ? A CYS 131 SG ? ? ? 1_555 A CYS 158 SG ? ? E CYS 191 E CYS 220 1_555 ? ? ? ? ? ? ? 2.044 ? ? 
covale1 covale both ? B PRO 2   N  ? ? ? 1_555 B ACE 1   C  ? ? P PRO 4   P ACE 5   1_555 ? ? ? ? ? ? ? 1.347 ? ? 
# 
loop_
_struct_conn_type.id 
_struct_conn_type.criteria 
_struct_conn_type.reference 
disulf ? ? 
covale ? ? 
# 
loop_
_pdbx_modification_feature.ordinal 
_pdbx_modification_feature.label_comp_id 
_pdbx_modification_feature.label_asym_id 
_pdbx_modification_feature.label_seq_id 
_pdbx_modification_feature.label_alt_id 
_pdbx_modification_feature.modified_residue_label_comp_id 
_pdbx_modification_feature.modified_residue_label_asym_id 
_pdbx_modification_feature.modified_residue_label_seq_id 
_pdbx_modification_feature.modified_residue_label_alt_id 
_pdbx_modification_feature.auth_comp_id 
_pdbx_modification_feature.auth_asym_id 
_pdbx_modification_feature.auth_seq_id 
_pdbx_modification_feature.PDB_ins_code 
_pdbx_modification_feature.symmetry 
_pdbx_modification_feature.modified_residue_auth_comp_id 
_pdbx_modification_feature.modified_residue_auth_asym_id 
_pdbx_modification_feature.modified_residue_auth_seq_id 
_pdbx_modification_feature.modified_residue_PDB_ins_code 
_pdbx_modification_feature.modified_residue_symmetry 
_pdbx_modification_feature.comp_id_linking_atom 
_pdbx_modification_feature.modified_residue_id_linking_atom 
_pdbx_modification_feature.modified_residue_id 
_pdbx_modification_feature.ref_pcm_id 
_pdbx_modification_feature.ref_comp_id 
_pdbx_modification_feature.type 
_pdbx_modification_feature.category 
1 ACE B 1   ? PRO B 2   ? ACE P 5   ? 1_555 PRO P 4   ? 1_555 .  .  PRO 13 ACE None 'Terminal acetylation' 
2 CYS A 14  ? CYS A 34  ? CYS E 42  ? 1_555 CYS E 58  ? 1_555 SG SG .   .  .   None 'Disulfide bridge'     
3 CYS A 131 ? CYS A 158 ? CYS E 191 ? 1_555 CYS E 220 ? 1_555 SG SG .   .  .   None 'Disulfide bridge'     
# 
_struct_mon_prot_cis.pdbx_id                1 
_struct_mon_prot_cis.label_comp_id          PHE 
_struct_mon_prot_cis.label_seq_id           51 
_struct_mon_prot_cis.label_asym_id          A 
_struct_mon_prot_cis.label_alt_id           . 
_struct_mon_prot_cis.pdbx_PDB_ins_code      ? 
_struct_mon_prot_cis.auth_comp_id           PHE 
_struct_mon_prot_cis.auth_seq_id            94 
_struct_mon_prot_cis.auth_asym_id           E 
_struct_mon_prot_cis.pdbx_label_comp_id_2   PRO 
_struct_mon_prot_cis.pdbx_label_seq_id_2    52 
_struct_mon_prot_cis.pdbx_label_asym_id_2   A 
_struct_mon_prot_cis.pdbx_PDB_ins_code_2    A 
_struct_mon_prot_cis.pdbx_auth_comp_id_2    PRO 
_struct_mon_prot_cis.pdbx_auth_seq_id_2     99 
_struct_mon_prot_cis.pdbx_auth_asym_id_2    E 
_struct_mon_prot_cis.pdbx_PDB_model_num     1 
_struct_mon_prot_cis.pdbx_omega_angle       -2.73 
# 
loop_
_struct_sheet.id 
_struct_sheet.type 
_struct_sheet.number_strands 
_struct_sheet.details 
S1 ? 3 ? 
S2 ? 2 ? 
S3 ? 5 ? 
S4 ? 3 ? 
S5 ? 6 ? 
S6 ? 2 ? 
# 
loop_
_struct_sheet_order.sheet_id 
_struct_sheet_order.range_id_1 
_struct_sheet_order.range_id_2 
_struct_sheet_order.offset 
_struct_sheet_order.sense 
S1 1 2 ? parallel      
S1 2 3 ? anti-parallel 
S2 1 2 ? anti-parallel 
S3 1 2 ? anti-parallel 
S3 2 3 ? anti-parallel 
S3 3 4 ? anti-parallel 
S3 4 5 ? anti-parallel 
S4 1 2 ? parallel      
S4 2 3 ? anti-parallel 
S5 1 2 ? anti-parallel 
S5 2 3 ? anti-parallel 
S5 3 4 ? anti-parallel 
S5 4 5 ? anti-parallel 
S5 5 6 ? anti-parallel 
S6 1 2 ? anti-parallel 
# 
loop_
_struct_sheet_range.sheet_id 
_struct_sheet_range.id 
_struct_sheet_range.beg_label_comp_id 
_struct_sheet_range.beg_label_asym_id 
_struct_sheet_range.beg_label_seq_id 
_struct_sheet_range.pdbx_beg_PDB_ins_code 
_struct_sheet_range.end_label_comp_id 
_struct_sheet_range.end_label_asym_id 
_struct_sheet_range.end_label_seq_id 
_struct_sheet_range.pdbx_end_PDB_ins_code 
_struct_sheet_range.beg_auth_comp_id 
_struct_sheet_range.beg_auth_asym_id 
_struct_sheet_range.beg_auth_seq_id 
_struct_sheet_range.end_auth_comp_id 
_struct_sheet_range.end_auth_asym_id 
_struct_sheet_range.end_auth_seq_id 
S1 1 ILE A 1   ? GLY A 3   ? ILE E 16  GLY E 18  
S1 2 ASP A 68  ? LEU A 73  ? ASP E 115 LEU E 120 
S1 3 SER A 77  D ILE A 81  ? SER E 120 ILE E 124 
S2 1 GLY A 4   ? THR A 9   ? GLY E 19  THR E 33  
S2 2 GLY A 11  ? LEU A 16  ? GLY E 39  LEU E 44  
S3 1 GLY A 17  ? VAL A 22  B GLY E 45  VAL E 48  
S3 2 VAL A 25  ? THR A 30  ? VAL E 49  THR E 54  
S3 3 GLY A 57  ? HIS A 61  ? GLY E 104 HIS E 108 
S3 4 GLY A 44  ? SER A 50  ? GLY E 86  SER E 93  
S3 5 ALA A 39  ? TRP A 41  ? ALA E 65  TRP E 66  
S4 1 THR A 83  ? GLY A 85  ? THR E 126 GLY E 128 
S4 2 SER A 145 ? ALA A 147 ? SER E 207 ALA E 209 
S4 3 PHE A 142 ? ALA A 143 ? PHE E 200 ALA E 201 
S5 1 GLY A 139 ? LEU A 141 ? GLY E 197 LEU E 199 
S5 2 LEU A 148 ? ASN A 157 ? LEU E 210 ASN E 219 
S5 3 GLY A 161 ? GLN A 167 ? GLY E 223 GLN E 229 
S5 4 ILE A 126 ? THR A 128 ? ILE E 181 THR E 183 
S5 5 SER A 106 ? ASN A 111 ? SER E 161 ASN E 166 
S5 6 GLN A 91  ? GLY A 97  ? GLN E 134 GLY E 140 
S6 1 ALA A 112 ? TYR A 116 ? ALA E 167 TYR E 171 
S6 2 GLY A 120 ? MET A 125 ? GLY E 175 MET E 180 
# 
_struct_site.id                   AC1 
_struct_site.pdbx_evidence_code   Software 
_struct_site.pdbx_auth_asym_id    ? 
_struct_site.pdbx_auth_comp_id    ? 
_struct_site.pdbx_auth_seq_id     ? 
_struct_site.pdbx_auth_ins_code   ? 
_struct_site.pdbx_num_residues    18 
_struct_site.details              'BINDING SITE FOR CHAIN P OF TETRAPEPTIDE ACE-PRO-ALA-PRO-TYR' 
# 
loop_
_struct_site_gen.id 
_struct_site_gen.site_id 
_struct_site_gen.pdbx_num_res 
_struct_site_gen.label_comp_id 
_struct_site_gen.label_asym_id 
_struct_site_gen.label_seq_id 
_struct_site_gen.pdbx_auth_ins_code 
_struct_site_gen.auth_comp_id 
_struct_site_gen.auth_asym_id 
_struct_site_gen.auth_seq_id 
_struct_site_gen.label_atom_id 
_struct_site_gen.label_alt_id 
_struct_site_gen.symmetry 
_struct_site_gen.details 
1  AC1 18 HIS A 33  ? HIS E 57  . ? 1_555 ? 
2  AC1 18 VAL A 114 ? VAL E 169 . ? 1_555 ? 
3  AC1 18 ASN A 115 ? ASN E 170 . ? 1_555 ? 
4  AC1 18 TYR A 116 ? TYR E 171 . ? 1_555 ? 
5  AC1 18 ALA A 132 ? ALA E 192 . ? 1_555 ? 
6  AC1 18 GLN A 133 A GLN E 192 . ? 1_555 ? 
7  AC1 18 PRO A 134 B PRO E 192 . ? 1_555 ? 
8  AC1 18 GLY A 135 ? GLY E 193 . ? 1_555 ? 
9  AC1 18 ASP A 136 ? ASP E 194 . ? 1_555 ? 
10 AC1 18 SER A 137 ? SER E 195 . ? 1_555 ? 
11 AC1 18 SER A 152 ? SER E 214 . ? 1_555 ? 
12 AC1 18 GLY A 153 ? GLY E 215 . ? 1_555 ? 
13 AC1 18 GLY A 154 ? GLY E 216 . ? 1_555 ? 
14 AC1 18 SER A 155 ? SER E 217 . ? 1_555 ? 
15 AC1 18 GLY A 156 ? GLY E 218 . ? 1_555 ? 
16 AC1 18 HOH D .   ? HOH P 356 . ? 1_555 ? 
17 AC1 18 HOH D .   ? HOH P 357 . ? 1_555 ? 
18 AC1 18 HOH D .   ? HOH P 387 . ? 1_555 ? 
# 
_pdbx_entry_details.entry_id                   5SGA 
_pdbx_entry_details.compound_details           ? 
_pdbx_entry_details.source_details             ? 
_pdbx_entry_details.nonpolymer_details         ? 
_pdbx_entry_details.sequence_details           ? 
_pdbx_entry_details.has_ligand_of_interest     ? 
_pdbx_entry_details.has_protein_modification   Y 
# 
_pdbx_validate_close_contact.id               1 
_pdbx_validate_close_contact.PDB_model_num    1 
_pdbx_validate_close_contact.auth_atom_id_1   O 
_pdbx_validate_close_contact.auth_asym_id_1   E 
_pdbx_validate_close_contact.auth_comp_id_1   ILE 
_pdbx_validate_close_contact.auth_seq_id_1    124 
_pdbx_validate_close_contact.PDB_ins_code_1   ? 
_pdbx_validate_close_contact.label_alt_id_1   ? 
_pdbx_validate_close_contact.auth_atom_id_2   O 
_pdbx_validate_close_contact.auth_asym_id_2   E 
_pdbx_validate_close_contact.auth_comp_id_2   HOH 
_pdbx_validate_close_contact.auth_seq_id_2    285 
_pdbx_validate_close_contact.PDB_ins_code_2   ? 
_pdbx_validate_close_contact.label_alt_id_2   ? 
_pdbx_validate_close_contact.dist             2.19 
# 
loop_
_pdbx_validate_rmsd_angle.id 
_pdbx_validate_rmsd_angle.PDB_model_num 
_pdbx_validate_rmsd_angle.auth_atom_id_1 
_pdbx_validate_rmsd_angle.auth_asym_id_1 
_pdbx_validate_rmsd_angle.auth_comp_id_1 
_pdbx_validate_rmsd_angle.auth_seq_id_1 
_pdbx_validate_rmsd_angle.PDB_ins_code_1 
_pdbx_validate_rmsd_angle.label_alt_id_1 
_pdbx_validate_rmsd_angle.auth_atom_id_2 
_pdbx_validate_rmsd_angle.auth_asym_id_2 
_pdbx_validate_rmsd_angle.auth_comp_id_2 
_pdbx_validate_rmsd_angle.auth_seq_id_2 
_pdbx_validate_rmsd_angle.PDB_ins_code_2 
_pdbx_validate_rmsd_angle.label_alt_id_2 
_pdbx_validate_rmsd_angle.auth_atom_id_3 
_pdbx_validate_rmsd_angle.auth_asym_id_3 
_pdbx_validate_rmsd_angle.auth_comp_id_3 
_pdbx_validate_rmsd_angle.auth_seq_id_3 
_pdbx_validate_rmsd_angle.PDB_ins_code_3 
_pdbx_validate_rmsd_angle.label_alt_id_3 
_pdbx_validate_rmsd_angle.angle_value 
_pdbx_validate_rmsd_angle.angle_target_value 
_pdbx_validate_rmsd_angle.angle_deviation 
_pdbx_validate_rmsd_angle.angle_standard_deviation 
_pdbx_validate_rmsd_angle.linker_flag 
1  1 NE E ARG 41  ? ? CZ E ARG 41  ? ? NH1 E ARG 41  ? ? 127.00 120.30 6.70  0.50 N 
2  1 NE E ARG 41  ? ? CZ E ARG 41  ? ? NH2 E ARG 41  ? ? 116.42 120.30 -3.88 0.50 N 
3  1 NE E ARG 107 ? ? CZ E ARG 107 ? ? NH1 E ARG 107 ? ? 124.40 120.30 4.10  0.50 N 
4  1 NE E ARG 107 ? ? CZ E ARG 107 ? ? NH2 E ARG 107 ? ? 115.88 120.30 -4.42 0.50 N 
5  1 CB E ASP 123 ? ? CG E ASP 123 ? ? OD1 E ASP 123 ? ? 125.33 118.30 7.03  0.90 N 
6  1 CD E ARG 138 ? ? NE E ARG 138 ? ? CZ  E ARG 138 ? ? 135.98 123.60 12.38 1.40 N 
7  1 NE E ARG 138 ? ? CZ E ARG 138 ? ? NH1 E ARG 138 ? ? 128.10 120.30 7.80  0.50 N 
8  1 NE E ARG 138 ? ? CZ E ARG 138 ? ? NH2 E ARG 138 ? ? 115.90 120.30 -4.40 0.50 N 
9  1 CB E TYR 171 ? ? CG E TYR 171 ? ? CD1 E TYR 171 ? ? 116.94 121.00 -4.06 0.60 N 
10 1 CB E TYR 178 ? ? CG E TYR 178 ? ? CD2 E TYR 178 ? ? 116.89 121.00 -4.11 0.60 N 
11 1 CB E PHE 227 ? ? CG E PHE 227 ? ? CD2 E PHE 227 ? ? 116.41 120.80 -4.39 0.70 N 
# 
loop_
_pdbx_validate_torsion.id 
_pdbx_validate_torsion.PDB_model_num 
_pdbx_validate_torsion.auth_comp_id 
_pdbx_validate_torsion.auth_asym_id 
_pdbx_validate_torsion.auth_seq_id 
_pdbx_validate_torsion.PDB_ins_code 
_pdbx_validate_torsion.label_alt_id 
_pdbx_validate_torsion.phi 
_pdbx_validate_torsion.psi 
1 1 PRO E 99  A ? -83.21  -151.75 
2 1 ASN E 100 ? ? 81.81   -72.20  
3 1 ASN E 120 B ? -145.14 25.61   
# 
loop_
_pdbx_struct_special_symmetry.id 
_pdbx_struct_special_symmetry.PDB_model_num 
_pdbx_struct_special_symmetry.auth_asym_id 
_pdbx_struct_special_symmetry.auth_comp_id 
_pdbx_struct_special_symmetry.auth_seq_id 
_pdbx_struct_special_symmetry.PDB_ins_code 
_pdbx_struct_special_symmetry.label_asym_id 
_pdbx_struct_special_symmetry.label_comp_id 
_pdbx_struct_special_symmetry.label_seq_id 
1 1 E HOH 252 ? C HOH . 
2 1 E HOH 280 ? C HOH . 
3 1 E HOH 293 ? C HOH . 
4 1 E HOH 352 ? C HOH . 
# 
loop_
_chem_comp_atom.comp_id 
_chem_comp_atom.atom_id 
_chem_comp_atom.type_symbol 
_chem_comp_atom.pdbx_aromatic_flag 
_chem_comp_atom.pdbx_stereo_config 
_chem_comp_atom.pdbx_ordinal 
ACE C    C N N 1   
ACE O    O N N 2   
ACE CH3  C N N 3   
ACE H    H N N 4   
ACE H1   H N N 5   
ACE H2   H N N 6   
ACE H3   H N N 7   
ALA N    N N N 8   
ALA CA   C N S 9   
ALA C    C N N 10  
ALA O    O N N 11  
ALA CB   C N N 12  
ALA OXT  O N N 13  
ALA H    H N N 14  
ALA H2   H N N 15  
ALA HA   H N N 16  
ALA HB1  H N N 17  
ALA HB2  H N N 18  
ALA HB3  H N N 19  
ALA HXT  H N N 20  
ARG N    N N N 21  
ARG CA   C N S 22  
ARG C    C N N 23  
ARG O    O N N 24  
ARG CB   C N N 25  
ARG CG   C N N 26  
ARG CD   C N N 27  
ARG NE   N N N 28  
ARG CZ   C N N 29  
ARG NH1  N N N 30  
ARG NH2  N N N 31  
ARG OXT  O N N 32  
ARG H    H N N 33  
ARG H2   H N N 34  
ARG HA   H N N 35  
ARG HB2  H N N 36  
ARG HB3  H N N 37  
ARG HG2  H N N 38  
ARG HG3  H N N 39  
ARG HD2  H N N 40  
ARG HD3  H N N 41  
ARG HE   H N N 42  
ARG HH11 H N N 43  
ARG HH12 H N N 44  
ARG HH21 H N N 45  
ARG HH22 H N N 46  
ARG HXT  H N N 47  
ASN N    N N N 48  
ASN CA   C N S 49  
ASN C    C N N 50  
ASN O    O N N 51  
ASN CB   C N N 52  
ASN CG   C N N 53  
ASN OD1  O N N 54  
ASN ND2  N N N 55  
ASN OXT  O N N 56  
ASN H    H N N 57  
ASN H2   H N N 58  
ASN HA   H N N 59  
ASN HB2  H N N 60  
ASN HB3  H N N 61  
ASN HD21 H N N 62  
ASN HD22 H N N 63  
ASN HXT  H N N 64  
ASP N    N N N 65  
ASP CA   C N S 66  
ASP C    C N N 67  
ASP O    O N N 68  
ASP CB   C N N 69  
ASP CG   C N N 70  
ASP OD1  O N N 71  
ASP OD2  O N N 72  
ASP OXT  O N N 73  
ASP H    H N N 74  
ASP H2   H N N 75  
ASP HA   H N N 76  
ASP HB2  H N N 77  
ASP HB3  H N N 78  
ASP HD2  H N N 79  
ASP HXT  H N N 80  
CYS N    N N N 81  
CYS CA   C N R 82  
CYS C    C N N 83  
CYS O    O N N 84  
CYS CB   C N N 85  
CYS SG   S N N 86  
CYS OXT  O N N 87  
CYS H    H N N 88  
CYS H2   H N N 89  
CYS HA   H N N 90  
CYS HB2  H N N 91  
CYS HB3  H N N 92  
CYS HG   H N N 93  
CYS HXT  H N N 94  
GLN N    N N N 95  
GLN CA   C N S 96  
GLN C    C N N 97  
GLN O    O N N 98  
GLN CB   C N N 99  
GLN CG   C N N 100 
GLN CD   C N N 101 
GLN OE1  O N N 102 
GLN NE2  N N N 103 
GLN OXT  O N N 104 
GLN H    H N N 105 
GLN H2   H N N 106 
GLN HA   H N N 107 
GLN HB2  H N N 108 
GLN HB3  H N N 109 
GLN HG2  H N N 110 
GLN HG3  H N N 111 
GLN HE21 H N N 112 
GLN HE22 H N N 113 
GLN HXT  H N N 114 
GLU N    N N N 115 
GLU CA   C N S 116 
GLU C    C N N 117 
GLU O    O N N 118 
GLU CB   C N N 119 
GLU CG   C N N 120 
GLU CD   C N N 121 
GLU OE1  O N N 122 
GLU OE2  O N N 123 
GLU OXT  O N N 124 
GLU H    H N N 125 
GLU H2   H N N 126 
GLU HA   H N N 127 
GLU HB2  H N N 128 
GLU HB3  H N N 129 
GLU HG2  H N N 130 
GLU HG3  H N N 131 
GLU HE2  H N N 132 
GLU HXT  H N N 133 
GLY N    N N N 134 
GLY CA   C N N 135 
GLY C    C N N 136 
GLY O    O N N 137 
GLY OXT  O N N 138 
GLY H    H N N 139 
GLY H2   H N N 140 
GLY HA2  H N N 141 
GLY HA3  H N N 142 
GLY HXT  H N N 143 
HIS N    N N N 144 
HIS CA   C N S 145 
HIS C    C N N 146 
HIS O    O N N 147 
HIS CB   C N N 148 
HIS CG   C Y N 149 
HIS ND1  N Y N 150 
HIS CD2  C Y N 151 
HIS CE1  C Y N 152 
HIS NE2  N Y N 153 
HIS OXT  O N N 154 
HIS H    H N N 155 
HIS H2   H N N 156 
HIS HA   H N N 157 
HIS HB2  H N N 158 
HIS HB3  H N N 159 
HIS HD1  H N N 160 
HIS HD2  H N N 161 
HIS HE1  H N N 162 
HIS HE2  H N N 163 
HIS HXT  H N N 164 
HOH O    O N N 165 
HOH H1   H N N 166 
HOH H2   H N N 167 
ILE N    N N N 168 
ILE CA   C N S 169 
ILE C    C N N 170 
ILE O    O N N 171 
ILE CB   C N S 172 
ILE CG1  C N N 173 
ILE CG2  C N N 174 
ILE CD1  C N N 175 
ILE OXT  O N N 176 
ILE H    H N N 177 
ILE H2   H N N 178 
ILE HA   H N N 179 
ILE HB   H N N 180 
ILE HG12 H N N 181 
ILE HG13 H N N 182 
ILE HG21 H N N 183 
ILE HG22 H N N 184 
ILE HG23 H N N 185 
ILE HD11 H N N 186 
ILE HD12 H N N 187 
ILE HD13 H N N 188 
ILE HXT  H N N 189 
LEU N    N N N 190 
LEU CA   C N S 191 
LEU C    C N N 192 
LEU O    O N N 193 
LEU CB   C N N 194 
LEU CG   C N N 195 
LEU CD1  C N N 196 
LEU CD2  C N N 197 
LEU OXT  O N N 198 
LEU H    H N N 199 
LEU H2   H N N 200 
LEU HA   H N N 201 
LEU HB2  H N N 202 
LEU HB3  H N N 203 
LEU HG   H N N 204 
LEU HD11 H N N 205 
LEU HD12 H N N 206 
LEU HD13 H N N 207 
LEU HD21 H N N 208 
LEU HD22 H N N 209 
LEU HD23 H N N 210 
LEU HXT  H N N 211 
MET N    N N N 212 
MET CA   C N S 213 
MET C    C N N 214 
MET O    O N N 215 
MET CB   C N N 216 
MET CG   C N N 217 
MET SD   S N N 218 
MET CE   C N N 219 
MET OXT  O N N 220 
MET H    H N N 221 
MET H2   H N N 222 
MET HA   H N N 223 
MET HB2  H N N 224 
MET HB3  H N N 225 
MET HG2  H N N 226 
MET HG3  H N N 227 
MET HE1  H N N 228 
MET HE2  H N N 229 
MET HE3  H N N 230 
MET HXT  H N N 231 
PHE N    N N N 232 
PHE CA   C N S 233 
PHE C    C N N 234 
PHE O    O N N 235 
PHE CB   C N N 236 
PHE CG   C Y N 237 
PHE CD1  C Y N 238 
PHE CD2  C Y N 239 
PHE CE1  C Y N 240 
PHE CE2  C Y N 241 
PHE CZ   C Y N 242 
PHE OXT  O N N 243 
PHE H    H N N 244 
PHE H2   H N N 245 
PHE HA   H N N 246 
PHE HB2  H N N 247 
PHE HB3  H N N 248 
PHE HD1  H N N 249 
PHE HD2  H N N 250 
PHE HE1  H N N 251 
PHE HE2  H N N 252 
PHE HZ   H N N 253 
PHE HXT  H N N 254 
PRO N    N N N 255 
PRO CA   C N S 256 
PRO C    C N N 257 
PRO O    O N N 258 
PRO CB   C N N 259 
PRO CG   C N N 260 
PRO CD   C N N 261 
PRO OXT  O N N 262 
PRO H    H N N 263 
PRO HA   H N N 264 
PRO HB2  H N N 265 
PRO HB3  H N N 266 
PRO HG2  H N N 267 
PRO HG3  H N N 268 
PRO HD2  H N N 269 
PRO HD3  H N N 270 
PRO HXT  H N N 271 
SER N    N N N 272 
SER CA   C N S 273 
SER C    C N N 274 
SER O    O N N 275 
SER CB   C N N 276 
SER OG   O N N 277 
SER OXT  O N N 278 
SER H    H N N 279 
SER H2   H N N 280 
SER HA   H N N 281 
SER HB2  H N N 282 
SER HB3  H N N 283 
SER HG   H N N 284 
SER HXT  H N N 285 
THR N    N N N 286 
THR CA   C N S 287 
THR C    C N N 288 
THR O    O N N 289 
THR CB   C N R 290 
THR OG1  O N N 291 
THR CG2  C N N 292 
THR OXT  O N N 293 
THR H    H N N 294 
THR H2   H N N 295 
THR HA   H N N 296 
THR HB   H N N 297 
THR HG1  H N N 298 
THR HG21 H N N 299 
THR HG22 H N N 300 
THR HG23 H N N 301 
THR HXT  H N N 302 
TRP N    N N N 303 
TRP CA   C N S 304 
TRP C    C N N 305 
TRP O    O N N 306 
TRP CB   C N N 307 
TRP CG   C Y N 308 
TRP CD1  C Y N 309 
TRP CD2  C Y N 310 
TRP NE1  N Y N 311 
TRP CE2  C Y N 312 
TRP CE3  C Y N 313 
TRP CZ2  C Y N 314 
TRP CZ3  C Y N 315 
TRP CH2  C Y N 316 
TRP OXT  O N N 317 
TRP H    H N N 318 
TRP H2   H N N 319 
TRP HA   H N N 320 
TRP HB2  H N N 321 
TRP HB3  H N N 322 
TRP HD1  H N N 323 
TRP HE1  H N N 324 
TRP HE3  H N N 325 
TRP HZ2  H N N 326 
TRP HZ3  H N N 327 
TRP HH2  H N N 328 
TRP HXT  H N N 329 
TYR N    N N N 330 
TYR CA   C N S 331 
TYR C    C N N 332 
TYR O    O N N 333 
TYR CB   C N N 334 
TYR CG   C Y N 335 
TYR CD1  C Y N 336 
TYR CD2  C Y N 337 
TYR CE1  C Y N 338 
TYR CE2  C Y N 339 
TYR CZ   C Y N 340 
TYR OH   O N N 341 
TYR OXT  O N N 342 
TYR H    H N N 343 
TYR H2   H N N 344 
TYR HA   H N N 345 
TYR HB2  H N N 346 
TYR HB3  H N N 347 
TYR HD1  H N N 348 
TYR HD2  H N N 349 
TYR HE1  H N N 350 
TYR HE2  H N N 351 
TYR HH   H N N 352 
TYR HXT  H N N 353 
VAL N    N N N 354 
VAL CA   C N S 355 
VAL C    C N N 356 
VAL O    O N N 357 
VAL CB   C N N 358 
VAL CG1  C N N 359 
VAL CG2  C N N 360 
VAL OXT  O N N 361 
VAL H    H N N 362 
VAL H2   H N N 363 
VAL HA   H N N 364 
VAL HB   H N N 365 
VAL HG11 H N N 366 
VAL HG12 H N N 367 
VAL HG13 H N N 368 
VAL HG21 H N N 369 
VAL HG22 H N N 370 
VAL HG23 H N N 371 
VAL HXT  H N N 372 
# 
loop_
_chem_comp_bond.comp_id 
_chem_comp_bond.atom_id_1 
_chem_comp_bond.atom_id_2 
_chem_comp_bond.value_order 
_chem_comp_bond.pdbx_aromatic_flag 
_chem_comp_bond.pdbx_stereo_config 
_chem_comp_bond.pdbx_ordinal 
ACE C   O    doub N N 1   
ACE C   CH3  sing N N 2   
ACE C   H    sing N N 3   
ACE CH3 H1   sing N N 4   
ACE CH3 H2   sing N N 5   
ACE CH3 H3   sing N N 6   
ALA N   CA   sing N N 7   
ALA N   H    sing N N 8   
ALA N   H2   sing N N 9   
ALA CA  C    sing N N 10  
ALA CA  CB   sing N N 11  
ALA CA  HA   sing N N 12  
ALA C   O    doub N N 13  
ALA C   OXT  sing N N 14  
ALA CB  HB1  sing N N 15  
ALA CB  HB2  sing N N 16  
ALA CB  HB3  sing N N 17  
ALA OXT HXT  sing N N 18  
ARG N   CA   sing N N 19  
ARG N   H    sing N N 20  
ARG N   H2   sing N N 21  
ARG CA  C    sing N N 22  
ARG CA  CB   sing N N 23  
ARG CA  HA   sing N N 24  
ARG C   O    doub N N 25  
ARG C   OXT  sing N N 26  
ARG CB  CG   sing N N 27  
ARG CB  HB2  sing N N 28  
ARG CB  HB3  sing N N 29  
ARG CG  CD   sing N N 30  
ARG CG  HG2  sing N N 31  
ARG CG  HG3  sing N N 32  
ARG CD  NE   sing N N 33  
ARG CD  HD2  sing N N 34  
ARG CD  HD3  sing N N 35  
ARG NE  CZ   sing N N 36  
ARG NE  HE   sing N N 37  
ARG CZ  NH1  sing N N 38  
ARG CZ  NH2  doub N N 39  
ARG NH1 HH11 sing N N 40  
ARG NH1 HH12 sing N N 41  
ARG NH2 HH21 sing N N 42  
ARG NH2 HH22 sing N N 43  
ARG OXT HXT  sing N N 44  
ASN N   CA   sing N N 45  
ASN N   H    sing N N 46  
ASN N   H2   sing N N 47  
ASN CA  C    sing N N 48  
ASN CA  CB   sing N N 49  
ASN CA  HA   sing N N 50  
ASN C   O    doub N N 51  
ASN C   OXT  sing N N 52  
ASN CB  CG   sing N N 53  
ASN CB  HB2  sing N N 54  
ASN CB  HB3  sing N N 55  
ASN CG  OD1  doub N N 56  
ASN CG  ND2  sing N N 57  
ASN ND2 HD21 sing N N 58  
ASN ND2 HD22 sing N N 59  
ASN OXT HXT  sing N N 60  
ASP N   CA   sing N N 61  
ASP N   H    sing N N 62  
ASP N   H2   sing N N 63  
ASP CA  C    sing N N 64  
ASP CA  CB   sing N N 65  
ASP CA  HA   sing N N 66  
ASP C   O    doub N N 67  
ASP C   OXT  sing N N 68  
ASP CB  CG   sing N N 69  
ASP CB  HB2  sing N N 70  
ASP CB  HB3  sing N N 71  
ASP CG  OD1  doub N N 72  
ASP CG  OD2  sing N N 73  
ASP OD2 HD2  sing N N 74  
ASP OXT HXT  sing N N 75  
CYS N   CA   sing N N 76  
CYS N   H    sing N N 77  
CYS N   H2   sing N N 78  
CYS CA  C    sing N N 79  
CYS CA  CB   sing N N 80  
CYS CA  HA   sing N N 81  
CYS C   O    doub N N 82  
CYS C   OXT  sing N N 83  
CYS CB  SG   sing N N 84  
CYS CB  HB2  sing N N 85  
CYS CB  HB3  sing N N 86  
CYS SG  HG   sing N N 87  
CYS OXT HXT  sing N N 88  
GLN N   CA   sing N N 89  
GLN N   H    sing N N 90  
GLN N   H2   sing N N 91  
GLN CA  C    sing N N 92  
GLN CA  CB   sing N N 93  
GLN CA  HA   sing N N 94  
GLN C   O    doub N N 95  
GLN C   OXT  sing N N 96  
GLN CB  CG   sing N N 97  
GLN CB  HB2  sing N N 98  
GLN CB  HB3  sing N N 99  
GLN CG  CD   sing N N 100 
GLN CG  HG2  sing N N 101 
GLN CG  HG3  sing N N 102 
GLN CD  OE1  doub N N 103 
GLN CD  NE2  sing N N 104 
GLN NE2 HE21 sing N N 105 
GLN NE2 HE22 sing N N 106 
GLN OXT HXT  sing N N 107 
GLU N   CA   sing N N 108 
GLU N   H    sing N N 109 
GLU N   H2   sing N N 110 
GLU CA  C    sing N N 111 
GLU CA  CB   sing N N 112 
GLU CA  HA   sing N N 113 
GLU C   O    doub N N 114 
GLU C   OXT  sing N N 115 
GLU CB  CG   sing N N 116 
GLU CB  HB2  sing N N 117 
GLU CB  HB3  sing N N 118 
GLU CG  CD   sing N N 119 
GLU CG  HG2  sing N N 120 
GLU CG  HG3  sing N N 121 
GLU CD  OE1  doub N N 122 
GLU CD  OE2  sing N N 123 
GLU OE2 HE2  sing N N 124 
GLU OXT HXT  sing N N 125 
GLY N   CA   sing N N 126 
GLY N   H    sing N N 127 
GLY N   H2   sing N N 128 
GLY CA  C    sing N N 129 
GLY CA  HA2  sing N N 130 
GLY CA  HA3  sing N N 131 
GLY C   O    doub N N 132 
GLY C   OXT  sing N N 133 
GLY OXT HXT  sing N N 134 
HIS N   CA   sing N N 135 
HIS N   H    sing N N 136 
HIS N   H2   sing N N 137 
HIS CA  C    sing N N 138 
HIS CA  CB   sing N N 139 
HIS CA  HA   sing N N 140 
HIS C   O    doub N N 141 
HIS C   OXT  sing N N 142 
HIS CB  CG   sing N N 143 
HIS CB  HB2  sing N N 144 
HIS CB  HB3  sing N N 145 
HIS CG  ND1  sing Y N 146 
HIS CG  CD2  doub Y N 147 
HIS ND1 CE1  doub Y N 148 
HIS ND1 HD1  sing N N 149 
HIS CD2 NE2  sing Y N 150 
HIS CD2 HD2  sing N N 151 
HIS CE1 NE2  sing Y N 152 
HIS CE1 HE1  sing N N 153 
HIS NE2 HE2  sing N N 154 
HIS OXT HXT  sing N N 155 
HOH O   H1   sing N N 156 
HOH O   H2   sing N N 157 
ILE N   CA   sing N N 158 
ILE N   H    sing N N 159 
ILE N   H2   sing N N 160 
ILE CA  C    sing N N 161 
ILE CA  CB   sing N N 162 
ILE CA  HA   sing N N 163 
ILE C   O    doub N N 164 
ILE C   OXT  sing N N 165 
ILE CB  CG1  sing N N 166 
ILE CB  CG2  sing N N 167 
ILE CB  HB   sing N N 168 
ILE CG1 CD1  sing N N 169 
ILE CG1 HG12 sing N N 170 
ILE CG1 HG13 sing N N 171 
ILE CG2 HG21 sing N N 172 
ILE CG2 HG22 sing N N 173 
ILE CG2 HG23 sing N N 174 
ILE CD1 HD11 sing N N 175 
ILE CD1 HD12 sing N N 176 
ILE CD1 HD13 sing N N 177 
ILE OXT HXT  sing N N 178 
LEU N   CA   sing N N 179 
LEU N   H    sing N N 180 
LEU N   H2   sing N N 181 
LEU CA  C    sing N N 182 
LEU CA  CB   sing N N 183 
LEU CA  HA   sing N N 184 
LEU C   O    doub N N 185 
LEU C   OXT  sing N N 186 
LEU CB  CG   sing N N 187 
LEU CB  HB2  sing N N 188 
LEU CB  HB3  sing N N 189 
LEU CG  CD1  sing N N 190 
LEU CG  CD2  sing N N 191 
LEU CG  HG   sing N N 192 
LEU CD1 HD11 sing N N 193 
LEU CD1 HD12 sing N N 194 
LEU CD1 HD13 sing N N 195 
LEU CD2 HD21 sing N N 196 
LEU CD2 HD22 sing N N 197 
LEU CD2 HD23 sing N N 198 
LEU OXT HXT  sing N N 199 
MET N   CA   sing N N 200 
MET N   H    sing N N 201 
MET N   H2   sing N N 202 
MET CA  C    sing N N 203 
MET CA  CB   sing N N 204 
MET CA  HA   sing N N 205 
MET C   O    doub N N 206 
MET C   OXT  sing N N 207 
MET CB  CG   sing N N 208 
MET CB  HB2  sing N N 209 
MET CB  HB3  sing N N 210 
MET CG  SD   sing N N 211 
MET CG  HG2  sing N N 212 
MET CG  HG3  sing N N 213 
MET SD  CE   sing N N 214 
MET CE  HE1  sing N N 215 
MET CE  HE2  sing N N 216 
MET CE  HE3  sing N N 217 
MET OXT HXT  sing N N 218 
PHE N   CA   sing N N 219 
PHE N   H    sing N N 220 
PHE N   H2   sing N N 221 
PHE CA  C    sing N N 222 
PHE CA  CB   sing N N 223 
PHE CA  HA   sing N N 224 
PHE C   O    doub N N 225 
PHE C   OXT  sing N N 226 
PHE CB  CG   sing N N 227 
PHE CB  HB2  sing N N 228 
PHE CB  HB3  sing N N 229 
PHE CG  CD1  doub Y N 230 
PHE CG  CD2  sing Y N 231 
PHE CD1 CE1  sing Y N 232 
PHE CD1 HD1  sing N N 233 
PHE CD2 CE2  doub Y N 234 
PHE CD2 HD2  sing N N 235 
PHE CE1 CZ   doub Y N 236 
PHE CE1 HE1  sing N N 237 
PHE CE2 CZ   sing Y N 238 
PHE CE2 HE2  sing N N 239 
PHE CZ  HZ   sing N N 240 
PHE OXT HXT  sing N N 241 
PRO N   CA   sing N N 242 
PRO N   CD   sing N N 243 
PRO N   H    sing N N 244 
PRO CA  C    sing N N 245 
PRO CA  CB   sing N N 246 
PRO CA  HA   sing N N 247 
PRO C   O    doub N N 248 
PRO C   OXT  sing N N 249 
PRO CB  CG   sing N N 250 
PRO CB  HB2  sing N N 251 
PRO CB  HB3  sing N N 252 
PRO CG  CD   sing N N 253 
PRO CG  HG2  sing N N 254 
PRO CG  HG3  sing N N 255 
PRO CD  HD2  sing N N 256 
PRO CD  HD3  sing N N 257 
PRO OXT HXT  sing N N 258 
SER N   CA   sing N N 259 
SER N   H    sing N N 260 
SER N   H2   sing N N 261 
SER CA  C    sing N N 262 
SER CA  CB   sing N N 263 
SER CA  HA   sing N N 264 
SER C   O    doub N N 265 
SER C   OXT  sing N N 266 
SER CB  OG   sing N N 267 
SER CB  HB2  sing N N 268 
SER CB  HB3  sing N N 269 
SER OG  HG   sing N N 270 
SER OXT HXT  sing N N 271 
THR N   CA   sing N N 272 
THR N   H    sing N N 273 
THR N   H2   sing N N 274 
THR CA  C    sing N N 275 
THR CA  CB   sing N N 276 
THR CA  HA   sing N N 277 
THR C   O    doub N N 278 
THR C   OXT  sing N N 279 
THR CB  OG1  sing N N 280 
THR CB  CG2  sing N N 281 
THR CB  HB   sing N N 282 
THR OG1 HG1  sing N N 283 
THR CG2 HG21 sing N N 284 
THR CG2 HG22 sing N N 285 
THR CG2 HG23 sing N N 286 
THR OXT HXT  sing N N 287 
TRP N   CA   sing N N 288 
TRP N   H    sing N N 289 
TRP N   H2   sing N N 290 
TRP CA  C    sing N N 291 
TRP CA  CB   sing N N 292 
TRP CA  HA   sing N N 293 
TRP C   O    doub N N 294 
TRP C   OXT  sing N N 295 
TRP CB  CG   sing N N 296 
TRP CB  HB2  sing N N 297 
TRP CB  HB3  sing N N 298 
TRP CG  CD1  doub Y N 299 
TRP CG  CD2  sing Y N 300 
TRP CD1 NE1  sing Y N 301 
TRP CD1 HD1  sing N N 302 
TRP CD2 CE2  doub Y N 303 
TRP CD2 CE3  sing Y N 304 
TRP NE1 CE2  sing Y N 305 
TRP NE1 HE1  sing N N 306 
TRP CE2 CZ2  sing Y N 307 
TRP CE3 CZ3  doub Y N 308 
TRP CE3 HE3  sing N N 309 
TRP CZ2 CH2  doub Y N 310 
TRP CZ2 HZ2  sing N N 311 
TRP CZ3 CH2  sing Y N 312 
TRP CZ3 HZ3  sing N N 313 
TRP CH2 HH2  sing N N 314 
TRP OXT HXT  sing N N 315 
TYR N   CA   sing N N 316 
TYR N   H    sing N N 317 
TYR N   H2   sing N N 318 
TYR CA  C    sing N N 319 
TYR CA  CB   sing N N 320 
TYR CA  HA   sing N N 321 
TYR C   O    doub N N 322 
TYR C   OXT  sing N N 323 
TYR CB  CG   sing N N 324 
TYR CB  HB2  sing N N 325 
TYR CB  HB3  sing N N 326 
TYR CG  CD1  doub Y N 327 
TYR CG  CD2  sing Y N 328 
TYR CD1 CE1  sing Y N 329 
TYR CD1 HD1  sing N N 330 
TYR CD2 CE2  doub Y N 331 
TYR CD2 HD2  sing N N 332 
TYR CE1 CZ   doub Y N 333 
TYR CE1 HE1  sing N N 334 
TYR CE2 CZ   sing Y N 335 
TYR CE2 HE2  sing N N 336 
TYR CZ  OH   sing N N 337 
TYR OH  HH   sing N N 338 
TYR OXT HXT  sing N N 339 
VAL N   CA   sing N N 340 
VAL N   H    sing N N 341 
VAL N   H2   sing N N 342 
VAL CA  C    sing N N 343 
VAL CA  CB   sing N N 344 
VAL CA  HA   sing N N 345 
VAL C   O    doub N N 346 
VAL C   OXT  sing N N 347 
VAL CB  CG1  sing N N 348 
VAL CB  CG2  sing N N 349 
VAL CB  HB   sing N N 350 
VAL CG1 HG11 sing N N 351 
VAL CG1 HG12 sing N N 352 
VAL CG1 HG13 sing N N 353 
VAL CG2 HG21 sing N N 354 
VAL CG2 HG22 sing N N 355 
VAL CG2 HG23 sing N N 356 
VAL OXT HXT  sing N N 357 
# 
_atom_sites.entry_id                    5SGA 
_atom_sites.fract_transf_matrix[1][1]   -0.01435553 
_atom_sites.fract_transf_matrix[1][2]   -0.01102301 
_atom_sites.fract_transf_matrix[1][3]   0.00103568 
_atom_sites.fract_transf_matrix[2][1]   0.01046730 
_atom_sites.fract_transf_matrix[2][2]   -0.01295995 
_atom_sites.fract_transf_matrix[2][3]   0.00715095 
_atom_sites.fract_transf_matrix[3][1]   -0.00363270 
_atom_sites.fract_transf_matrix[3][2]   0.00630400 
_atom_sites.fract_transf_matrix[3][3]   0.01674240 
_atom_sites.fract_transf_vector[1]      -0.156486 
_atom_sites.fract_transf_vector[2]      0.272248 
_atom_sites.fract_transf_vector[3]      0.371242 
# 
loop_
_atom_sites_footnote.id 
_atom_sites_footnote.text 
1 'THE SIDE CHAIN OF ARG E 221 IS VERY DISORDERED. COORDINATES FOR THE ATOMS BEYOND CB HAVE BEEN OMITTED.' 
2 'RESIDUE E 99A IS A CIS-PROLINE.' 
3 
'SOLVENT 229, ALTHOUGH REFINED AS AN OXYGEN ATOM, HAS BEEN INTERPRETED AS A NA+ ION.  SEE REFERENCE 2 ABOVE FOR FURTHER DETAILS.' 
# 
loop_
_atom_type.symbol 
C 
N 
O 
S 
# 
loop_
_atom_site.group_PDB 
_atom_site.id 
_atom_site.type_symbol 
_atom_site.label_atom_id 
_atom_site.label_alt_id 
_atom_site.label_comp_id 
_atom_site.label_asym_id 
_atom_site.label_entity_id 
_atom_site.label_seq_id 
_atom_site.pdbx_PDB_ins_code 
_atom_site.Cartn_x 
_atom_site.Cartn_y 
_atom_site.Cartn_z 
_atom_site.occupancy 
_atom_site.B_iso_or_equiv 
_atom_site.pdbx_formal_charge 
_atom_site.auth_seq_id 
_atom_site.auth_comp_id 
_atom_site.auth_asym_id 
_atom_site.auth_atom_id 
_atom_site.pdbx_PDB_model_num 
ATOM   1    N N   . ILE A 1 1   ? -12.887 7.189   3.629   1.00 10.11 ? 16  ILE E N   1 
ATOM   2    C CA  . ILE A 1 1   ? -11.401 7.138   3.722   1.00 10.45 ? 16  ILE E CA  1 
ATOM   3    C C   . ILE A 1 1   ? -10.873 6.558   2.398   1.00 10.26 ? 16  ILE E C   1 
ATOM   4    O O   . ILE A 1 1   ? -11.374 5.535   1.924   1.00 13.37 ? 16  ILE E O   1 
ATOM   5    C CB  . ILE A 1 1   ? -10.926 6.326   4.994   1.00 10.35 ? 16  ILE E CB  1 
ATOM   6    C CG1 . ILE A 1 1   ? -9.390  6.515   5.083   1.00 14.63 ? 16  ILE E CG1 1 
ATOM   7    C CG2 . ILE A 1 1   ? -11.400 4.866   4.866   1.00 11.09 ? 16  ILE E CG2 1 
ATOM   8    C CD1 . ILE A 1 1   ? -8.686  5.930   6.326   1.00 13.10 ? 16  ILE E CD1 1 
ATOM   9    N N   . ALA A 1 2   ? -9.866  7.237   1.833   1.00 9.07  ? 17  ALA E N   1 
ATOM   10   C CA  . ALA A 1 2   ? -9.320  6.860   0.504   1.00 7.29  ? 17  ALA E CA  1 
ATOM   11   C C   . ALA A 1 2   ? -7.910  6.317   0.581   1.00 9.68  ? 17  ALA E C   1 
ATOM   12   O O   . ALA A 1 2   ? -7.309  6.318   1.700   1.00 7.49  ? 17  ALA E O   1 
ATOM   13   C CB  . ALA A 1 2   ? -9.457  8.137   -0.390  1.00 8.20  ? 17  ALA E CB  1 
ATOM   14   N N   . GLY A 1 3   ? -7.362  5.890   -0.546  1.00 8.21  ? 18  GLY E N   1 
ATOM   15   C CA  . GLY A 1 3   ? -5.967  5.352   -0.563  1.00 7.44  ? 18  GLY E CA  1 
ATOM   16   C C   . GLY A 1 3   ? -5.033  6.451   -0.019  1.00 10.99 ? 18  GLY E C   1 
ATOM   17   O O   . GLY A 1 3   ? -5.214  7.679   -0.230  1.00 9.69  ? 18  GLY E O   1 
ATOM   18   N N   . GLY A 1 4   ? -3.985  6.029   0.668   1.00 8.83  ? 19  GLY E N   1 
ATOM   19   C CA  . GLY A 1 4   ? -2.949  6.899   1.218   1.00 10.23 ? 19  GLY E CA  1 
ATOM   20   C C   . GLY A 1 4   ? -3.247  7.515   2.571   1.00 10.84 ? 19  GLY E C   1 
ATOM   21   O O   . GLY A 1 4   ? -2.321  8.148   3.106   1.00 11.59 ? 19  GLY E O   1 
ATOM   22   N N   . GLU A 1 5   ? -4.481  7.314   3.087   1.00 11.25 ? 29  GLU E N   1 
ATOM   23   C CA  . GLU A 1 5   ? -4.795  7.955   4.386   1.00 8.25  ? 29  GLU E CA  1 
ATOM   24   C C   . GLU A 1 5   ? -4.471  7.073   5.566   1.00 9.00  ? 29  GLU E C   1 
ATOM   25   O O   . GLU A 1 5   ? -4.349  5.866   5.383   1.00 8.38  ? 29  GLU E O   1 
ATOM   26   C CB  . GLU A 1 5   ? -6.249  8.422   4.384   1.00 8.22  ? 29  GLU E CB  1 
ATOM   27   C CG  . GLU A 1 5   ? -6.490  9.502   3.309   1.00 9.92  ? 29  GLU E CG  1 
ATOM   28   C CD  . GLU A 1 5   ? -7.900  10.083  3.414   1.00 16.73 ? 29  GLU E CD  1 
ATOM   29   O OE1 . GLU A 1 5   ? -8.880  9.741   2.805   1.00 12.80 ? 29  GLU E OE1 1 
ATOM   30   O OE2 . GLU A 1 5   ? -7.934  11.037  4.222   1.00 20.72 ? 29  GLU E OE2 1 
ATOM   31   N N   . ALA A 1 6   ? -4.369  7.707   6.733   1.00 11.27 ? 30  ALA E N   1 
ATOM   32   C CA  . ALA A 1 6   ? -3.970  6.919   7.920   1.00 8.15  ? 30  ALA E CA  1 
ATOM   33   C C   . ALA A 1 6   ? -4.992  5.956   8.417   1.00 7.76  ? 30  ALA E C   1 
ATOM   34   O O   . ALA A 1 6   ? -6.214  6.246   8.448   1.00 8.49  ? 30  ALA E O   1 
ATOM   35   C CB  . ALA A 1 6   ? -3.559  7.950   9.007   1.00 7.67  ? 30  ALA E CB  1 
ATOM   36   N N   . ILE A 1 7   ? -4.502  4.784   8.858   1.00 8.60  ? 31  ILE E N   1 
ATOM   37   C CA  . ILE A 1 7   ? -5.287  3.728   9.498   1.00 8.37  ? 31  ILE E CA  1 
ATOM   38   C C   . ILE A 1 7   ? -4.397  3.408   10.769  1.00 10.81 ? 31  ILE E C   1 
ATOM   39   O O   . ILE A 1 7   ? -3.172  3.401   10.698  1.00 8.95  ? 31  ILE E O   1 
ATOM   40   C CB  . ILE A 1 7   ? -5.626  2.506   8.629   1.00 7.45  ? 31  ILE E CB  1 
ATOM   41   C CG1 . ILE A 1 7   ? -4.336  1.907   8.046   1.00 12.06 ? 31  ILE E CG1 1 
ATOM   42   C CG2 . ILE A 1 7   ? -6.621  2.944   7.481   1.00 9.65  ? 31  ILE E CG2 1 
ATOM   43   C CD1 . ILE A 1 7   ? -4.493  0.451   7.464   1.00 14.19 ? 31  ILE E CD1 1 
ATOM   44   N N   . THR A 1 8   ? -5.086  3.202   11.892  1.00 12.16 ? 32  THR E N   1 
ATOM   45   C CA  . THR A 1 8   ? -4.303  2.981   13.135  1.00 11.14 ? 32  THR E CA  1 
ATOM   46   C C   . THR A 1 8   ? -4.855  1.806   13.925  1.00 11.90 ? 32  THR E C   1 
ATOM   47   O O   . THR A 1 8   ? -5.992  1.378   13.696  1.00 11.76 ? 32  THR E O   1 
ATOM   48   C CB  . THR A 1 8   ? -4.298  4.330   13.970  1.00 13.08 ? 32  THR E CB  1 
ATOM   49   O OG1 . THR A 1 8   ? -5.726  4.565   14.283  1.00 13.25 ? 32  THR E OG1 1 
ATOM   50   C CG2 . THR A 1 8   ? -3.805  5.514   13.143  1.00 13.01 ? 32  THR E CG2 1 
ATOM   51   N N   . THR A 1 9   ? -4.003  1.365   14.847  1.00 12.00 ? 33  THR E N   1 
ATOM   52   C CA  . THR A 1 9   ? -4.357  0.273   15.786  1.00 12.80 ? 33  THR E CA  1 
ATOM   53   C C   . THR A 1 9   ? -3.560  0.654   17.047  1.00 18.90 ? 33  THR E C   1 
ATOM   54   O O   . THR A 1 9   ? -2.334  0.774   16.894  1.00 20.11 ? 33  THR E O   1 
ATOM   55   C CB  . THR A 1 9   ? -4.053  -1.118  15.245  1.00 13.32 ? 33  THR E CB  1 
ATOM   56   O OG1 . THR A 1 9   ? -4.517  -2.093  16.265  1.00 16.07 ? 33  THR E OG1 1 
ATOM   57   C CG2 . THR A 1 9   ? -2.597  -1.441  14.899  1.00 13.70 ? 33  THR E CG2 1 
ATOM   58   N N   . GLY A 1 10  ? -4.228  0.874   18.137  1.00 22.83 ? 34  GLY E N   1 
ATOM   59   C CA  . GLY A 1 10  ? -3.483  1.282   19.384  1.00 27.07 ? 34  GLY E CA  1 
ATOM   60   C C   . GLY A 1 10  ? -2.578  2.461   18.947  1.00 29.67 ? 34  GLY E C   1 
ATOM   61   O O   . GLY A 1 10  ? -3.092  3.361   18.256  1.00 29.41 ? 34  GLY E O   1 
ATOM   62   N N   . GLY A 1 11  ? -1.297  2.385   19.314  1.00 26.07 ? 39  GLY E N   1 
ATOM   63   C CA  . GLY A 1 11  ? -0.396  3.488   18.927  1.00 28.89 ? 39  GLY E CA  1 
ATOM   64   C C   . GLY A 1 11  ? 0.274   3.345   17.565  1.00 28.31 ? 39  GLY E C   1 
ATOM   65   O O   . GLY A 1 11  ? 1.162   4.212   17.293  1.00 30.38 ? 39  GLY E O   1 
ATOM   66   N N   . SER A 1 12  ? -0.067  2.335   16.765  1.00 17.25 ? 40  SER E N   1 
ATOM   67   C CA  . SER A 1 12  ? 0.575   2.129   15.469  1.00 15.93 ? 40  SER E CA  1 
ATOM   68   C C   . SER A 1 12  ? -0.188  2.769   14.297  1.00 16.73 ? 40  SER E C   1 
ATOM   69   O O   . SER A 1 12  ? -1.414  2.678   14.328  1.00 17.26 ? 40  SER E O   1 
ATOM   70   C CB  . SER A 1 12  ? 0.717   0.629   15.137  1.00 20.87 ? 40  SER E CB  1 
ATOM   71   O OG  . SER A 1 12  ? 1.442   0.014   16.195  1.00 26.24 ? 40  SER E OG  1 
ATOM   72   N N   . ARG A 1 13  ? 0.633   3.303   13.374  1.00 13.55 ? 41  ARG E N   1 
ATOM   73   C CA  . ARG A 1 13  ? -0.050  3.917   12.191  1.00 14.43 ? 41  ARG E CA  1 
ATOM   74   C C   . ARG A 1 13  ? 0.529   3.437   10.882  1.00 14.89 ? 41  ARG E C   1 
ATOM   75   O O   . ARG A 1 13  ? 1.761   3.315   10.743  1.00 12.03 ? 41  ARG E O   1 
ATOM   76   C CB  . ARG A 1 13  ? 0.042   5.443   12.338  1.00 15.05 ? 41  ARG E CB  1 
ATOM   77   C CG  . ARG A 1 13  ? -0.605  6.200   11.178  1.00 20.09 ? 41  ARG E CG  1 
ATOM   78   C CD  . ARG A 1 13  ? -0.514  7.682   11.299  1.00 21.47 ? 41  ARG E CD  1 
ATOM   79   N NE  . ARG A 1 13  ? 0.844   8.165   11.550  1.00 15.42 ? 41  ARG E NE  1 
ATOM   80   C CZ  . ARG A 1 13  ? 1.801   8.431   10.661  1.00 23.40 ? 41  ARG E CZ  1 
ATOM   81   N NH1 . ARG A 1 13  ? 1.720   8.313   9.337   1.00 20.17 ? 41  ARG E NH1 1 
ATOM   82   N NH2 . ARG A 1 13  ? 2.970   8.895   11.156  1.00 25.00 ? 41  ARG E NH2 1 
ATOM   83   N N   . CYS A 1 14  ? -0.326  3.120   9.920   1.00 11.13 ? 42  CYS E N   1 
ATOM   84   C CA  . CYS A 1 14  ? 0.093   2.720   8.556   1.00 10.33 ? 42  CYS E CA  1 
ATOM   85   C C   . CYS A 1 14  ? -0.809  3.560   7.625   1.00 10.77 ? 42  CYS E C   1 
ATOM   86   O O   . CYS A 1 14  ? -1.526  4.394   8.219   1.00 10.02 ? 42  CYS E O   1 
ATOM   87   C CB  . CYS A 1 14  ? -0.058  1.236   8.288   1.00 11.97 ? 42  CYS E CB  1 
ATOM   88   S SG  . CYS A 1 14  ? 1.190   0.324   9.307   1.00 11.72 ? 42  CYS E SG  1 
ATOM   89   N N   . SER A 1 15  ? -0.765  3.252   6.357   1.00 8.72  ? 43  SER E N   1 
ATOM   90   C CA  . SER A 1 15  ? -1.633  3.978   5.360   1.00 4.91  ? 43  SER E CA  1 
ATOM   91   C C   . SER A 1 15  ? -2.533  2.965   4.649   1.00 9.22  ? 43  SER E C   1 
ATOM   92   O O   . SER A 1 15  ? -2.153  1.793   4.469   1.00 6.47  ? 43  SER E O   1 
ATOM   93   C CB  . SER A 1 15  ? -0.785  4.713   4.372   1.00 4.47  ? 43  SER E CB  1 
ATOM   94   O OG  . SER A 1 15  ? 0.031   5.695   5.068   1.00 9.89  ? 43  SER E OG  1 
ATOM   95   N N   . LEU A 1 16  ? -3.697  3.432   4.195   1.00 7.15  ? 44  LEU E N   1 
ATOM   96   C CA  . LEU A 1 16  ? -4.633  2.545   3.455   1.00 5.65  ? 44  LEU E CA  1 
ATOM   97   C C   . LEU A 1 16  ? -4.082  2.396   2.067   1.00 6.56  ? 44  LEU E C   1 
ATOM   98   O O   . LEU A 1 16  ? -3.598  3.425   1.482   1.00 4.63  ? 44  LEU E O   1 
ATOM   99   C CB  . LEU A 1 16  ? -6.008  3.238   3.554   1.00 7.31  ? 44  LEU E CB  1 
ATOM   100  C CG  . LEU A 1 16  ? -7.172  2.328   3.140   1.00 11.24 ? 44  LEU E CG  1 
ATOM   101  C CD1 . LEU A 1 16  ? -8.450  2.898   3.725   1.00 11.37 ? 44  LEU E CD1 1 
ATOM   102  C CD2 . LEU A 1 16  ? -7.263  2.296   1.609   1.00 12.75 ? 44  LEU E CD2 1 
ATOM   103  N N   . GLY A 1 17  ? -4.108  1.224   1.471   1.00 4.55  ? 45  GLY E N   1 
ATOM   104  C CA  . GLY A 1 17  ? -3.596  1.025   0.110   1.00 4.38  ? 45  GLY E CA  1 
ATOM   105  C C   . GLY A 1 17  ? -4.733  1.303   -0.886  1.00 5.85  ? 45  GLY E C   1 
ATOM   106  O O   . GLY A 1 17  ? -4.679  2.364   -1.579  1.00 7.61  ? 45  GLY E O   1 
ATOM   107  N N   . PHE A 1 18  ? -5.715  0.420   -0.952  1.00 5.58  ? 46  PHE E N   1 
ATOM   108  C CA  . PHE A 1 18  ? -6.836  0.585   -1.876  1.00 9.42  ? 46  PHE E CA  1 
ATOM   109  C C   . PHE A 1 18  ? -8.088  -0.011  -1.270  1.00 11.56 ? 46  PHE E C   1 
ATOM   110  O O   . PHE A 1 18  ? -7.999  -1.031  -0.626  1.00 8.95  ? 46  PHE E O   1 
ATOM   111  C CB  . PHE A 1 18  ? -6.629  -0.104  -3.264  1.00 5.92  ? 46  PHE E CB  1 
ATOM   112  C CG  . PHE A 1 18  ? -5.441  0.477   -4.021  1.00 8.29  ? 46  PHE E CG  1 
ATOM   113  C CD1 . PHE A 1 18  ? -5.602  1.674   -4.712  1.00 8.00  ? 46  PHE E CD1 1 
ATOM   114  C CD2 . PHE A 1 18  ? -4.208  -0.185  -4.007  1.00 5.72  ? 46  PHE E CD2 1 
ATOM   115  C CE1 . PHE A 1 18  ? -4.505  2.258   -5.399  1.00 9.56  ? 46  PHE E CE1 1 
ATOM   116  C CE2 . PHE A 1 18  ? -3.126  0.388   -4.686  1.00 7.09  ? 46  PHE E CE2 1 
ATOM   117  C CZ  . PHE A 1 18  ? -3.260  1.607   -5.380  1.00 8.06  ? 46  PHE E CZ  1 
ATOM   118  N N   . ASN A 1 19  ? -9.227  0.667   -1.539  1.00 5.80  ? 47  ASN E N   1 
ATOM   119  C CA  . ASN A 1 19  ? -10.523 0.101   -1.083  1.00 6.94  ? 47  ASN E CA  1 
ATOM   120  C C   . ASN A 1 19  ? -10.875 -0.916  -2.180  1.00 10.30 ? 47  ASN E C   1 
ATOM   121  O O   . ASN A 1 19  ? -10.692 -0.650  -3.389  1.00 10.31 ? 47  ASN E O   1 
ATOM   122  C CB  . ASN A 1 19  ? -11.558 1.178   -0.859  1.00 8.17  ? 47  ASN E CB  1 
ATOM   123  C CG  . ASN A 1 19  ? -11.198 1.912   0.451   1.00 10.72 ? 47  ASN E CG  1 
ATOM   124  O OD1 . ASN A 1 19  ? -11.107 1.234   1.480   1.00 8.19  ? 47  ASN E OD1 1 
ATOM   125  N ND2 . ASN A 1 19  ? -10.957 3.201   0.343   1.00 7.98  ? 47  ASN E ND2 1 
ATOM   126  N N   . VAL A 1 20  ? -11.356 -2.105  -1.754  1.00 6.66  ? 48  VAL E N   1 
ATOM   127  C CA  . VAL A 1 20  ? -11.663 -3.150  -2.721  1.00 7.25  ? 48  VAL E CA  1 
ATOM   128  C C   . VAL A 1 20  ? -12.974 -3.845  -2.304  1.00 8.92  ? 48  VAL E C   1 
ATOM   129  O O   . VAL A 1 20  ? -13.472 -3.603  -1.193  1.00 8.83  ? 48  VAL E O   1 
ATOM   130  C CB  . VAL A 1 20  ? -10.490 -4.186  -2.753  1.00 11.14 ? 48  VAL E CB  1 
ATOM   131  C CG1 . VAL A 1 20  ? -9.139  -3.589  -3.165  1.00 11.04 ? 48  VAL E CG1 1 
ATOM   132  C CG2 . VAL A 1 20  ? -10.379 -4.893  -1.381  1.00 5.53  ? 48  VAL E CG2 1 
ATOM   133  N N   . SER A 1 21  A -13.420 -4.681  -3.208  1.00 6.63  ? 48  SER E N   1 
ATOM   134  C CA  . SER A 1 21  A -14.648 -5.457  -2.950  1.00 9.11  ? 48  SER E CA  1 
ATOM   135  C C   . SER A 1 21  A -14.358 -6.933  -3.025  1.00 10.77 ? 48  SER E C   1 
ATOM   136  O O   . SER A 1 21  A -13.584 -7.379  -3.909  1.00 12.44 ? 48  SER E O   1 
ATOM   137  C CB  . SER A 1 21  A -15.633 -4.963  -4.062  1.00 13.91 ? 48  SER E CB  1 
ATOM   138  O OG  . SER A 1 21  A -16.770 -5.789  -3.909  1.00 19.46 ? 48  SER E OG  1 
ATOM   139  N N   . VAL A 1 22  B -14.940 -7.705  -2.111  1.00 10.90 ? 48  VAL E N   1 
ATOM   140  C CA  . VAL A 1 22  B -14.800 -9.175  -2.120  1.00 10.82 ? 48  VAL E CA  1 
ATOM   141  C C   . VAL A 1 22  B -16.267 -9.628  -2.160  1.00 14.50 ? 48  VAL E C   1 
ATOM   142  O O   . VAL A 1 22  B -16.928 -9.450  -1.140  1.00 13.14 ? 48  VAL E O   1 
ATOM   143  C CB  . VAL A 1 22  B -14.042 -9.744  -0.915  1.00 14.39 ? 48  VAL E CB  1 
ATOM   144  C CG1 . VAL A 1 22  B -14.093 -11.276 -0.977  1.00 11.25 ? 48  VAL E CG1 1 
ATOM   145  C CG2 . VAL A 1 22  B -12.648 -9.164  -0.785  1.00 10.73 ? 48  VAL E CG2 1 
ATOM   146  N N   . ASN A 1 23  C -16.729 -10.136 -3.276  1.00 15.96 ? 48  ASN E N   1 
ATOM   147  C CA  . ASN A 1 23  C -18.144 -10.573 -3.382  1.00 21.62 ? 48  ASN E CA  1 
ATOM   148  C C   . ASN A 1 23  C -19.099 -9.497  -2.856  1.00 19.96 ? 48  ASN E C   1 
ATOM   149  O O   . ASN A 1 23  C -19.987 -9.869  -2.075  1.00 18.95 ? 48  ASN E O   1 
ATOM   150  C CB  . ASN A 1 23  C -18.428 -11.861 -2.565  1.00 32.43 ? 48  ASN E CB  1 
ATOM   151  C CG  . ASN A 1 23  C -17.565 -13.029 -3.018  1.00 47.32 ? 48  ASN E CG  1 
ATOM   152  O OD1 . ASN A 1 23  C -17.306 -13.128 -4.238  1.00 53.13 ? 48  ASN E OD1 1 
ATOM   153  N ND2 . ASN A 1 23  C -17.123 -13.860 -2.064  1.00 54.16 ? 48  ASN E ND2 1 
ATOM   154  N N   . GLY A 1 24  D -18.880 -8.275  -3.274  1.00 16.08 ? 48  GLY E N   1 
ATOM   155  C CA  . GLY A 1 24  D -19.707 -7.156  -2.871  1.00 18.98 ? 48  GLY E CA  1 
ATOM   156  C C   . GLY A 1 24  D -19.452 -6.547  -1.493  1.00 16.37 ? 48  GLY E C   1 
ATOM   157  O O   . GLY A 1 24  D -20.062 -5.520  -1.224  1.00 19.10 ? 48  GLY E O   1 
ATOM   158  N N   . VAL A 1 25  ? -18.594 -7.128  -0.681  1.00 13.05 ? 49  VAL E N   1 
ATOM   159  C CA  . VAL A 1 25  ? -18.271 -6.667  0.648   1.00 12.54 ? 49  VAL E CA  1 
ATOM   160  C C   . VAL A 1 25  ? -17.001 -5.803  0.630   1.00 12.29 ? 49  VAL E C   1 
ATOM   161  O O   . VAL A 1 25  ? -15.947 -6.224  0.137   1.00 9.94  ? 49  VAL E O   1 
ATOM   162  C CB  . VAL A 1 25  ? -18.116 -7.878  1.599   1.00 13.15 ? 49  VAL E CB  1 
ATOM   163  C CG1 . VAL A 1 25  ? -17.789 -7.380  3.009   1.00 14.42 ? 49  VAL E CG1 1 
ATOM   164  C CG2 . VAL A 1 25  ? -19.348 -8.763  1.529   1.00 15.05 ? 49  VAL E CG2 1 
ATOM   165  N N   . ALA A 1 26  ? -17.194 -4.588  1.135   1.00 9.95  ? 50  ALA E N   1 
ATOM   166  C CA  . ALA A 1 26  ? -16.141 -3.578  1.197   1.00 10.54 ? 50  ALA E CA  1 
ATOM   167  C C   . ALA A 1 26  ? -15.007 -3.922  2.172   1.00 8.98  ? 50  ALA E C   1 
ATOM   168  O O   . ALA A 1 26  ? -15.224 -4.184  3.352   1.00 8.97  ? 50  ALA E O   1 
ATOM   169  C CB  . ALA A 1 26  ? -16.715 -2.206  1.626   1.00 11.86 ? 50  ALA E CB  1 
ATOM   170  N N   . HIS A 1 27  ? -13.777 -3.877  1.612   1.00 5.86  ? 51  HIS E N   1 
ATOM   171  C CA  . HIS A 1 27  ? -12.574 -4.149  2.384   1.00 6.06  ? 51  HIS E CA  1 
ATOM   172  C C   . HIS A 1 27  ? -11.500 -3.130  1.964   1.00 6.60  ? 51  HIS E C   1 
ATOM   173  O O   . HIS A 1 27  ? -11.689 -2.326  1.009   1.00 7.83  ? 51  HIS E O   1 
ATOM   174  C CB  . HIS A 1 27  ? -11.947 -5.546  2.129   1.00 7.12  ? 51  HIS E CB  1 
ATOM   175  C CG  . HIS A 1 27  ? -12.775 -6.714  2.584   1.00 6.57  ? 51  HIS E CG  1 
ATOM   176  N ND1 . HIS A 1 27  ? -13.980 -7.086  1.936   1.00 7.93  ? 51  HIS E ND1 1 
ATOM   177  C CD2 . HIS A 1 27  ? -12.535 -7.607  3.575   1.00 8.76  ? 51  HIS E CD2 1 
ATOM   178  C CE1 . HIS A 1 27  ? -14.423 -8.191  2.550   1.00 10.44 ? 51  HIS E CE1 1 
ATOM   179  N NE2 . HIS A 1 27  ? -13.599 -8.495  3.555   1.00 6.10  ? 51  HIS E NE2 1 
ATOM   180  N N   . ALA A 1 28  ? -10.412 -3.163  2.707   1.00 6.69  ? 52  ALA E N   1 
ATOM   181  C CA  . ALA A 1 28  ? -9.285  -2.278  2.407   1.00 5.44  ? 52  ALA E CA  1 
ATOM   182  C C   . ALA A 1 28  ? -7.960  -3.096  2.409   1.00 7.68  ? 52  ALA E C   1 
ATOM   183  O O   . ALA A 1 28  ? -7.812  -3.847  3.344   1.00 6.57  ? 52  ALA E O   1 
ATOM   184  C CB  . ALA A 1 28  ? -9.170  -1.120  3.376   1.00 5.91  ? 52  ALA E CB  1 
ATOM   185  N N   . LEU A 1 29  ? -7.167  -2.852  1.392   1.00 6.84  ? 53  LEU E N   1 
ATOM   186  C CA  . LEU A 1 29  ? -5.830  -3.547  1.380   1.00 7.28  ? 53  LEU E CA  1 
ATOM   187  C C   . LEU A 1 29  ? -4.838  -2.612  2.044   1.00 8.63  ? 53  LEU E C   1 
ATOM   188  O O   . LEU A 1 29  ? -4.923  -1.391  1.855   1.00 8.16  ? 53  LEU E O   1 
ATOM   189  C CB  . LEU A 1 29  ? -5.367  -3.773  -0.047  1.00 10.38 ? 53  LEU E CB  1 
ATOM   190  C CG  . LEU A 1 29  ? -5.437  -5.058  -0.811  1.00 21.81 ? 53  LEU E CG  1 
ATOM   191  C CD1 . LEU A 1 29  ? -6.342  -6.104  -0.211  1.00 12.44 ? 53  LEU E CD1 1 
ATOM   192  C CD2 . LEU A 1 29  ? -5.791  -4.819  -2.281  1.00 11.20 ? 53  LEU E CD2 1 
ATOM   193  N N   . THR A 1 30  ? -3.846  -3.211  2.708   1.00 6.66  ? 54  THR E N   1 
ATOM   194  C CA  . THR A 1 30  ? -2.751  -2.430  3.331   1.00 4.30  ? 54  THR E CA  1 
ATOM   195  C C   . THR A 1 30  ? -1.518  -3.394  3.396   1.00 4.68  ? 54  THR E C   1 
ATOM   196  O O   . THR A 1 30  ? -1.596  -4.488  2.754   1.00 5.08  ? 54  THR E O   1 
ATOM   197  C CB  . THR A 1 30  ? -3.148  -1.836  4.708   1.00 6.67  ? 54  THR E CB  1 
ATOM   198  O OG1 . THR A 1 30  ? -2.021  -0.964  5.104   1.00 7.63  ? 54  THR E OG1 1 
ATOM   199  C CG2 . THR A 1 30  ? -3.407  -2.945  5.781   1.00 8.31  ? 54  THR E CG2 1 
ATOM   200  N N   . ALA A 1 31  ? -0.466  -2.956  4.078   1.00 5.51  ? 55  ALA E N   1 
ATOM   201  C CA  . ALA A 1 31  ? 0.731   -3.864  4.115   1.00 7.36  ? 55  ALA E CA  1 
ATOM   202  C C   . ALA A 1 31  ? 0.508   -4.964  5.146   1.00 7.83  ? 55  ALA E C   1 
ATOM   203  O O   . ALA A 1 31  ? -0.107  -4.751  6.212   1.00 7.58  ? 55  ALA E O   1 
ATOM   204  C CB  . ALA A 1 31  ? 1.987   -3.035  4.485   1.00 8.60  ? 55  ALA E CB  1 
ATOM   205  N N   . GLY A 1 32  ? 1.049   -6.151  4.838   1.00 5.85  ? 56  GLY E N   1 
ATOM   206  C CA  . GLY A 1 32  ? 0.939   -7.295  5.755   1.00 7.99  ? 56  GLY E CA  1 
ATOM   207  C C   . GLY A 1 32  ? 1.708   -7.045  7.050   1.00 7.67  ? 56  GLY E C   1 
ATOM   208  O O   . GLY A 1 32  ? 1.258   -7.507  8.105   1.00 7.58  ? 56  GLY E O   1 
ATOM   209  N N   . HIS A 1 33  ? 2.839   -6.334  6.971   1.00 8.17  ? 57  HIS E N   1 
ATOM   210  C CA  . HIS A 1 33  ? 3.640   -6.082  8.213   1.00 9.17  ? 57  HIS E CA  1 
ATOM   211  C C   . HIS A 1 33  ? 2.824   -5.185  9.140   1.00 9.70  ? 57  HIS E C   1 
ATOM   212  O O   . HIS A 1 33  ? 3.082   -5.171  10.371  1.00 9.48  ? 57  HIS E O   1 
ATOM   213  C CB  . HIS A 1 33  ? 5.056   -5.589  7.915   1.00 5.40  ? 57  HIS E CB  1 
ATOM   214  C CG  . HIS A 1 33  ? 5.192   -4.176  7.390   1.00 10.73 ? 57  HIS E CG  1 
ATOM   215  N ND1 . HIS A 1 33  ? 5.394   -3.866  6.082   1.00 13.74 ? 57  HIS E ND1 1 
ATOM   216  C CD2 . HIS A 1 33  ? 5.290   -2.998  8.078   1.00 8.14  ? 57  HIS E CD2 1 
ATOM   217  C CE1 . HIS A 1 33  ? 5.508   -2.564  5.918   1.00 8.06  ? 57  HIS E CE1 1 
ATOM   218  N NE2 . HIS A 1 33  ? 5.466   -2.022  7.122   1.00 10.47 ? 57  HIS E NE2 1 
ATOM   219  N N   . CYS A 1 34  ? 1.816   -4.470  8.588   1.00 7.30  ? 58  CYS E N   1 
ATOM   220  C CA  . CYS A 1 34  ? 0.933   -3.671  9.417   1.00 5.64  ? 58  CYS E CA  1 
ATOM   221  C C   . CYS A 1 34  ? -0.187  -4.562  10.007  1.00 8.64  ? 58  CYS E C   1 
ATOM   222  O O   . CYS A 1 34  ? -0.358  -4.544  11.223  1.00 7.34  ? 58  CYS E O   1 
ATOM   223  C CB  . CYS A 1 34  ? 0.243   -2.515  8.650   1.00 6.48  ? 58  CYS E CB  1 
ATOM   224  S SG  . CYS A 1 34  ? 1.510   -1.305  8.117   1.00 11.74 ? 58  CYS E SG  1 
ATOM   225  N N   . THR A 1 35  ? -0.899  -5.310  9.160   1.00 8.82  ? 59  THR E N   1 
ATOM   226  C CA  . THR A 1 35  ? -2.000  -6.165  9.668   1.00 6.96  ? 59  THR E CA  1 
ATOM   227  C C   . THR A 1 35  ? -1.492  -7.245  10.626  1.00 8.47  ? 59  THR E C   1 
ATOM   228  O O   . THR A 1 35  ? -2.285  -7.727  11.442  1.00 9.26  ? 59  THR E O   1 
ATOM   229  C CB  . THR A 1 35  ? -2.922  -6.758  8.541   1.00 6.86  ? 59  THR E CB  1 
ATOM   230  O OG1 . THR A 1 35  ? -2.016  -7.184  7.503   1.00 7.61  ? 59  THR E OG1 1 
ATOM   231  C CG2 . THR A 1 35  ? -3.863  -5.694  7.952   1.00 9.80  ? 59  THR E CG2 1 
ATOM   232  N N   . ASN A 1 36  ? -0.171  -7.575  10.520  1.00 7.66  ? 62  ASN E N   1 
ATOM   233  C CA  . ASN A 1 36  ? 0.308   -8.625  11.497  1.00 11.82 ? 62  ASN E CA  1 
ATOM   234  C C   . ASN A 1 36  ? 0.177   -8.122  12.939  1.00 11.00 ? 62  ASN E C   1 
ATOM   235  O O   . ASN A 1 36  ? 0.105   -8.943  13.882  1.00 14.23 ? 62  ASN E O   1 
ATOM   236  C CB  . ASN A 1 36  ? 1.784   -8.918  11.187  1.00 8.93  ? 62  ASN E CB  1 
ATOM   237  C CG  . ASN A 1 36  ? 2.005   -10.017 10.162  1.00 10.73 ? 62  ASN E CG  1 
ATOM   238  O OD1 . ASN A 1 36  ? 1.046   -10.389 9.436   1.00 11.19 ? 62  ASN E OD1 1 
ATOM   239  N ND2 . ASN A 1 36  ? 3.230   -10.533 10.043  1.00 8.32  ? 62  ASN E ND2 1 
ATOM   240  N N   . ILE A 1 37  ? 0.253   -6.796  13.105  1.00 10.76 ? 63  ILE E N   1 
ATOM   241  C CA  . ILE A 1 37  ? 0.220   -6.197  14.440  1.00 9.82  ? 63  ILE E CA  1 
ATOM   242  C C   . ILE A 1 37  ? -1.016  -6.529  15.259  1.00 13.43 ? 63  ILE E C   1 
ATOM   243  O O   . ILE A 1 37  ? -0.909  -6.910  16.441  1.00 11.29 ? 63  ILE E O   1 
ATOM   244  C CB  . ILE A 1 37  ? 0.370   -4.620  14.373  1.00 9.86  ? 63  ILE E CB  1 
ATOM   245  C CG1 . ILE A 1 37  ? 1.699   -4.199  13.704  1.00 12.20 ? 63  ILE E CG1 1 
ATOM   246  C CG2 . ILE A 1 37  ? 0.218   -3.985  15.801  1.00 14.06 ? 63  ILE E CG2 1 
ATOM   247  C CD1 . ILE A 1 37  ? 1.700   -2.682  13.308  1.00 19.79 ? 63  ILE E CD1 1 
ATOM   248  N N   . SER A 1 38  ? -2.187  -6.352  14.652  1.00 12.74 ? 64  SER E N   1 
ATOM   249  C CA  . SER A 1 38  ? -3.453  -6.580  15.376  1.00 12.95 ? 64  SER E CA  1 
ATOM   250  C C   . SER A 1 38  ? -4.619  -6.878  14.441  1.00 10.89 ? 64  SER E C   1 
ATOM   251  O O   . SER A 1 38  ? -4.512  -6.509  13.251  1.00 10.94 ? 64  SER E O   1 
ATOM   252  C CB  . SER A 1 38  ? -3.766  -5.231  16.049  1.00 13.77 ? 64  SER E CB  1 
ATOM   253  O OG  . SER A 1 38  ? -5.003  -5.220  16.704  1.00 19.36 ? 64  SER E OG  1 
ATOM   254  N N   . ALA A 1 39  ? -5.682  -7.433  15.008  1.00 8.87  ? 65  ALA E N   1 
ATOM   255  C CA  . ALA A 1 39  ? -6.887  -7.691  14.229  1.00 10.28 ? 65  ALA E CA  1 
ATOM   256  C C   . ALA A 1 39  ? -7.792  -6.439  14.277  1.00 13.67 ? 65  ALA E C   1 
ATOM   257  O O   . ALA A 1 39  ? -8.706  -6.372  13.439  1.00 15.01 ? 65  ALA E O   1 
ATOM   258  C CB  . ALA A 1 39  ? -7.681  -8.847  14.765  1.00 10.47 ? 65  ALA E CB  1 
ATOM   259  N N   . SER A 1 40  A -7.588  -5.531  15.209  1.00 10.93 ? 65  SER E N   1 
ATOM   260  C CA  . SER A 1 40  A -8.486  -4.380  15.367  1.00 12.16 ? 65  SER E CA  1 
ATOM   261  C C   . SER A 1 40  A -7.894  -3.079  14.856  1.00 12.63 ? 65  SER E C   1 
ATOM   262  O O   . SER A 1 40  A -6.860  -2.611  15.336  1.00 14.02 ? 65  SER E O   1 
ATOM   263  C CB  . SER A 1 40  A -8.945  -4.339  16.849  1.00 15.03 ? 65  SER E CB  1 
ATOM   264  O OG  . SER A 1 40  A -9.777  -3.191  17.056  1.00 30.71 ? 65  SER E OG  1 
ATOM   265  N N   . TRP A 1 41  ? -8.576  -2.493  13.870  1.00 9.85  ? 66  TRP E N   1 
ATOM   266  C CA  . TRP A 1 41  ? -8.145  -1.261  13.227  1.00 8.92  ? 66  TRP E CA  1 
ATOM   267  C C   . TRP A 1 41  ? -9.205  -0.188  13.340  1.00 7.13  ? 66  TRP E C   1 
ATOM   268  O O   . TRP A 1 41  ? -10.374 -0.500  13.508  1.00 10.19 ? 66  TRP E O   1 
ATOM   269  C CB  . TRP A 1 41  ? -7.836  -1.586  11.699  1.00 8.60  ? 66  TRP E CB  1 
ATOM   270  C CG  . TRP A 1 41  ? -6.590  -2.405  11.666  1.00 11.20 ? 66  TRP E CG  1 
ATOM   271  C CD1 . TRP A 1 41  ? -6.493  -3.766  11.872  1.00 8.27  ? 66  TRP E CD1 1 
ATOM   272  C CD2 . TRP A 1 41  ? -5.253  -1.905  11.533  1.00 7.78  ? 66  TRP E CD2 1 
ATOM   273  N NE1 . TRP A 1 41  ? -5.134  -4.133  11.835  1.00 10.49 ? 66  TRP E NE1 1 
ATOM   274  C CE2 . TRP A 1 41  ? -4.374  -2.999  11.655  1.00 10.70 ? 66  TRP E CE2 1 
ATOM   275  C CE3 . TRP A 1 41  ? -4.737  -0.622  11.334  1.00 12.26 ? 66  TRP E CE3 1 
ATOM   276  C CZ2 . TRP A 1 41  ? -2.999  -2.852  11.558  1.00 11.10 ? 66  TRP E CZ2 1 
ATOM   277  C CZ3 . TRP A 1 41  ? -3.358  -0.485  11.241  1.00 17.44 ? 66  TRP E CZ3 1 
ATOM   278  C CH2 . TRP A 1 41  ? -2.500  -1.574  11.335  1.00 9.93  ? 66  TRP E CH2 1 
ATOM   279  N N   . SER A 1 42  ? -8.755  1.046   13.189  1.00 9.60  ? 84  SER E N   1 
ATOM   280  C CA  . SER A 1 42  ? -9.704  2.200   13.214  1.00 13.38 ? 84  SER E CA  1 
ATOM   281  C C   . SER A 1 42  ? -10.860 1.972   12.243  1.00 13.57 ? 84  SER E C   1 
ATOM   282  O O   . SER A 1 42  ? -11.990 2.396   12.589  1.00 16.98 ? 84  SER E O   1 
ATOM   283  C CB  . SER A 1 42  ? -8.952  3.476   12.849  1.00 11.30 ? 84  SER E CB  1 
ATOM   284  O OG  . SER A 1 42  ? -8.249  3.285   11.616  1.00 11.14 ? 84  SER E OG  1 
ATOM   285  N N   . ILE A 1 43  ? -10.570 1.334   11.099  1.00 9.53  ? 85  ILE E N   1 
ATOM   286  C CA  . ILE A 1 43  ? -11.645 1.150   10.075  1.00 8.96  ? 85  ILE E CA  1 
ATOM   287  C C   . ILE A 1 43  ? -12.392 -0.149  10.103  1.00 8.39  ? 85  ILE E C   1 
ATOM   288  O O   . ILE A 1 43  ? -13.379 -0.286  9.312   1.00 7.78  ? 85  ILE E O   1 
ATOM   289  C CB  . ILE A 1 43  ? -11.126 1.378   8.590   1.00 9.73  ? 85  ILE E CB  1 
ATOM   290  C CG1 . ILE A 1 43  ? -9.951  0.411   8.261   1.00 13.25 ? 85  ILE E CG1 1 
ATOM   291  C CG2 . ILE A 1 43  ? -10.683 2.857   8.363   1.00 13.62 ? 85  ILE E CG2 1 
ATOM   292  C CD1 . ILE A 1 43  ? -9.601  0.245   6.756   1.00 17.68 ? 85  ILE E CD1 1 
ATOM   293  N N   . GLY A 1 44  ? -11.890 -1.066  10.952  1.00 7.91  ? 86  GLY E N   1 
ATOM   294  C CA  . GLY A 1 44  ? -12.611 -2.366  10.907  1.00 7.85  ? 86  GLY E CA  1 
ATOM   295  C C   . GLY A 1 44  ? -11.718 -3.478  11.423  1.00 8.25  ? 86  GLY E C   1 
ATOM   296  O O   . GLY A 1 44  ? -10.800 -3.209  12.197  1.00 9.07  ? 86  GLY E O   1 
ATOM   297  N N   . THR A 1 45  ? -12.123 -4.684  10.999  1.00 7.68  ? 87  THR E N   1 
ATOM   298  C CA  . THR A 1 45  ? -11.437 -5.913  11.457  1.00 3.73  ? 87  THR E CA  1 
ATOM   299  C C   . THR A 1 45  ? -10.615 -6.563  10.361  1.00 6.38  ? 87  THR E C   1 
ATOM   300  O O   . THR A 1 45  ? -11.062 -6.772  9.222   1.00 8.22  ? 87  THR E O   1 
ATOM   301  C CB  . THR A 1 45  ? -12.528 -6.986  11.934  1.00 10.73 ? 87  THR E CB  1 
ATOM   302  O OG1 . THR A 1 45  ? -13.317 -6.317  12.970  1.00 8.97  ? 87  THR E OG1 1 
ATOM   303  C CG2 . THR A 1 45  ? -11.917 -8.288  12.478  1.00 11.77 ? 87  THR E CG2 1 
ATOM   304  N N   . ARG A 1 46  ? -9.398  -6.967  10.750  1.00 7.44  ? 88  ARG E N   1 
ATOM   305  C CA  . ARG A 1 46  ? -8.499  -7.645  9.803   1.00 5.71  ? 88  ARG E CA  1 
ATOM   306  C C   . ARG A 1 46  ? -9.085  -8.955  9.356   1.00 7.89  ? 88  ARG E C   1 
ATOM   307  O O   . ARG A 1 46  ? -9.523  -9.686  10.292  1.00 8.13  ? 88  ARG E O   1 
ATOM   308  C CB  . ARG A 1 46  ? -7.161  -7.896  10.544  1.00 6.96  ? 88  ARG E CB  1 
ATOM   309  C CG  . ARG A 1 46  ? -6.117  -8.630  9.675   1.00 8.00  ? 88  ARG E CG  1 
ATOM   310  C CD  . ARG A 1 46  ? -4.965  -9.079  10.579  1.00 8.86  ? 88  ARG E CD  1 
ATOM   311  N NE  . ARG A 1 46  ? -5.396  -10.091 11.531  1.00 12.47 ? 88  ARG E NE  1 
ATOM   312  C CZ  . ARG A 1 46  ? -4.621  -10.431 12.582  1.00 11.27 ? 88  ARG E CZ  1 
ATOM   313  N NH1 . ARG A 1 46  ? -3.457  -9.816  12.828  1.00 8.17  ? 88  ARG E NH1 1 
ATOM   314  N NH2 . ARG A 1 46  ? -5.041  -11.386 13.397  1.00 9.97  ? 88  ARG E NH2 1 
ATOM   315  N N   . THR A 1 47  ? -9.113  -9.299  8.092   1.00 7.87  ? 89  THR E N   1 
ATOM   316  C CA  . THR A 1 47  ? -9.614  -10.648 7.691   1.00 10.04 ? 89  THR E CA  1 
ATOM   317  C C   . THR A 1 47  ? -8.537  -11.433 6.965   1.00 9.52  ? 89  THR E C   1 
ATOM   318  O O   . THR A 1 47  ? -8.808  -12.604 6.548   1.00 10.34 ? 89  THR E O   1 
ATOM   319  C CB  . THR A 1 47  ? -10.942 -10.577 6.873   1.00 11.02 ? 89  THR E CB  1 
ATOM   320  O OG1 . THR A 1 47  ? -10.654 -9.723  5.732   1.00 10.50 ? 89  THR E OG1 1 
ATOM   321  C CG2 . THR A 1 47  ? -12.061 -10.026 7.768   1.00 11.75 ? 89  THR E CG2 1 
ATOM   322  N N   . GLY A 1 48  ? -7.326  -10.884 6.843   1.00 7.82  ? 90  GLY E N   1 
ATOM   323  C CA  . GLY A 1 48  ? -6.258  -11.653 6.163   1.00 8.08  ? 90  GLY E CA  1 
ATOM   324  C C   . GLY A 1 48  ? -4.925  -10.901 6.339   1.00 10.95 ? 90  GLY E C   1 
ATOM   325  O O   . GLY A 1 48  ? -4.957  -9.664  6.398   1.00 7.03  ? 90  GLY E O   1 
ATOM   326  N N   . THR A 1 49  ? -3.847  -11.676 6.361   1.00 5.06  ? 91  THR E N   1 
ATOM   327  C CA  . THR A 1 49  ? -2.514  -11.053 6.489   1.00 6.80  ? 91  THR E CA  1 
ATOM   328  C C   . THR A 1 49  ? -1.432  -12.022 5.928   1.00 5.65  ? 91  THR E C   1 
ATOM   329  O O   . THR A 1 49  ? -1.630  -13.225 6.129   1.00 6.19  ? 91  THR E O   1 
ATOM   330  C CB  . THR A 1 49  ? -2.196  -10.549 7.910   1.00 4.74  ? 91  THR E CB  1 
ATOM   331  O OG1 . THR A 1 49  ? -1.032  -9.668  7.759   1.00 7.90  ? 91  THR E OG1 1 
ATOM   332  C CG2 . THR A 1 49  ? -1.959  -11.622 9.001   1.00 10.07 ? 91  THR E CG2 1 
ATOM   333  N N   . SER A 1 50  ? -0.403  -11.434 5.353   1.00 6.36  ? 93  SER E N   1 
ATOM   334  C CA  . SER A 1 50  ? 0.682   -12.253 4.796   1.00 7.26  ? 93  SER E CA  1 
ATOM   335  C C   . SER A 1 50  ? 1.980   -11.444 4.828   1.00 7.09  ? 93  SER E C   1 
ATOM   336  O O   . SER A 1 50  ? 2.208   -10.606 3.953   1.00 6.57  ? 93  SER E O   1 
ATOM   337  C CB  . SER A 1 50  ? 0.389   -12.673 3.345   1.00 8.23  ? 93  SER E CB  1 
ATOM   338  O OG  . SER A 1 50  ? 1.274   -13.768 3.013   1.00 9.42  ? 93  SER E OG  1 
ATOM   339  N N   . PHE A 1 51  ? 2.828   -11.727 5.782   1.00 7.85  ? 94  PHE E N   1 
ATOM   340  C CA  . PHE A 1 51  ? 4.160   -11.057 5.896   1.00 7.58  ? 94  PHE E CA  1 
ATOM   341  C C   . PHE A 1 51  ? 5.028   -11.921 6.826   1.00 5.53  ? 94  PHE E C   1 
ATOM   342  O O   . PHE A 1 51  ? 4.553   -12.364 7.911   1.00 6.30  ? 94  PHE E O   1 
ATOM   343  C CB  . PHE A 1 51  ? 4.004   -9.602  6.409   1.00 6.30  ? 94  PHE E CB  1 
ATOM   344  C CG  . PHE A 1 51  ? 5.391   -8.948  6.655   1.00 6.19  ? 94  PHE E CG  1 
ATOM   345  C CD1 . PHE A 1 51  ? 6.011   -8.309  5.606   1.00 7.24  ? 94  PHE E CD1 1 
ATOM   346  C CD2 . PHE A 1 51  ? 5.983   -9.054  7.921   1.00 6.05  ? 94  PHE E CD2 1 
ATOM   347  C CE1 . PHE A 1 51  ? 7.257   -7.721  5.798   1.00 9.98  ? 94  PHE E CE1 1 
ATOM   348  C CE2 . PHE A 1 51  ? 7.214   -8.465  8.156   1.00 8.54  ? 94  PHE E CE2 1 
ATOM   349  C CZ  . PHE A 1 51  ? 7.854   -7.802  7.063   1.00 9.41  ? 94  PHE E CZ  1 
ATOM   350  N N   . PRO A 1 52  A 6.297   -12.137 6.511   1.00 6.07  ? 99  PRO E N   1 
ATOM   351  C CA  . PRO A 1 52  A 7.017   -11.690 5.312   1.00 5.76  ? 99  PRO E CA  1 
ATOM   352  C C   . PRO A 1 52  A 6.801   -12.610 4.134   1.00 9.13  ? 99  PRO E C   1 
ATOM   353  O O   . PRO A 1 52  A 5.734   -13.231 4.024   1.00 9.15  ? 99  PRO E O   1 
ATOM   354  C CB  . PRO A 1 52  A 8.473   -11.586 5.807   1.00 7.51  ? 99  PRO E CB  1 
ATOM   355  C CG  . PRO A 1 52  A 8.595   -12.793 6.723   1.00 6.05  ? 99  PRO E CG  1 
ATOM   356  C CD  . PRO A 1 52  A 7.192   -12.898 7.423   1.00 5.61  ? 99  PRO E CD  1 
ATOM   357  N N   . ASN A 1 53  ? 7.748   -12.718 3.190   1.00 7.63  ? 100 ASN E N   1 
ATOM   358  C CA  . ASN A 1 53  ? 7.573   -13.504 1.940   1.00 8.23  ? 100 ASN E CA  1 
ATOM   359  C C   . ASN A 1 53  ? 6.780   -12.495 1.040   1.00 10.01 ? 100 ASN E C   1 
ATOM   360  O O   . ASN A 1 53  ? 7.324   -11.918 0.106   1.00 9.31  ? 100 ASN E O   1 
ATOM   361  C CB  . ASN A 1 53  ? 6.958   -14.864 2.059   1.00 9.52  ? 100 ASN E CB  1 
ATOM   362  C CG  . ASN A 1 53  ? 6.803   -15.514 0.682   1.00 16.14 ? 100 ASN E CG  1 
ATOM   363  O OD1 . ASN A 1 53  ? 7.654   -15.388 -0.193  1.00 16.80 ? 100 ASN E OD1 1 
ATOM   364  N ND2 . ASN A 1 53  ? 5.747   -16.302 0.409   1.00 11.80 ? 100 ASN E ND2 1 
ATOM   365  N N   . ASN A 1 54  ? 5.509   -12.339 1.436   1.00 9.39  ? 101 ASN E N   1 
ATOM   366  C CA  . ASN A 1 54  ? 4.656   -11.305 0.780   1.00 7.59  ? 101 ASN E CA  1 
ATOM   367  C C   . ASN A 1 54  ? 4.622   -10.126 1.764   1.00 8.51  ? 101 ASN E C   1 
ATOM   368  O O   . ASN A 1 54  ? 5.191   -10.109 2.846   1.00 7.85  ? 101 ASN E O   1 
ATOM   369  C CB  . ASN A 1 54  ? 3.219   -11.744 0.563   1.00 10.01 ? 101 ASN E CB  1 
ATOM   370  C CG  . ASN A 1 54  ? 3.005   -13.059 -0.132  1.00 12.27 ? 101 ASN E CG  1 
ATOM   371  O OD1 . ASN A 1 54  ? 2.383   -13.986 0.401   1.00 16.68 ? 101 ASN E OD1 1 
ATOM   372  N ND2 . ASN A 1 54  ? 3.565   -13.110 -1.327  1.00 11.60 ? 101 ASN E ND2 1 
ATOM   373  N N   . ASP A 1 55  ? 3.897   -9.045  1.322   1.00 6.79  ? 102 ASP E N   1 
ATOM   374  C CA  . ASP A 1 55  ? 3.690   -7.891  2.205   1.00 6.81  ? 102 ASP E CA  1 
ATOM   375  C C   . ASP A 1 55  ? 2.281   -7.325  1.893   1.00 6.19  ? 102 ASP E C   1 
ATOM   376  O O   . ASP A 1 55  ? 2.214   -6.199  1.404   1.00 7.46  ? 102 ASP E O   1 
ATOM   377  C CB  . ASP A 1 55  ? 4.803   -6.844  2.235   1.00 5.20  ? 102 ASP E CB  1 
ATOM   378  C CG  . ASP A 1 55  ? 4.718   -5.983  3.492   1.00 6.74  ? 102 ASP E CG  1 
ATOM   379  O OD1 . ASP A 1 55  ? 5.605   -5.151  3.758   1.00 8.92  ? 102 ASP E OD1 1 
ATOM   380  O OD2 . ASP A 1 55  ? 3.747   -6.084  4.297   1.00 8.45  ? 102 ASP E OD2 1 
ATOM   381  N N   . TYR A 1 56  ? 1.257   -8.081  2.220   1.00 4.97  ? 103 TYR E N   1 
ATOM   382  C CA  . TYR A 1 56  ? -0.149  -7.551  2.043   1.00 7.74  ? 103 TYR E CA  1 
ATOM   383  C C   . TYR A 1 56  ? -1.057  -8.072  3.133   1.00 8.06  ? 103 TYR E C   1 
ATOM   384  O O   . TYR A 1 56  ? -0.759  -9.075  3.804   1.00 7.58  ? 103 TYR E O   1 
ATOM   385  C CB  . TYR A 1 56  ? -0.656  -7.923  0.640   1.00 6.85  ? 103 TYR E CB  1 
ATOM   386  C CG  . TYR A 1 56  ? -0.686  -9.389  0.277   1.00 7.46  ? 103 TYR E CG  1 
ATOM   387  C CD1 . TYR A 1 56  ? 0.086   -9.864  -0.796  1.00 7.96  ? 103 TYR E CD1 1 
ATOM   388  C CD2 . TYR A 1 56  ? -1.505  -10.304 0.957   1.00 7.23  ? 103 TYR E CD2 1 
ATOM   389  C CE1 . TYR A 1 56  ? 0.049   -11.203 -1.194  1.00 7.37  ? 103 TYR E CE1 1 
ATOM   390  C CE2 . TYR A 1 56  ? -1.564  -11.644 0.575   1.00 9.72  ? 103 TYR E CE2 1 
ATOM   391  C CZ  . TYR A 1 56  ? -0.767  -12.070 -0.496  1.00 12.35 ? 103 TYR E CZ  1 
ATOM   392  O OH  . TYR A 1 56  ? -0.850  -13.399 -0.850  1.00 10.74 ? 103 TYR E OH  1 
ATOM   393  N N   . GLY A 1 57  ? -2.164  -7.380  3.341   1.00 5.99  ? 104 GLY E N   1 
ATOM   394  C CA  . GLY A 1 57  ? -3.144  -7.725  4.399   1.00 4.96  ? 104 GLY E CA  1 
ATOM   395  C C   . GLY A 1 57  ? -4.463  -7.019  3.947   1.00 10.20 ? 104 GLY E C   1 
ATOM   396  O O   . GLY A 1 57  ? -4.416  -6.128  3.084   1.00 6.18  ? 104 GLY E O   1 
ATOM   397  N N   . ILE A 1 58  ? -5.542  -7.488  4.579   1.00 8.30  ? 105 ILE E N   1 
ATOM   398  C CA  . ILE A 1 58  ? -6.880  -6.958  4.188   1.00 4.60  ? 105 ILE E CA  1 
ATOM   399  C C   . ILE A 1 58  ? -7.701  -6.794  5.462   1.00 6.20  ? 105 ILE E C   1 
ATOM   400  O O   . ILE A 1 58  ? -7.597  -7.583  6.419   1.00 5.60  ? 105 ILE E O   1 
ATOM   401  C CB  . ILE A 1 58  ? -7.533  -7.925  3.145   1.00 6.51  ? 105 ILE E CB  1 
ATOM   402  C CG1 . ILE A 1 58  ? -8.875  -7.308  2.580   1.00 4.86  ? 105 ILE E CG1 1 
ATOM   403  C CG2 . ILE A 1 58  ? -7.765  -9.353  3.715   1.00 3.89  ? 105 ILE E CG2 1 
ATOM   404  C CD1 . ILE A 1 58  ? -9.231  -8.086  1.256   1.00 4.72  ? 105 ILE E CD1 1 
ATOM   405  N N   . ILE A 1 59  ? -8.495  -5.750  5.468   1.00 4.81  ? 106 ILE E N   1 
ATOM   406  C CA  . ILE A 1 59  ? -9.369  -5.358  6.547   1.00 5.72  ? 106 ILE E CA  1 
ATOM   407  C C   . ILE A 1 59  ? -10.812 -5.133  6.027   1.00 6.67  ? 106 ILE E C   1 
ATOM   408  O O   . ILE A 1 59  ? -10.944 -4.442  5.010   1.00 8.23  ? 106 ILE E O   1 
ATOM   409  C CB  . ILE A 1 59  ? -8.879  -4.021  7.214   1.00 6.12  ? 106 ILE E CB  1 
ATOM   410  C CG1 . ILE A 1 59  ? -7.438  -4.292  7.791   1.00 5.65  ? 106 ILE E CG1 1 
ATOM   411  C CG2 . ILE A 1 59  ? -9.807  -3.463  8.292   1.00 6.23  ? 106 ILE E CG2 1 
ATOM   412  C CD1 . ILE A 1 59  ? -6.704  -2.936  7.995   1.00 6.50  ? 106 ILE E CD1 1 
ATOM   413  N N   . ARG A 1 60  ? -11.736 -5.738  6.761   1.00 6.70  ? 107 ARG E N   1 
ATOM   414  C CA  . ARG A 1 60  ? -13.158 -5.558  6.347   1.00 3.78  ? 107 ARG E CA  1 
ATOM   415  C C   . ARG A 1 60  ? -13.618 -4.260  7.008   1.00 6.89  ? 107 ARG E C   1 
ATOM   416  O O   . ARG A 1 60  ? -13.439 -4.019  8.236   1.00 7.55  ? 107 ARG E O   1 
ATOM   417  C CB  . ARG A 1 60  ? -13.963 -6.755  6.781   1.00 6.14  ? 107 ARG E CB  1 
ATOM   418  C CG  . ARG A 1 60  ? -15.484 -6.497  6.469   1.00 5.36  ? 107 ARG E CG  1 
ATOM   419  C CD  . ARG A 1 60  ? -16.267 -7.773  6.711   1.00 10.35 ? 107 ARG E CD  1 
ATOM   420  N NE  . ARG A 1 60  ? -17.655 -7.409  6.346   1.00 10.75 ? 107 ARG E NE  1 
ATOM   421  C CZ  . ARG A 1 60  ? -18.612 -8.358  6.237   1.00 16.24 ? 107 ARG E CZ  1 
ATOM   422  N NH1 . ARG A 1 60  ? -18.387 -9.657  6.318   1.00 14.16 ? 107 ARG E NH1 1 
ATOM   423  N NH2 . ARG A 1 60  ? -19.861 -7.910  6.045   1.00 15.97 ? 107 ARG E NH2 1 
ATOM   424  N N   . HIS A 1 61  ? -14.210 -3.346  6.234   1.00 8.08  ? 108 HIS E N   1 
ATOM   425  C CA  . HIS A 1 61  ? -14.728 -2.092  6.794   1.00 6.30  ? 108 HIS E CA  1 
ATOM   426  C C   . HIS A 1 61  ? -15.940 -2.297  7.713   1.00 7.22  ? 108 HIS E C   1 
ATOM   427  O O   . HIS A 1 61  ? -16.894 -2.982  7.371   1.00 8.62  ? 108 HIS E O   1 
ATOM   428  C CB  . HIS A 1 61  ? -15.274 -1.157  5.686   1.00 4.38  ? 108 HIS E CB  1 
ATOM   429  C CG  . HIS A 1 61  ? -14.218 -0.416  4.924   1.00 7.41  ? 108 HIS E CG  1 
ATOM   430  N ND1 . HIS A 1 61  ? -13.726 0.774   5.378   1.00 8.43  ? 108 HIS E ND1 1 
ATOM   431  C CD2 . HIS A 1 61  ? -13.583 -0.710  3.752   1.00 4.48  ? 108 HIS E CD2 1 
ATOM   432  C CE1 . HIS A 1 61  ? -12.796 1.209   4.481   1.00 8.55  ? 108 HIS E CE1 1 
ATOM   433  N NE2 . HIS A 1 61  ? -12.724 0.334   3.504   1.00 6.53  ? 108 HIS E NE2 1 
ATOM   434  N N   . SER A 1 62  ? -15.918 -1.630  8.851   1.00 6.15  ? 109 SER E N   1 
ATOM   435  C CA  . SER A 1 62  ? -17.037 -1.531  9.805   1.00 10.60 ? 109 SER E CA  1 
ATOM   436  C C   . SER A 1 62  ? -18.178 -0.687  9.190   1.00 9.61  ? 109 SER E C   1 
ATOM   437  O O   . SER A 1 62  ? -19.369 -0.956  9.448   1.00 11.78 ? 109 SER E O   1 
ATOM   438  C CB  . SER A 1 62  ? -16.592 -0.774  11.082  1.00 12.45 ? 109 SER E CB  1 
ATOM   439  O OG  . SER A 1 62  ? -15.839 -1.755  11.839  1.00 22.64 ? 109 SER E OG  1 
ATOM   440  N N   . ASN A 1 63  ? -17.707 0.291   8.386   1.00 9.15  ? 110 ASN E N   1 
ATOM   441  C CA  . ASN A 1 63  ? -18.652 1.216   7.708   1.00 8.72  ? 110 ASN E CA  1 
ATOM   442  C C   . ASN A 1 63  ? -18.432 1.147   6.190   1.00 6.62  ? 110 ASN E C   1 
ATOM   443  O O   . ASN A 1 63  ? -17.497 1.836   5.734   1.00 9.83  ? 110 ASN E O   1 
ATOM   444  C CB  . ASN A 1 63  ? -18.377 2.624   8.212   1.00 8.93  ? 110 ASN E CB  1 
ATOM   445  C CG  . ASN A 1 63  ? -19.202 3.688   7.484   1.00 12.47 ? 110 ASN E CG  1 
ATOM   446  O OD1 . ASN A 1 63  ? -20.229 3.312   6.940   1.00 12.13 ? 110 ASN E OD1 1 
ATOM   447  N ND2 . ASN A 1 63  ? -18.799 4.938   7.575   1.00 13.45 ? 110 ASN E ND2 1 
ATOM   448  N N   . PRO A 1 64  ? -19.233 0.391   5.490   1.00 10.01 ? 111 PRO E N   1 
ATOM   449  C CA  . PRO A 1 64  ? -19.104 0.240   4.046   1.00 13.20 ? 111 PRO E CA  1 
ATOM   450  C C   . PRO A 1 64  ? -19.192 1.566   3.302   1.00 11.35 ? 111 PRO E C   1 
ATOM   451  O O   . PRO A 1 64  ? -18.655 1.676   2.220   1.00 13.19 ? 111 PRO E O   1 
ATOM   452  C CB  . PRO A 1 64  ? -20.178 -0.759  3.634   1.00 12.16 ? 111 PRO E CB  1 
ATOM   453  C CG  . PRO A 1 64  ? -20.735 -1.292  4.904   1.00 17.66 ? 111 PRO E CG  1 
ATOM   454  C CD  . PRO A 1 64  ? -20.329 -0.431  6.072   1.00 14.21 ? 111 PRO E CD  1 
ATOM   455  N N   . ALA A 1 65  ? -19.826 2.575   3.886   1.00 9.36  ? 112 ALA E N   1 
ATOM   456  C CA  . ALA A 1 65  ? -19.948 3.884   3.199   1.00 11.09 ? 112 ALA E CA  1 
ATOM   457  C C   . ALA A 1 65  ? -18.615 4.560   3.098   1.00 10.78 ? 112 ALA E C   1 
ATOM   458  O O   . ALA A 1 65  ? -18.445 5.518   2.334   1.00 12.06 ? 112 ALA E O   1 
ATOM   459  C CB  . ALA A 1 65  ? -20.904 4.749   4.037   1.00 10.78 ? 112 ALA E CB  1 
ATOM   460  N N   . ALA A 1 66  ? -17.643 4.138   3.918   1.00 9.55  ? 113 ALA E N   1 
ATOM   461  C CA  . ALA A 1 66  ? -16.298 4.707   3.937   1.00 9.26  ? 113 ALA E CA  1 
ATOM   462  C C   . ALA A 1 66  ? -15.386 4.154   2.865   1.00 9.56  ? 113 ALA E C   1 
ATOM   463  O O   . ALA A 1 66  ? -14.215 4.637   2.773   1.00 9.90  ? 113 ALA E O   1 
ATOM   464  C CB  . ALA A 1 66  ? -15.668 4.423   5.327   1.00 9.26  ? 113 ALA E CB  1 
ATOM   465  N N   . ALA A 1 67  ? -15.803 3.122   2.134   1.00 11.32 ? 114 ALA E N   1 
ATOM   466  C CA  . ALA A 1 67  ? -14.926 2.525   1.119   1.00 10.52 ? 114 ALA E CA  1 
ATOM   467  C C   . ALA A 1 67  ? -14.890 3.388   -0.159  1.00 11.58 ? 114 ALA E C   1 
ATOM   468  O O   . ALA A 1 67  ? -15.556 3.086   -1.138  1.00 11.20 ? 114 ALA E O   1 
ATOM   469  C CB  . ALA A 1 67  ? -15.370 1.084   0.840   1.00 9.96  ? 114 ALA E CB  1 
ATOM   470  N N   . ASP A 1 68  ? -14.108 4.421   -0.110  1.00 7.97  ? 115 ASP E N   1 
ATOM   471  C CA  . ASP A 1 68  ? -13.900 5.397   -1.199  1.00 6.48  ? 115 ASP E CA  1 
ATOM   472  C C   . ASP A 1 68  ? -12.927 4.879   -2.248  1.00 7.15  ? 115 ASP E C   1 
ATOM   473  O O   . ASP A 1 68  ? -11.742 4.692   -1.885  1.00 9.22  ? 115 ASP E O   1 
ATOM   474  C CB  . ASP A 1 68  ? -13.375 6.684   -0.495  1.00 5.94  ? 115 ASP E CB  1 
ATOM   475  C CG  . ASP A 1 68  ? -13.329 7.856   -1.437  1.00 12.36 ? 115 ASP E CG  1 
ATOM   476  O OD1 . ASP A 1 68  ? -13.548 7.674   -2.646  1.00 9.68  ? 115 ASP E OD1 1 
ATOM   477  O OD2 . ASP A 1 68  ? -13.005 8.955   -0.956  1.00 10.60 ? 115 ASP E OD2 1 
ATOM   478  N N   . GLY A 1 69  ? -13.338 4.587   -3.446  1.00 5.24  ? 116 GLY E N   1 
ATOM   479  C CA  . GLY A 1 69  ? -12.505 4.024   -4.534  1.00 11.02 ? 116 GLY E CA  1 
ATOM   480  C C   . GLY A 1 69  ? -11.599 5.024   -5.220  1.00 6.01  ? 116 GLY E C   1 
ATOM   481  O O   . GLY A 1 69  ? -11.499 5.069   -6.483  1.00 8.63  ? 116 GLY E O   1 
ATOM   482  N N   . ARG A 1 70  ? -10.867 5.801   -4.448  1.00 7.48  ? 117 ARG E N   1 
ATOM   483  C CA  . ARG A 1 70  ? -9.941  6.817   -4.923  1.00 8.29  ? 117 ARG E CA  1 
ATOM   484  C C   . ARG A 1 70  ? -8.684  6.838   -4.045  1.00 8.64  ? 117 ARG E C   1 
ATOM   485  O O   . ARG A 1 70  ? -8.598  6.153   -3.017  1.00 10.87 ? 117 ARG E O   1 
ATOM   486  C CB  . ARG A 1 70  ? -10.627 8.194   -4.811  1.00 10.17 ? 117 ARG E CB  1 
ATOM   487  C CG  . ARG A 1 70  ? -12.018 8.225   -5.540  1.00 5.08  ? 117 ARG E CG  1 
ATOM   488  C CD  . ARG A 1 70  ? -12.655 9.604   -5.481  1.00 8.84  ? 117 ARG E CD  1 
ATOM   489  N NE  . ARG A 1 70  ? -12.948 10.019  -4.112  1.00 9.50  ? 117 ARG E NE  1 
ATOM   490  C CZ  . ARG A 1 70  ? -13.290 11.223  -3.644  1.00 11.82 ? 117 ARG E CZ  1 
ATOM   491  N NH1 . ARG A 1 70  ? -13.333 12.306  -4.460  1.00 18.04 ? 117 ARG E NH1 1 
ATOM   492  N NH2 . ARG A 1 70  ? -13.694 11.380  -2.369  1.00 8.99  ? 117 ARG E NH2 1 
ATOM   493  N N   . VAL A 1 71  ? -7.746  7.625   -4.460  1.00 7.44  ? 118 VAL E N   1 
ATOM   494  C CA  . VAL A 1 71  ? -6.471  7.855   -3.748  1.00 10.71 ? 118 VAL E CA  1 
ATOM   495  C C   . VAL A 1 71  ? -6.472  9.359   -3.388  1.00 11.09 ? 118 VAL E C   1 
ATOM   496  O O   . VAL A 1 71  ? -6.706  10.190  -4.298  1.00 11.15 ? 118 VAL E O   1 
ATOM   497  C CB  . VAL A 1 71  ? -5.232  7.431   -4.535  1.00 10.31 ? 118 VAL E CB  1 
ATOM   498  C CG1 . VAL A 1 71  ? -3.907  7.727   -3.766  1.00 13.30 ? 118 VAL E CG1 1 
ATOM   499  C CG2 . VAL A 1 71  ? -5.229  5.945   -4.889  1.00 8.25  ? 118 VAL E CG2 1 
ATOM   500  N N   . TYR A 1 72  ? -6.171  9.635   -2.128  1.00 7.40  ? 119 TYR E N   1 
ATOM   501  C CA  . TYR A 1 72  ? -6.104  11.057  -1.673  1.00 11.72 ? 119 TYR E CA  1 
ATOM   502  C C   . TYR A 1 72  ? -4.771  11.669  -2.114  1.00 11.29 ? 119 TYR E C   1 
ATOM   503  O O   . TYR A 1 72  ? -3.726  11.045  -1.870  1.00 11.52 ? 119 TYR E O   1 
ATOM   504  C CB  . TYR A 1 72  ? -6.364  11.155  -0.159  1.00 11.09 ? 119 TYR E CB  1 
ATOM   505  C CG  . TYR A 1 72  ? -6.379  12.612  0.286   1.00 12.45 ? 119 TYR E CG  1 
ATOM   506  C CD1 . TYR A 1 72  ? -7.217  13.542  -0.376  1.00 15.52 ? 119 TYR E CD1 1 
ATOM   507  C CD2 . TYR A 1 72  ? -5.546  13.048  1.311   1.00 13.41 ? 119 TYR E CD2 1 
ATOM   508  C CE1 . TYR A 1 72  ? -7.178  14.884  -0.002  1.00 16.90 ? 119 TYR E CE1 1 
ATOM   509  C CE2 . TYR A 1 72  ? -5.519  14.409  1.683   1.00 17.40 ? 119 TYR E CE2 1 
ATOM   510  C CZ  . TYR A 1 72  ? -6.350  15.310  1.038   1.00 16.15 ? 119 TYR E CZ  1 
ATOM   511  O OH  . TYR A 1 72  ? -6.319  16.615  1.450   1.00 23.31 ? 119 TYR E OH  1 
ATOM   512  N N   . LEU A 1 73  ? -4.802  12.858  -2.744  1.00 13.15 ? 120 LEU E N   1 
ATOM   513  C CA  . LEU A 1 73  ? -3.575  13.473  -3.234  1.00 12.88 ? 120 LEU E CA  1 
ATOM   514  C C   . LEU A 1 73  ? -2.944  14.491  -2.281  1.00 17.15 ? 120 LEU E C   1 
ATOM   515  O O   . LEU A 1 73  ? -1.893  15.064  -2.687  1.00 19.36 ? 120 LEU E O   1 
ATOM   516  C CB  . LEU A 1 73  ? -3.850  14.050  -4.663  1.00 15.01 ? 120 LEU E CB  1 
ATOM   517  C CG  . LEU A 1 73  ? -4.397  13.005  -5.631  1.00 12.06 ? 120 LEU E CG  1 
ATOM   518  C CD1 . LEU A 1 73  ? -4.869  13.731  -6.911  1.00 8.71  ? 120 LEU E CD1 1 
ATOM   519  C CD2 . LEU A 1 73  ? -3.357  11.955  -5.979  1.00 13.33 ? 120 LEU E CD2 1 
ATOM   520  N N   . TYR A 1 74  A -3.511  14.679  -1.123  1.00 12.67 ? 120 TYR E N   1 
ATOM   521  C CA  . TYR A 1 74  A -2.919  15.553  -0.108  1.00 13.88 ? 120 TYR E CA  1 
ATOM   522  C C   . TYR A 1 74  A -2.876  17.015  -0.557  1.00 20.75 ? 120 TYR E C   1 
ATOM   523  O O   . TYR A 1 74  A -1.964  17.720  -0.088  1.00 19.56 ? 120 TYR E O   1 
ATOM   524  C CB  . TYR A 1 74  A -1.528  14.999  0.301   1.00 14.69 ? 120 TYR E CB  1 
ATOM   525  C CG  . TYR A 1 74  A -1.777  13.815  1.256   1.00 16.34 ? 120 TYR E CG  1 
ATOM   526  C CD1 . TYR A 1 74  A -2.059  14.062  2.587   1.00 19.19 ? 120 TYR E CD1 1 
ATOM   527  C CD2 . TYR A 1 74  A -1.759  12.493  0.802   1.00 17.96 ? 120 TYR E CD2 1 
ATOM   528  C CE1 . TYR A 1 74  A -2.289  13.024  3.498   1.00 20.08 ? 120 TYR E CE1 1 
ATOM   529  C CE2 . TYR A 1 74  A -2.018  11.455  1.698   1.00 10.52 ? 120 TYR E CE2 1 
ATOM   530  C CZ  . TYR A 1 74  A -2.266  11.711  3.007   1.00 16.28 ? 120 TYR E CZ  1 
ATOM   531  O OH  . TYR A 1 74  A -2.499  10.682  3.894   1.00 17.50 ? 120 TYR E OH  1 
ATOM   532  N N   . ASN A 1 75  B -3.831  17.365  -1.388  1.00 21.89 ? 120 ASN E N   1 
ATOM   533  C CA  . ASN A 1 75  B -3.904  18.805  -1.865  1.00 25.55 ? 120 ASN E CA  1 
ATOM   534  C C   . ASN A 1 75  B -5.386  19.146  -2.015  1.00 24.09 ? 120 ASN E C   1 
ATOM   535  O O   . ASN A 1 75  B -5.787  20.000  -2.819  1.00 26.55 ? 120 ASN E O   1 
ATOM   536  C CB  . ASN A 1 75  B -3.116  18.991  -3.133  1.00 22.54 ? 120 ASN E CB  1 
ATOM   537  C CG  . ASN A 1 75  B -3.732  18.116  -4.251  1.00 30.07 ? 120 ASN E CG  1 
ATOM   538  O OD1 . ASN A 1 75  B -4.796  17.466  -4.063  1.00 19.65 ? 120 ASN E OD1 1 
ATOM   539  N ND2 . ASN A 1 75  B -3.032  18.159  -5.385  1.00 35.04 ? 120 ASN E ND2 1 
ATOM   540  N N   . GLY A 1 76  C -6.207  18.452  -1.271  1.00 22.82 ? 120 GLY E N   1 
ATOM   541  C CA  . GLY A 1 76  C -7.644  18.568  -1.263  1.00 21.58 ? 120 GLY E CA  1 
ATOM   542  C C   . GLY A 1 76  C -8.342  17.877  -2.426  1.00 23.97 ? 120 GLY E C   1 
ATOM   543  O O   . GLY A 1 76  C -9.575  18.058  -2.542  1.00 23.79 ? 120 GLY E O   1 
ATOM   544  N N   . SER A 1 77  D -7.634  17.136  -3.254  1.00 19.87 ? 120 SER E N   1 
ATOM   545  C CA  . SER A 1 77  D -8.180  16.438  -4.406  1.00 17.34 ? 120 SER E CA  1 
ATOM   546  C C   . SER A 1 77  D -7.860  14.929  -4.294  1.00 18.23 ? 120 SER E C   1 
ATOM   547  O O   . SER A 1 77  D -7.036  14.575  -3.432  1.00 15.51 ? 120 SER E O   1 
ATOM   548  C CB  . SER A 1 77  D -7.499  16.914  -5.700  1.00 27.04 ? 120 SER E CB  1 
ATOM   549  O OG  . SER A 1 77  D -8.431  17.684  -6.431  1.00 47.02 ? 120 SER E OG  1 
ATOM   550  N N   . TYR A 1 78  ? -8.517  14.194  -5.154  1.00 17.22 ? 121 TYR E N   1 
ATOM   551  C CA  . TYR A 1 78  ? -8.344  12.708  -5.151  1.00 12.61 ? 121 TYR E CA  1 
ATOM   552  C C   . TYR A 1 78  ? -8.205  12.209  -6.562  1.00 16.49 ? 121 TYR E C   1 
ATOM   553  O O   . TYR A 1 78  ? -8.754  12.846  -7.509  1.00 16.94 ? 121 TYR E O   1 
ATOM   554  C CB  . TYR A 1 78  ? -9.665  12.123  -4.613  1.00 11.18 ? 121 TYR E CB  1 
ATOM   555  C CG  . TYR A 1 78  ? -10.028 12.440  -3.186  1.00 14.57 ? 121 TYR E CG  1 
ATOM   556  C CD1 . TYR A 1 78  ? -10.551 13.684  -2.815  1.00 13.63 ? 121 TYR E CD1 1 
ATOM   557  C CD2 . TYR A 1 78  ? -9.885  11.443  -2.195  1.00 15.19 ? 121 TYR E CD2 1 
ATOM   558  C CE1 . TYR A 1 78  ? -10.860 13.927  -1.472  1.00 12.32 ? 121 TYR E CE1 1 
ATOM   559  C CE2 . TYR A 1 78  ? -10.200 11.677  -0.860  1.00 12.89 ? 121 TYR E CE2 1 
ATOM   560  C CZ  . TYR A 1 78  ? -10.689 12.945  -0.526  1.00 14.70 ? 121 TYR E CZ  1 
ATOM   561  O OH  . TYR A 1 78  ? -11.003 13.172  0.787   1.00 13.58 ? 121 TYR E OH  1 
ATOM   562  N N   . GLN A 1 79  ? -7.536  11.088  -6.715  1.00 9.97  ? 122 GLN E N   1 
ATOM   563  C CA  . GLN A 1 79  ? -7.373  10.447  -8.029  1.00 9.73  ? 122 GLN E CA  1 
ATOM   564  C C   . GLN A 1 79  ? -8.357  9.267   -8.025  1.00 12.30 ? 122 GLN E C   1 
ATOM   565  O O   . GLN A 1 79  ? -8.302  8.446   -7.066  1.00 10.81 ? 122 GLN E O   1 
ATOM   566  C CB  . GLN A 1 79  ? -5.949  9.943   -8.261  1.00 13.33 ? 122 GLN E CB  1 
ATOM   567  C CG  . GLN A 1 79  ? -5.850  8.852   -9.318  1.00 12.33 ? 122 GLN E CG  1 
ATOM   568  C CD  . GLN A 1 79  ? -6.082  9.519   -10.680 1.00 19.89 ? 122 GLN E CD  1 
ATOM   569  O OE1 . GLN A 1 79  ? -6.889  9.106   -11.512 1.00 19.03 ? 122 GLN E OE1 1 
ATOM   570  N NE2 . GLN A 1 79  ? -5.278  10.575  -10.810 1.00 15.60 ? 122 GLN E NE2 1 
ATOM   571  N N   . ASP A 1 80  ? -9.206  9.199   -9.050  1.00 9.63  ? 123 ASP E N   1 
ATOM   572  C CA  . ASP A 1 80  ? -10.159 8.069   -9.120  1.00 10.93 ? 123 ASP E CA  1 
ATOM   573  C C   . ASP A 1 80  ? -9.378  6.807   -9.571  1.00 11.07 ? 123 ASP E C   1 
ATOM   574  O O   . ASP A 1 80  ? -8.585  6.903   -10.519 1.00 12.20 ? 123 ASP E O   1 
ATOM   575  C CB  . ASP A 1 80  ? -11.364 8.390   -9.974  1.00 14.23 ? 123 ASP E CB  1 
ATOM   576  C CG  . ASP A 1 80  ? -12.568 7.490   -9.738  1.00 14.42 ? 123 ASP E CG  1 
ATOM   577  O OD1 . ASP A 1 80  ? -12.686 6.680   -8.809  1.00 12.11 ? 123 ASP E OD1 1 
ATOM   578  O OD2 . ASP A 1 80  ? -13.458 7.583   -10.640 1.00 16.40 ? 123 ASP E OD2 1 
ATOM   579  N N   . ILE A 1 81  ? -9.687  5.699   -8.903  1.00 6.89  ? 124 ILE E N   1 
ATOM   580  C CA  . ILE A 1 81  ? -9.080  4.424   -9.284  1.00 7.57  ? 124 ILE E CA  1 
ATOM   581  C C   . ILE A 1 81  ? -10.175 3.603   -10.010 1.00 9.02  ? 124 ILE E C   1 
ATOM   582  O O   . ILE A 1 81  ? -11.308 3.524   -9.512  1.00 11.40 ? 124 ILE E O   1 
ATOM   583  C CB  . ILE A 1 81  ? -8.511  3.633   -8.079  1.00 7.69  ? 124 ILE E CB  1 
ATOM   584  C CG1 . ILE A 1 81  ? -7.334  4.422   -7.440  1.00 10.89 ? 124 ILE E CG1 1 
ATOM   585  C CG2 . ILE A 1 81  ? -8.131  2.179   -8.529  1.00 6.92  ? 124 ILE E CG2 1 
ATOM   586  C CD1 . ILE A 1 81  ? -6.102  4.708   -8.367  1.00 10.15 ? 124 ILE E CD1 1 
ATOM   587  N N   . THR A 1 82  ? -9.774  3.007   -11.113 1.00 11.34 ? 125 THR E N   1 
ATOM   588  C CA  . THR A 1 82  ? -10.740 2.167   -11.853 1.00 10.59 ? 125 THR E CA  1 
ATOM   589  C C   . THR A 1 82  ? -10.252 0.763   -12.114 1.00 15.18 ? 125 THR E C   1 
ATOM   590  O O   . THR A 1 82  ? -11.097 -0.156  -12.231 1.00 12.48 ? 125 THR E O   1 
ATOM   591  C CB  . THR A 1 82  ? -11.261 2.975   -13.117 1.00 17.13 ? 125 THR E CB  1 
ATOM   592  O OG1 . THR A 1 82  ? -10.179 2.884   -14.066 1.00 21.10 ? 125 THR E OG1 1 
ATOM   593  C CG2 . THR A 1 82  ? -11.640 4.412   -12.845 1.00 16.23 ? 125 THR E CG2 1 
ATOM   594  N N   . THR A 1 83  ? -8.943  0.525   -12.225 1.00 12.22 ? 126 THR E N   1 
ATOM   595  C CA  . THR A 1 83  ? -8.440  -0.831  -12.474 1.00 11.90 ? 126 THR E CA  1 
ATOM   596  C C   . THR A 1 83  ? -7.141  -1.109  -11.717 1.00 12.63 ? 126 THR E C   1 
ATOM   597  O O   . THR A 1 83  ? -6.610  -0.176  -11.116 1.00 9.02  ? 126 THR E O   1 
ATOM   598  C CB  . THR A 1 83  ? -8.244  -0.943  -14.056 1.00 17.12 ? 126 THR E CB  1 
ATOM   599  O OG1 . THR A 1 83  ? -8.118  -2.368  -14.260 1.00 31.14 ? 126 THR E OG1 1 
ATOM   600  C CG2 . THR A 1 83  ? -7.047  -0.148  -14.545 1.00 13.83 ? 126 THR E CG2 1 
ATOM   601  N N   . ALA A 1 84  ? -6.655  -2.327  -11.811 1.00 10.80 ? 127 ALA E N   1 
ATOM   602  C CA  . ALA A 1 84  ? -5.351  -2.691  -11.185 1.00 12.28 ? 127 ALA E CA  1 
ATOM   603  C C   . ALA A 1 84  ? -4.439  -3.075  -12.346 1.00 12.89 ? 127 ALA E C   1 
ATOM   604  O O   . ALA A 1 84  ? -5.036  -3.607  -13.341 1.00 16.83 ? 127 ALA E O   1 
ATOM   605  C CB  . ALA A 1 84  ? -5.445  -3.863  -10.184 1.00 10.66 ? 127 ALA E CB  1 
ATOM   606  N N   . GLY A 1 85  ? -3.139  -2.880  -12.277 1.00 10.07 ? 128 GLY E N   1 
ATOM   607  C CA  . GLY A 1 85  ? -2.278  -3.315  -13.391 1.00 12.82 ? 128 GLY E CA  1 
ATOM   608  C C   . GLY A 1 85  ? -0.929  -3.746  -12.819 1.00 11.08 ? 128 GLY E C   1 
ATOM   609  O O   . GLY A 1 85  ? -0.763  -3.767  -11.584 1.00 13.72 ? 128 GLY E O   1 
ATOM   610  N N   . ASN A 1 86  ? -0.046  -4.053  -13.756 1.00 11.85 ? 129 ASN E N   1 
ATOM   611  C CA  . ASN A 1 86  ? 1.320   -4.468  -13.382 1.00 12.74 ? 129 ASN E CA  1 
ATOM   612  C C   . ASN A 1 86  ? 2.268   -3.333  -13.789 1.00 13.91 ? 129 ASN E C   1 
ATOM   613  O O   . ASN A 1 86  ? 2.083   -2.831  -14.886 1.00 15.40 ? 129 ASN E O   1 
ATOM   614  C CB  . ASN A 1 86  ? 1.723   -5.760  -14.076 1.00 18.87 ? 129 ASN E CB  1 
ATOM   615  C CG  . ASN A 1 86  ? 0.860   -6.950  -13.607 1.00 26.19 ? 129 ASN E CG  1 
ATOM   616  O OD1 . ASN A 1 86  ? 0.913   -7.262  -12.403 1.00 24.61 ? 129 ASN E OD1 1 
ATOM   617  N ND2 . ASN A 1 86  ? 0.102   -7.469  -14.566 1.00 32.63 ? 129 ASN E ND2 1 
ATOM   618  N N   . ALA A 1 87  ? 3.219   -3.034  -12.924 1.00 12.46 ? 130 ALA E N   1 
ATOM   619  C CA  . ALA A 1 87  ? 4.199   -1.997  -13.214 1.00 12.65 ? 130 ALA E CA  1 
ATOM   620  C C   . ALA A 1 87  ? 5.211   -2.464  -14.268 1.00 12.25 ? 130 ALA E C   1 
ATOM   621  O O   . ALA A 1 87  ? 5.426   -3.647  -14.477 1.00 11.70 ? 130 ALA E O   1 
ATOM   622  C CB  . ALA A 1 87  ? 4.875   -1.662  -11.885 1.00 15.72 ? 130 ALA E CB  1 
ATOM   623  N N   . PHE A 1 88  ? 5.868   -1.472  -14.900 1.00 12.14 ? 131 PHE E N   1 
ATOM   624  C CA  . PHE A 1 88  ? 6.903   -1.719  -15.903 1.00 10.64 ? 131 PHE E CA  1 
ATOM   625  C C   . PHE A 1 88  ? 8.047   -0.740  -15.621 1.00 8.76  ? 131 PHE E C   1 
ATOM   626  O O   . PHE A 1 88  ? 7.841   0.336   -15.104 1.00 9.28  ? 131 PHE E O   1 
ATOM   627  C CB  . PHE A 1 88  ? 6.375   -1.653  -17.340 1.00 11.31 ? 131 PHE E CB  1 
ATOM   628  C CG  . PHE A 1 88  ? 5.792   -0.350  -17.754 1.00 11.78 ? 131 PHE E CG  1 
ATOM   629  C CD1 . PHE A 1 88  ? 4.408   -0.138  -17.665 1.00 11.42 ? 131 PHE E CD1 1 
ATOM   630  C CD2 . PHE A 1 88  ? 6.607   0.678   -18.275 1.00 11.04 ? 131 PHE E CD2 1 
ATOM   631  C CE1 . PHE A 1 88  ? 3.830   1.059   -18.040 1.00 9.54  ? 131 PHE E CE1 1 
ATOM   632  C CE2 . PHE A 1 88  ? 6.025   1.896   -18.679 1.00 11.57 ? 131 PHE E CE2 1 
ATOM   633  C CZ  . PHE A 1 88  ? 4.628   2.053   -18.603 1.00 9.04  ? 131 PHE E CZ  1 
ATOM   634  N N   . VAL A 1 89  ? 9.259   -1.228  -15.909 1.00 13.87 ? 132 VAL E N   1 
ATOM   635  C CA  . VAL A 1 89  ? 10.482  -0.390  -15.650 1.00 10.97 ? 132 VAL E CA  1 
ATOM   636  C C   . VAL A 1 89  ? 10.360  0.866   -16.499 1.00 10.75 ? 132 VAL E C   1 
ATOM   637  O O   . VAL A 1 89  ? 10.029  0.786   -17.711 1.00 12.89 ? 132 VAL E O   1 
ATOM   638  C CB  . VAL A 1 89  ? 11.705  -1.259  -15.949 1.00 12.71 ? 132 VAL E CB  1 
ATOM   639  C CG1 . VAL A 1 89  ? 12.937  -0.315  -15.904 1.00 19.73 ? 132 VAL E CG1 1 
ATOM   640  C CG2 . VAL A 1 89  ? 11.848  -2.437  -15.004 1.00 15.46 ? 132 VAL E CG2 1 
ATOM   641  N N   . GLY A 1 90  ? 10.587  1.999   -15.872 1.00 11.95 ? 133 GLY E N   1 
ATOM   642  C CA  . GLY A 1 90  ? 10.494  3.305   -16.502 1.00 11.77 ? 133 GLY E CA  1 
ATOM   643  C C   . GLY A 1 90  ? 9.137   3.956   -16.353 1.00 11.46 ? 133 GLY E C   1 
ATOM   644  O O   . GLY A 1 90  ? 8.981   5.143   -16.792 1.00 13.07 ? 133 GLY E O   1 
ATOM   645  N N   . GLN A 1 91  ? 8.154   3.300   -15.801 1.00 7.21  ? 134 GLN E N   1 
ATOM   646  C CA  . GLN A 1 91  ? 6.834   3.946   -15.630 1.00 6.59  ? 134 GLN E CA  1 
ATOM   647  C C   . GLN A 1 91  ? 6.841   5.052   -14.619 1.00 9.10  ? 134 GLN E C   1 
ATOM   648  O O   . GLN A 1 91  ? 7.404   4.936   -13.516 1.00 10.94 ? 134 GLN E O   1 
ATOM   649  C CB  . GLN A 1 91  ? 5.890   2.803   -15.184 1.00 10.58 ? 134 GLN E CB  1 
ATOM   650  C CG  . GLN A 1 91  ? 4.452   3.271   -15.007 1.00 6.09  ? 134 GLN E CG  1 
ATOM   651  C CD  . GLN A 1 91  ? 3.559   2.050   -14.780 1.00 12.11 ? 134 GLN E CD  1 
ATOM   652  O OE1 . GLN A 1 91  ? 4.034   1.050   -14.283 1.00 13.11 ? 134 GLN E OE1 1 
ATOM   653  N NE2 . GLN A 1 91  ? 2.285   2.124   -15.164 1.00 12.95 ? 134 GLN E NE2 1 
ATOM   654  N N   . ALA A 1 92  ? 6.169   6.137   -14.957 1.00 10.70 ? 135 ALA E N   1 
ATOM   655  C CA  . ALA A 1 92  ? 5.954   7.336   -14.125 1.00 11.64 ? 135 ALA E CA  1 
ATOM   656  C C   . ALA A 1 92  ? 4.870   6.903   -13.107 1.00 13.47 ? 135 ALA E C   1 
ATOM   657  O O   . ALA A 1 92  ? 3.788   6.443   -13.555 1.00 10.11 ? 135 ALA E O   1 
ATOM   658  C CB  . ALA A 1 92  ? 5.525   8.484   -15.009 1.00 11.16 ? 135 ALA E CB  1 
ATOM   659  N N   . VAL A 1 93  ? 5.193   6.982   -11.833 1.00 11.82 ? 136 VAL E N   1 
ATOM   660  C CA  . VAL A 1 93  ? 4.246   6.570   -10.789 1.00 9.30  ? 136 VAL E CA  1 
ATOM   661  C C   . VAL A 1 93  ? 4.172   7.617   -9.684  1.00 12.11 ? 136 VAL E C   1 
ATOM   662  O O   . VAL A 1 93  ? 5.014   8.546   -9.549  1.00 9.82  ? 136 VAL E O   1 
ATOM   663  C CB  . VAL A 1 93  ? 4.643   5.169   -10.227 1.00 12.02 ? 136 VAL E CB  1 
ATOM   664  C CG1 . VAL A 1 93  ? 4.559   4.039   -11.258 1.00 8.42  ? 136 VAL E CG1 1 
ATOM   665  C CG2 . VAL A 1 93  ? 6.008   5.225   -9.580  1.00 7.14  ? 136 VAL E CG2 1 
ATOM   666  N N   . GLN A 1 94  ? 3.139   7.468   -8.890  1.00 7.79  ? 137 GLN E N   1 
ATOM   667  C CA  . GLN A 1 94  ? 2.913   8.354   -7.730  1.00 10.40 ? 137 GLN E CA  1 
ATOM   668  C C   . GLN A 1 94  ? 2.671   7.423   -6.527  1.00 12.32 ? 137 GLN E C   1 
ATOM   669  O O   . GLN A 1 94  ? 2.190   6.285   -6.765  1.00 10.49 ? 137 GLN E O   1 
ATOM   670  C CB  . GLN A 1 94  ? 1.736   9.283   -7.931  1.00 12.95 ? 137 GLN E CB  1 
ATOM   671  C CG  . GLN A 1 94  ? 2.111   10.411  -8.905  1.00 14.88 ? 137 GLN E CG  1 
ATOM   672  C CD  . GLN A 1 94  ? 0.913   11.314  -9.114  1.00 20.99 ? 137 GLN E CD  1 
ATOM   673  O OE1 . GLN A 1 94  ? -0.167  10.940  -9.579  1.00 23.60 ? 137 GLN E OE1 1 
ATOM   674  N NE2 . GLN A 1 94  ? 1.146   12.566  -8.755  1.00 26.25 ? 137 GLN E NE2 1 
ATOM   675  N N   . ARG A 1 95  ? 2.974   7.964   -5.362  1.00 8.77  ? 138 ARG E N   1 
ATOM   676  C CA  . ARG A 1 95  ? 2.760   7.152   -4.133  1.00 10.96 ? 138 ARG E CA  1 
ATOM   677  C C   . ARG A 1 95  ? 2.066   8.070   -3.172  1.00 9.48  ? 138 ARG E C   1 
ATOM   678  O O   . ARG A 1 95  ? 2.487   9.246   -3.116  1.00 11.25 ? 138 ARG E O   1 
ATOM   679  C CB  . ARG A 1 95  ? 4.160   6.697   -3.567  1.00 7.56  ? 138 ARG E CB  1 
ATOM   680  C CG  . ARG A 1 95  ? 3.871   5.964   -2.234  1.00 11.26 ? 138 ARG E CG  1 
ATOM   681  C CD  . ARG A 1 95  ? 5.138   5.848   -1.400  1.00 15.00 ? 138 ARG E CD  1 
ATOM   682  N NE  . ARG A 1 95  ? 5.614   7.133   -1.000  1.00 16.81 ? 138 ARG E NE  1 
ATOM   683  C CZ  . ARG A 1 95  ? 5.158   8.126   -0.263  1.00 14.56 ? 138 ARG E CZ  1 
ATOM   684  N NH1 . ARG A 1 95  ? 4.009   8.200   0.382   1.00 15.25 ? 138 ARG E NH1 1 
ATOM   685  N NH2 . ARG A 1 95  ? 5.961   9.198   -0.160  1.00 15.33 ? 138 ARG E NH2 1 
ATOM   686  N N   . SER A 1 96  ? 1.093   7.642   -2.389  1.00 8.31  ? 139 SER E N   1 
ATOM   687  C CA  . SER A 1 96  ? 0.392   8.476   -1.425  1.00 6.85  ? 139 SER E CA  1 
ATOM   688  C C   . SER A 1 96  ? 0.530   7.764   -0.049  1.00 11.48 ? 139 SER E C   1 
ATOM   689  O O   . SER A 1 96  ? 0.332   6.532   0.003   1.00 6.22  ? 139 SER E O   1 
ATOM   690  C CB  . SER A 1 96  ? -1.093  8.624   -1.771  1.00 10.57 ? 139 SER E CB  1 
ATOM   691  O OG  . SER A 1 96  ? -1.772  9.431   -0.809  1.00 12.17 ? 139 SER E OG  1 
ATOM   692  N N   . GLY A 1 97  ? 0.831   8.526   0.976   1.00 10.99 ? 140 GLY E N   1 
ATOM   693  C CA  . GLY A 1 97  ? 0.983   7.873   2.327   1.00 10.81 ? 140 GLY E CA  1 
ATOM   694  C C   . GLY A 1 97  ? 0.776   8.947   3.381   1.00 11.42 ? 140 GLY E C   1 
ATOM   695  O O   . GLY A 1 97  ? 1.009   10.141  3.111   1.00 11.99 ? 140 GLY E O   1 
ATOM   696  N N   . SER A 1 98  ? 0.406   8.505   4.563   1.00 9.47  ? 141 SER E N   1 
ATOM   697  C CA  . SER A 1 98  ? 0.076   9.410   5.666   1.00 11.96 ? 141 SER E CA  1 
ATOM   698  C C   . SER A 1 98  ? 1.239   10.123  6.331   1.00 14.48 ? 141 SER E C   1 
ATOM   699  O O   . SER A 1 98  ? 0.909   11.042  7.100   1.00 13.12 ? 141 SER E O   1 
ATOM   700  C CB  . SER A 1 98  ? -0.867  8.647   6.597   1.00 15.80 ? 141 SER E CB  1 
ATOM   701  O OG  . SER A 1 98  ? -0.229  7.626   7.325   1.00 18.20 ? 141 SER E OG  1 
ATOM   702  N N   . THR A 1 99  ? 2.465   9.806   6.029   1.00 12.12 ? 142 THR E N   1 
ATOM   703  C CA  . THR A 1 99  ? 3.578   10.534  6.671   1.00 15.56 ? 142 THR E CA  1 
ATOM   704  C C   . THR A 1 99  ? 4.074   11.632  5.726   1.00 16.64 ? 142 THR E C   1 
ATOM   705  O O   . THR A 1 99  ? 4.143   12.803  6.135   1.00 18.40 ? 142 THR E O   1 
ATOM   706  C CB  . THR A 1 99  ? 4.772   9.602   7.067   1.00 14.33 ? 142 THR E CB  1 
ATOM   707  O OG1 . THR A 1 99  ? 4.264   8.721   8.078   1.00 13.97 ? 142 THR E OG1 1 
ATOM   708  C CG2 . THR A 1 99  ? 5.927   10.475  7.607   1.00 15.56 ? 142 THR E CG2 1 
ATOM   709  N N   . THR A 1 100 ? 4.370   11.248  4.507   1.00 15.09 ? 143 THR E N   1 
ATOM   710  C CA  . THR A 1 100 ? 4.925   12.216  3.528   1.00 11.82 ? 143 THR E CA  1 
ATOM   711  C C   . THR A 1 100 ? 3.974   12.718  2.496   1.00 15.28 ? 143 THR E C   1 
ATOM   712  O O   . THR A 1 100 ? 4.435   13.582  1.688   1.00 19.23 ? 143 THR E O   1 
ATOM   713  C CB  . THR A 1 100 ? 6.178   11.542  2.853   1.00 14.06 ? 143 THR E CB  1 
ATOM   714  O OG1 . THR A 1 100 ? 5.657   10.329  2.266   1.00 15.57 ? 143 THR E OG1 1 
ATOM   715  C CG2 . THR A 1 100 ? 7.283   11.242  3.873   1.00 11.37 ? 143 THR E CG2 1 
ATOM   716  N N   . GLY A 1 101 ? 2.746   12.241  2.515   1.00 13.33 ? 156 GLY E N   1 
ATOM   717  C CA  . GLY A 1 101 ? 1.765   12.738  1.513   1.00 13.06 ? 156 GLY E CA  1 
ATOM   718  C C   . GLY A 1 101 ? 1.946   12.143  0.140   1.00 13.91 ? 156 GLY E C   1 
ATOM   719  O O   . GLY A 1 101 ? 2.075   10.909  0.036   1.00 12.47 ? 156 GLY E O   1 
ATOM   720  N N   . LEU A 1 102 ? 1.944   12.982  -0.916  1.00 11.39 ? 157 LEU E N   1 
ATOM   721  C CA  . LEU A 1 102 ? 2.062   12.468  -2.300  1.00 10.57 ? 157 LEU E CA  1 
ATOM   722  C C   . LEU A 1 102 ? 3.458   12.704  -2.831  1.00 17.35 ? 157 LEU E C   1 
ATOM   723  O O   . LEU A 1 102 ? 3.991   13.846  -2.647  1.00 18.41 ? 157 LEU E O   1 
ATOM   724  C CB  . LEU A 1 102 ? 0.907   13.101  -3.142  1.00 16.43 ? 157 LEU E CB  1 
ATOM   725  C CG  . LEU A 1 102 ? 0.949   12.652  -4.626  1.00 16.81 ? 157 LEU E CG  1 
ATOM   726  C CD1 . LEU A 1 102 ? 0.341   11.282  -4.776  1.00 15.38 ? 157 LEU E CD1 1 
ATOM   727  C CD2 . LEU A 1 102 ? 0.223   13.730  -5.431  1.00 23.33 ? 157 LEU E CD2 1 
ATOM   728  N N   . ARG A 1 103 ? 4.086   11.744  -3.438  1.00 12.17 ? 158 ARG E N   1 
ATOM   729  C CA  . ARG A 1 103 ? 5.430   11.849  -4.020  1.00 13.70 ? 158 ARG E CA  1 
ATOM   730  C C   . ARG A 1 103 ? 5.392   11.105  -5.354  1.00 14.56 ? 158 ARG E C   1 
ATOM   731  O O   . ARG A 1 103 ? 4.600   10.172  -5.575  1.00 16.11 ? 158 ARG E O   1 
ATOM   732  C CB  . ARG A 1 103 ? 6.564   11.313  -3.130  1.00 12.66 ? 158 ARG E CB  1 
ATOM   733  C CG  . ARG A 1 103 ? 6.555   12.034  -1.770  1.00 19.97 ? 158 ARG E CG  1 
ATOM   734  C CD  . ARG A 1 103 ? 7.110   13.429  -1.854  1.00 23.89 ? 158 ARG E CD  1 
ATOM   735  N NE  . ARG A 1 103 ? 6.706   14.133  -0.605  1.00 34.94 ? 158 ARG E NE  1 
ATOM   736  C CZ  . ARG A 1 103 ? 7.626   14.850  0.046   1.00 35.45 ? 158 ARG E CZ  1 
ATOM   737  N NH1 . ARG A 1 103 ? 8.800   15.139  -0.521  1.00 37.45 ? 158 ARG E NH1 1 
ATOM   738  N NH2 . ARG A 1 103 ? 7.358   15.224  1.292   1.00 34.56 ? 158 ARG E NH2 1 
ATOM   739  N N   . SER A 1 104 ? 6.292   11.548  -6.237  1.00 11.71 ? 159 SER E N   1 
ATOM   740  C CA  . SER A 1 104 ? 6.311   10.920  -7.577  1.00 10.66 ? 159 SER E CA  1 
ATOM   741  C C   . SER A 1 104 ? 7.687   10.473  -7.969  1.00 16.44 ? 159 SER E C   1 
ATOM   742  O O   . SER A 1 104 ? 8.703   10.868  -7.359  1.00 15.38 ? 159 SER E O   1 
ATOM   743  C CB  . SER A 1 104 ? 5.574   11.960  -8.454  1.00 19.45 ? 159 SER E CB  1 
ATOM   744  O OG  . SER A 1 104 ? 6.563   12.874  -8.856  1.00 28.61 ? 159 SER E OG  1 
ATOM   745  N N   . GLY A 1 105 ? 7.755   9.583   -8.954  1.00 11.42 ? 160 GLY E N   1 
ATOM   746  C CA  . GLY A 1 105 ? 9.035   9.040   -9.426  1.00 13.39 ? 160 GLY E CA  1 
ATOM   747  C C   . GLY A 1 105 ? 8.790   7.975   -10.499 1.00 11.66 ? 160 GLY E C   1 
ATOM   748  O O   . GLY A 1 105 ? 7.814   8.109   -11.269 1.00 13.45 ? 160 GLY E O   1 
ATOM   749  N N   . SER A 1 106 ? 9.704   7.022   -10.549 1.00 9.92  ? 161 SER E N   1 
ATOM   750  C CA  . SER A 1 106 ? 9.534   6.023   -11.655 1.00 12.47 ? 161 SER E CA  1 
ATOM   751  C C   . SER A 1 106 ? 10.018  4.709   -11.139 1.00 13.00 ? 161 SER E C   1 
ATOM   752  O O   . SER A 1 106 ? 10.766  4.647   -10.148 1.00 10.12 ? 161 SER E O   1 
ATOM   753  C CB  . SER A 1 106 ? 10.181  6.679   -12.893 1.00 19.31 ? 161 SER E CB  1 
ATOM   754  O OG  . SER A 1 106 ? 11.523  6.472   -12.833 1.00 26.96 ? 161 SER E OG  1 
ATOM   755  N N   . VAL A 1 107 ? 9.497   3.654   -11.772 1.00 10.80 ? 162 VAL E N   1 
ATOM   756  C CA  . VAL A 1 107 ? 9.825   2.291   -11.434 1.00 9.48  ? 162 VAL E CA  1 
ATOM   757  C C   . VAL A 1 107 ? 11.225  2.009   -12.012 1.00 14.47 ? 162 VAL E C   1 
ATOM   758  O O   . VAL A 1 107 ? 11.469  2.246   -13.215 1.00 14.60 ? 162 VAL E O   1 
ATOM   759  C CB  . VAL A 1 107 ? 8.764   1.335   -12.027 1.00 9.41  ? 162 VAL E CB  1 
ATOM   760  C CG1 . VAL A 1 107 ? 9.289   -0.101  -11.776 1.00 12.42 ? 162 VAL E CG1 1 
ATOM   761  C CG2 . VAL A 1 107 ? 7.403   1.657   -11.461 1.00 8.98  ? 162 VAL E CG2 1 
ATOM   762  N N   . THR A 1 108 ? 12.082  1.521   -11.136 1.00 12.44 ? 163 THR E N   1 
ATOM   763  C CA  . THR A 1 108 ? 13.477  1.208   -11.552 1.00 12.71 ? 163 THR E CA  1 
ATOM   764  C C   . THR A 1 108 ? 13.757  -0.264  -11.553 1.00 16.40 ? 163 THR E C   1 
ATOM   765  O O   . THR A 1 108 ? 14.832  -0.673  -12.088 1.00 16.98 ? 163 THR E O   1 
ATOM   766  C CB  . THR A 1 108 ? 14.419  2.062   -10.640 1.00 16.18 ? 163 THR E CB  1 
ATOM   767  O OG1 . THR A 1 108 ? 14.084  1.528   -9.289  1.00 17.81 ? 163 THR E OG1 1 
ATOM   768  C CG2 . THR A 1 108 ? 14.232  3.580   -10.712 1.00 14.78 ? 163 THR E CG2 1 
ATOM   769  N N   . GLY A 1 109 ? 12.886  -1.137  -11.058 1.00 13.99 ? 164 GLY E N   1 
ATOM   770  C CA  . GLY A 1 109 ? 13.191  -2.600  -11.077 1.00 14.90 ? 164 GLY E CA  1 
ATOM   771  C C   . GLY A 1 109 ? 11.957  -3.387  -10.662 1.00 13.76 ? 164 GLY E C   1 
ATOM   772  O O   . GLY A 1 109 ? 11.087  -2.792  -10.000 1.00 13.48 ? 164 GLY E O   1 
ATOM   773  N N   . LEU A 1 110 ? 11.925  -4.623  -11.028 1.00 13.08 ? 165 LEU E N   1 
ATOM   774  C CA  . LEU A 1 110 ? 10.824  -5.512  -10.703 1.00 17.00 ? 165 LEU E CA  1 
ATOM   775  C C   . LEU A 1 110 ? 11.384  -6.776  -10.047 1.00 18.35 ? 165 LEU E C   1 
ATOM   776  O O   . LEU A 1 110 ? 12.583  -7.099  -10.232 1.00 18.00 ? 165 LEU E O   1 
ATOM   777  C CB  . LEU A 1 110 ? 10.101  -5.859  -12.002 1.00 13.41 ? 165 LEU E CB  1 
ATOM   778  C CG  . LEU A 1 110 ? 9.447   -4.699  -12.750 1.00 14.64 ? 165 LEU E CG  1 
ATOM   779  C CD1 . LEU A 1 110 ? 8.747   -5.232  -13.972 1.00 21.61 ? 165 LEU E CD1 1 
ATOM   780  C CD2 . LEU A 1 110 ? 8.488   -3.992  -11.760 1.00 16.87 ? 165 LEU E CD2 1 
ATOM   781  N N   . ASN A 1 111 ? 10.484  -7.437  -9.391  1.00 15.50 ? 166 ASN E N   1 
ATOM   782  C CA  . ASN A 1 111 ? 10.878  -8.707  -8.729  1.00 20.46 ? 166 ASN E CA  1 
ATOM   783  C C   . ASN A 1 111 ? 12.112  -8.618  -7.859  1.00 15.83 ? 166 ASN E C   1 
ATOM   784  O O   . ASN A 1 111 ? 12.972  -9.553  -7.820  1.00 18.56 ? 166 ASN E O   1 
ATOM   785  C CB  . ASN A 1 111 ? 10.994  -9.774  -9.827  1.00 29.43 ? 166 ASN E CB  1 
ATOM   786  C CG  . ASN A 1 111 ? 10.546  -11.110 -9.229  1.00 47.47 ? 166 ASN E CG  1 
ATOM   787  O OD1 . ASN A 1 111 ? 9.723   -11.800 -9.861  1.00 62.51 ? 166 ASN E OD1 1 
ATOM   788  N ND2 . ASN A 1 111 ? 11.018  -11.483 -8.043  1.00 48.09 ? 166 ASN E ND2 1 
ATOM   789  N N   . ALA A 1 112 ? 12.207  -7.572  -7.088  1.00 13.73 ? 167 ALA E N   1 
ATOM   790  C CA  . ALA A 1 112 ? 13.345  -7.358  -6.154  1.00 11.06 ? 167 ALA E CA  1 
ATOM   791  C C   . ALA A 1 112 ? 13.148  -8.130  -4.855  1.00 15.22 ? 167 ALA E C   1 
ATOM   792  O O   . ALA A 1 112 ? 12.015  -8.204  -4.350  1.00 14.44 ? 167 ALA E O   1 
ATOM   793  C CB  . ALA A 1 112 ? 13.405  -5.872  -5.845  1.00 17.88 ? 167 ALA E CB  1 
ATOM   794  N N   . THR A 1 113 ? 14.228  -8.706  -4.360  1.00 14.73 ? 168 THR E N   1 
ATOM   795  C CA  . THR A 1 113 ? 14.255  -9.406  -3.070  1.00 14.98 ? 168 THR E CA  1 
ATOM   796  C C   . THR A 1 113 ? 14.705  -8.369  -2.048  1.00 18.53 ? 168 THR E C   1 
ATOM   797  O O   . THR A 1 113 ? 15.757  -7.639  -2.252  1.00 18.71 ? 168 THR E O   1 
ATOM   798  C CB  . THR A 1 113 ? 15.220  -10.642 -3.081  1.00 11.26 ? 168 THR E CB  1 
ATOM   799  O OG1 . THR A 1 113 ? 14.603  -11.524 -4.059  1.00 18.50 ? 168 THR E OG1 1 
ATOM   800  C CG2 . THR A 1 113 ? 15.395  -11.294 -1.673  1.00 14.53 ? 168 THR E CG2 1 
ATOM   801  N N   . VAL A 1 114 ? 13.979  -8.261  -0.942  1.00 14.25 ? 169 VAL E N   1 
ATOM   802  C CA  . VAL A 1 114 ? 14.298  -7.264  0.087   1.00 11.13 ? 169 VAL E CA  1 
ATOM   803  C C   . VAL A 1 114 ? 14.406  -7.937  1.446   1.00 14.33 ? 169 VAL E C   1 
ATOM   804  O O   . VAL A 1 114 ? 13.463  -8.563  1.939   1.00 13.00 ? 169 VAL E O   1 
ATOM   805  C CB  . VAL A 1 114 ? 13.288  -6.099  0.155   1.00 16.04 ? 169 VAL E CB  1 
ATOM   806  C CG1 . VAL A 1 114 ? 13.765  -4.986  1.101   1.00 15.89 ? 169 VAL E CG1 1 
ATOM   807  C CG2 . VAL A 1 114 ? 12.910  -5.556  -1.221  1.00 15.75 ? 169 VAL E CG2 1 
ATOM   808  N N   . ASN A 1 115 ? 15.607  -7.811  1.982   1.00 14.54 ? 170 ASN E N   1 
ATOM   809  C CA  . ASN A 1 115 ? 15.935  -8.336  3.302   1.00 11.65 ? 170 ASN E CA  1 
ATOM   810  C C   . ASN A 1 115 ? 15.769  -7.224  4.328   1.00 14.55 ? 170 ASN E C   1 
ATOM   811  O O   . ASN A 1 115 ? 16.520  -6.232  4.334   1.00 17.12 ? 170 ASN E O   1 
ATOM   812  C CB  . ASN A 1 115 ? 17.347  -8.939  3.277   1.00 18.94 ? 170 ASN E CB  1 
ATOM   813  C CG  . ASN A 1 115 ? 17.663  -9.593  4.608   1.00 18.25 ? 170 ASN E CG  1 
ATOM   814  O OD1 . ASN A 1 115 ? 17.146  -9.298  5.682   1.00 20.73 ? 170 ASN E OD1 1 
ATOM   815  N ND2 . ASN A 1 115 ? 18.586  -10.538 4.527   1.00 33.26 ? 170 ASN E ND2 1 
ATOM   816  N N   . TYR A 1 116 ? 14.777  -7.380  5.175   1.00 10.60 ? 171 TYR E N   1 
ATOM   817  C CA  . TYR A 1 116 ? 14.466  -6.466  6.274   1.00 16.43 ? 171 TYR E CA  1 
ATOM   818  C C   . TYR A 1 116 ? 15.087  -6.915  7.629   1.00 17.30 ? 171 TYR E C   1 
ATOM   819  O O   . TYR A 1 116 ? 14.609  -6.479  8.701   1.00 18.51 ? 171 TYR E O   1 
ATOM   820  C CB  . TYR A 1 116 ? 12.960  -6.324  6.474   1.00 11.98 ? 171 TYR E CB  1 
ATOM   821  C CG  . TYR A 1 116 ? 12.256  -5.573  5.363   1.00 10.58 ? 171 TYR E CG  1 
ATOM   822  C CD1 . TYR A 1 116 ? 11.051  -6.135  4.870   1.00 13.84 ? 171 TYR E CD1 1 
ATOM   823  C CD2 . TYR A 1 116 ? 12.728  -4.393  4.841   1.00 10.82 ? 171 TYR E CD2 1 
ATOM   824  C CE1 . TYR A 1 116 ? 10.323  -5.481  3.876   1.00 10.48 ? 171 TYR E CE1 1 
ATOM   825  C CE2 . TYR A 1 116 ? 11.998  -3.711  3.816   1.00 13.16 ? 171 TYR E CE2 1 
ATOM   826  C CZ  . TYR A 1 116 ? 10.816  -4.279  3.358   1.00 13.82 ? 171 TYR E CZ  1 
ATOM   827  O OH  . TYR A 1 116 ? 10.094  -3.627  2.388   1.00 11.92 ? 171 TYR E OH  1 
ATOM   828  N N   . GLY A 1 117 ? 16.099  -7.732  7.548   1.00 17.81 ? 172 GLY E N   1 
ATOM   829  C CA  . GLY A 1 117 ? 16.792  -8.179  8.788   1.00 19.40 ? 172 GLY E CA  1 
ATOM   830  C C   . GLY A 1 117 ? 15.906  -8.957  9.725   1.00 14.46 ? 172 GLY E C   1 
ATOM   831  O O   . GLY A 1 117 ? 15.309  -9.971  9.340   1.00 18.49 ? 172 GLY E O   1 
ATOM   832  N N   . SER A 1 118 ? 15.788  -8.466  10.974  1.00 18.96 ? 173 SER E N   1 
ATOM   833  C CA  . SER A 1 118 ? 14.982  -9.212  11.960  1.00 19.05 ? 173 SER E CA  1 
ATOM   834  C C   . SER A 1 118 ? 13.534  -9.402  11.495  1.00 21.12 ? 173 SER E C   1 
ATOM   835  O O   . SER A 1 118 ? 12.920  -10.376 11.953  1.00 18.87 ? 173 SER E O   1 
ATOM   836  C CB  . SER A 1 118 ? 15.095  -8.615  13.357  1.00 22.48 ? 173 SER E CB  1 
ATOM   837  O OG  . SER A 1 118 ? 15.066  -7.196  13.225  1.00 36.91 ? 173 SER E OG  1 
ATOM   838  N N   . SER A 1 119 ? 13.051  -8.518  10.635  1.00 17.79 ? 174 SER E N   1 
ATOM   839  C CA  . SER A 1 119 ? 11.665  -8.618  10.114  1.00 17.23 ? 174 SER E CA  1 
ATOM   840  C C   . SER A 1 119 ? 11.480  -9.634  9.023   1.00 13.11 ? 174 SER E C   1 
ATOM   841  O O   . SER A 1 119 ? 10.292  -9.940  8.709   1.00 16.82 ? 174 SER E O   1 
ATOM   842  C CB  . SER A 1 119 ? 11.106  -7.268  9.677   1.00 16.55 ? 174 SER E CB  1 
ATOM   843  O OG  . SER A 1 119 ? 10.972  -6.436  10.822  1.00 24.59 ? 174 SER E OG  1 
ATOM   844  N N   . GLY A 1 120 ? 12.530  -10.152 8.437   1.00 15.48 ? 175 GLY E N   1 
ATOM   845  C CA  . GLY A 1 120 ? 12.388  -11.178 7.397   1.00 15.20 ? 175 GLY E CA  1 
ATOM   846  C C   . GLY A 1 120 ? 12.644  -10.621 5.977   1.00 9.68  ? 175 GLY E C   1 
ATOM   847  O O   . GLY A 1 120 ? 13.013  -9.458  5.817   1.00 13.95 ? 175 GLY E O   1 
ATOM   848  N N   . ILE A 1 121 ? 12.468  -11.540 5.066   1.00 9.71  ? 176 ILE E N   1 
ATOM   849  C CA  . ILE A 1 121 ? 12.719  -11.253 3.646   1.00 9.46  ? 176 ILE E CA  1 
ATOM   850  C C   . ILE A 1 121 ? 11.429  -11.284 2.854   1.00 11.42 ? 176 ILE E C   1 
ATOM   851  O O   . ILE A 1 121 ? 10.591  -12.175 3.109   1.00 8.83  ? 176 ILE E O   1 
ATOM   852  C CB  . ILE A 1 121 ? 13.723  -12.289 3.078   1.00 14.75 ? 176 ILE E CB  1 
ATOM   853  C CG1 . ILE A 1 121 ? 14.961  -12.334 4.055   1.00 19.51 ? 176 ILE E CG1 1 
ATOM   854  C CG2 . ILE A 1 121 ? 14.133  -11.967 1.623   1.00 17.70 ? 176 ILE E CG2 1 
ATOM   855  C CD1 . ILE A 1 121 ? 15.880  -13.527 3.711   1.00 20.59 ? 176 ILE E CD1 1 
ATOM   856  N N   . VAL A 1 122 ? 11.312  -10.337 1.944   1.00 10.83 ? 177 VAL E N   1 
ATOM   857  C CA  . VAL A 1 122 ? 10.145  -10.284 1.039   1.00 9.67  ? 177 VAL E CA  1 
ATOM   858  C C   . VAL A 1 122 ? 10.706  -10.450 -0.378  1.00 10.28 ? 177 VAL E C   1 
ATOM   859  O O   . VAL A 1 122 ? 11.802  -9.998  -0.692  1.00 11.94 ? 177 VAL E O   1 
ATOM   860  C CB  . VAL A 1 122 ? 9.288   -9.012  1.241   1.00 12.12 ? 177 VAL E CB  1 
ATOM   861  C CG1 . VAL A 1 122 ? 8.745   -8.991  2.675   1.00 9.98  ? 177 VAL E CG1 1 
ATOM   862  C CG2 . VAL A 1 122 ? 10.032  -7.762  0.907   1.00 14.34 ? 177 VAL E CG2 1 
ATOM   863  N N   . TYR A 1 123 ? 9.990   -11.079 -1.239  1.00 8.97  ? 178 TYR E N   1 
ATOM   864  C CA  . TYR A 1 123 ? 10.285  -11.362 -2.615  1.00 9.48  ? 178 TYR E CA  1 
ATOM   865  C C   . TYR A 1 123 ? 9.226   -10.720 -3.564  1.00 11.20 ? 178 TYR E C   1 
ATOM   866  O O   . TYR A 1 123 ? 8.075   -10.503 -3.146  1.00 10.42 ? 178 TYR E O   1 
ATOM   867  C CB  . TYR A 1 123 ? 10.230  -12.898 -2.908  1.00 12.21 ? 178 TYR E CB  1 
ATOM   868  C CG  . TYR A 1 123 ? 11.122  -13.651 -1.951  1.00 17.01 ? 178 TYR E CG  1 
ATOM   869  C CD1 . TYR A 1 123 ? 10.638  -14.265 -0.779  1.00 15.03 ? 178 TYR E CD1 1 
ATOM   870  C CD2 . TYR A 1 123 ? 12.504  -13.681 -2.253  1.00 18.86 ? 178 TYR E CD2 1 
ATOM   871  C CE1 . TYR A 1 123 ? 11.532  -14.959 0.068   1.00 17.46 ? 178 TYR E CE1 1 
ATOM   872  C CE2 . TYR A 1 123 ? 13.388  -14.361 -1.413  1.00 20.90 ? 178 TYR E CE2 1 
ATOM   873  C CZ  . TYR A 1 123 ? 12.897  -14.988 -0.267  1.00 25.14 ? 178 TYR E CZ  1 
ATOM   874  O OH  . TYR A 1 123 ? 13.843  -15.618 0.490   1.00 24.80 ? 178 TYR E OH  1 
ATOM   875  N N   . GLY A 1 124 ? 9.716   -10.537 -4.768  1.00 8.62  ? 179 GLY E N   1 
ATOM   876  C CA  . GLY A 1 124 ? 8.933   -10.072 -5.882  1.00 13.08 ? 179 GLY E CA  1 
ATOM   877  C C   . GLY A 1 124 ? 8.439   -8.658  -5.777  1.00 12.09 ? 179 GLY E C   1 
ATOM   878  O O   . GLY A 1 124 ? 7.336   -8.405  -6.313  1.00 15.98 ? 179 GLY E O   1 
ATOM   879  N N   . MET A 1 125 ? 9.198   -7.799  -5.195  1.00 9.07  ? 180 MET E N   1 
ATOM   880  C CA  . MET A 1 125 ? 8.791   -6.409  -4.971  1.00 10.02 ? 180 MET E CA  1 
ATOM   881  C C   . MET A 1 125 ? 9.161   -5.496  -6.149  1.00 12.66 ? 180 MET E C   1 
ATOM   882  O O   . MET A 1 125 ? 10.149  -5.635  -6.852  1.00 12.75 ? 180 MET E O   1 
ATOM   883  C CB  . MET A 1 125 ? 9.405   -5.840  -3.674  1.00 11.68 ? 180 MET E CB  1 
ATOM   884  C CG  . MET A 1 125 ? 9.303   -6.819  -2.534  1.00 14.64 ? 180 MET E CG  1 
ATOM   885  S SD  . MET A 1 125 ? 7.501   -6.905  -2.062  1.00 23.67 ? 180 MET E SD  1 
ATOM   886  C CE  . MET A 1 125 ? 7.430   -5.477  -1.061  1.00 20.08 ? 180 MET E CE  1 
ATOM   887  N N   . ILE A 1 126 ? 8.267   -4.547  -6.328  1.00 11.50 ? 181 ILE E N   1 
ATOM   888  C CA  . ILE A 1 126 ? 8.442   -3.481  -7.336  1.00 10.44 ? 181 ILE E CA  1 
ATOM   889  C C   . ILE A 1 126 ? 9.450   -2.527  -6.662  1.00 11.82 ? 181 ILE E C   1 
ATOM   890  O O   . ILE A 1 126 ? 9.288   -2.250  -5.451  1.00 13.72 ? 181 ILE E O   1 
ATOM   891  C CB  . ILE A 1 126 ? 7.117   -2.716  -7.599  1.00 7.81  ? 181 ILE E CB  1 
ATOM   892  C CG1 . ILE A 1 126 ? 6.019   -3.643  -8.197  1.00 12.28 ? 181 ILE E CG1 1 
ATOM   893  C CG2 . ILE A 1 126 ? 7.402   -1.493  -8.509  1.00 7.86  ? 181 ILE E CG2 1 
ATOM   894  C CD1 . ILE A 1 126 ? 4.576   -3.001  -8.087  1.00 14.80 ? 181 ILE E CD1 1 
ATOM   895  N N   . GLN A 1 127 ? 10.431  -2.037  -7.407  1.00 11.45 ? 182 GLN E N   1 
ATOM   896  C CA  . GLN A 1 127 ? 11.403  -1.088  -6.893  1.00 13.57 ? 182 GLN E CA  1 
ATOM   897  C C   . GLN A 1 127 ? 11.219  0.277   -7.568  1.00 11.29 ? 182 GLN E C   1 
ATOM   898  O O   . GLN A 1 127 ? 10.994  0.337   -8.811  1.00 12.37 ? 182 GLN E O   1 
ATOM   899  C CB  . GLN A 1 127 ? 12.830  -1.644  -7.098  1.00 16.10 ? 182 GLN E CB  1 
ATOM   900  C CG  . GLN A 1 127 ? 13.812  -0.496  -6.814  1.00 18.91 ? 182 GLN E CG  1 
ATOM   901  C CD  . GLN A 1 127 ? 15.243  -0.949  -6.691  1.00 30.99 ? 182 GLN E CD  1 
ATOM   902  O OE1 . GLN A 1 127 ? 15.661  -2.037  -7.050  1.00 28.31 ? 182 GLN E OE1 1 
ATOM   903  N NE2 . GLN A 1 127 ? 16.064  -0.059  -6.126  1.00 40.26 ? 182 GLN E NE2 1 
ATOM   904  N N   . THR A 1 128 ? 11.301  1.355   -6.824  1.00 12.88 ? 183 THR E N   1 
ATOM   905  C CA  . THR A 1 128 ? 11.176  2.714   -7.352  1.00 12.32 ? 183 THR E CA  1 
ATOM   906  C C   . THR A 1 128 ? 12.175  3.663   -6.691  1.00 14.64 ? 183 THR E C   1 
ATOM   907  O O   . THR A 1 128 ? 12.734  3.350   -5.631  1.00 13.57 ? 183 THR E O   1 
ATOM   908  C CB  . THR A 1 128 ? 9.718   3.355   -7.259  1.00 11.07 ? 183 THR E CB  1 
ATOM   909  O OG1 . THR A 1 128 ? 9.580   3.878   -5.924  1.00 12.64 ? 183 THR E OG1 1 
ATOM   910  C CG2 . THR A 1 128 ? 8.643   2.300   -7.589  1.00 9.17  ? 183 THR E CG2 1 
ATOM   911  N N   . ASN A 1 129 ? 12.262  4.839   -7.311  1.00 12.09 ? 184 ASN E N   1 
ATOM   912  C CA  . ASN A 1 129 ? 13.136  5.910   -6.778  1.00 14.06 ? 184 ASN E CA  1 
ATOM   913  C C   . ASN A 1 129 ? 12.267  6.923   -6.039  1.00 16.86 ? 184 ASN E C   1 
ATOM   914  O O   . ASN A 1 129 ? 12.621  8.090   -5.882  1.00 14.44 ? 184 ASN E O   1 
ATOM   915  C CB  . ASN A 1 129 ? 14.024  6.478   -7.886  1.00 19.71 ? 184 ASN E CB  1 
ATOM   916  C CG  . ASN A 1 129 ? 13.210  7.188   -8.959  1.00 18.69 ? 184 ASN E CG  1 
ATOM   917  O OD1 . ASN A 1 129 ? 12.029  7.429   -8.753  1.00 16.10 ? 184 ASN E OD1 1 
ATOM   918  N ND2 . ASN A 1 129 ? 13.835  7.545   -10.082 1.00 25.54 ? 184 ASN E ND2 1 
ATOM   919  N N   . VAL A 1 130 ? 11.056  6.506   -5.585  1.00 17.44 ? 190 VAL E N   1 
ATOM   920  C CA  . VAL A 1 130 ? 10.204  7.418   -4.822  1.00 14.41 ? 190 VAL E CA  1 
ATOM   921  C C   . VAL A 1 130 ? 10.597  7.255   -3.334  1.00 15.43 ? 190 VAL E C   1 
ATOM   922  O O   . VAL A 1 130 ? 10.772  6.108   -2.877  1.00 16.46 ? 190 VAL E O   1 
ATOM   923  C CB  . VAL A 1 130 ? 8.701   7.120   -5.015  1.00 15.53 ? 190 VAL E CB  1 
ATOM   924  C CG1 . VAL A 1 130 ? 7.881   8.116   -4.208  1.00 14.38 ? 190 VAL E CG1 1 
ATOM   925  C CG2 . VAL A 1 130 ? 8.365   6.969   -6.480  1.00 11.51 ? 190 VAL E CG2 1 
ATOM   926  N N   . CYS A 1 131 ? 10.654  8.365   -2.613  1.00 15.31 ? 191 CYS E N   1 
ATOM   927  C CA  . CYS A 1 131 ? 10.989  8.316   -1.185  1.00 15.04 ? 191 CYS E CA  1 
ATOM   928  C C   . CYS A 1 131 ? 9.731   7.934   -0.388  1.00 16.70 ? 191 CYS E C   1 
ATOM   929  O O   . CYS A 1 131 ? 8.614   8.061   -0.925  1.00 15.01 ? 191 CYS E O   1 
ATOM   930  C CB  . CYS A 1 131 ? 11.548  9.683   -0.752  1.00 14.11 ? 191 CYS E CB  1 
ATOM   931  S SG  . CYS A 1 131 ? 10.316  11.042  -0.794  1.00 18.99 ? 191 CYS E SG  1 
ATOM   932  N N   . ALA A 1 132 ? 9.924   7.491   0.857   1.00 12.98 ? 192 ALA E N   1 
ATOM   933  C CA  . ALA A 1 132 ? 8.859   7.190   1.794   1.00 14.64 ? 192 ALA E CA  1 
ATOM   934  C C   . ALA A 1 132 ? 9.485   7.207   3.198   1.00 14.59 ? 192 ALA E C   1 
ATOM   935  O O   . ALA A 1 132 ? 10.722  7.121   3.319   1.00 14.24 ? 192 ALA E O   1 
ATOM   936  C CB  . ALA A 1 132 ? 8.121   5.860   1.521   1.00 12.38 ? 192 ALA E CB  1 
ATOM   937  N N   . GLN A 1 133 A 8.644   7.311   4.194   1.00 14.59 ? 192 GLN E N   1 
ATOM   938  C CA  . GLN A 1 133 A 9.072   7.302   5.620   1.00 13.85 ? 192 GLN E CA  1 
ATOM   939  C C   . GLN A 1 133 A 8.130   6.416   6.410   1.00 13.35 ? 192 GLN E C   1 
ATOM   940  O O   . GLN A 1 133 A 7.013   6.052   5.965   1.00 12.48 ? 192 GLN E O   1 
ATOM   941  C CB  . GLN A 1 133 A 9.100   8.775   6.085   1.00 16.37 ? 192 GLN E CB  1 
ATOM   942  C CG  . GLN A 1 133 A 10.094  9.554   5.236   1.00 19.17 ? 192 GLN E CG  1 
ATOM   943  C CD  . GLN A 1 133 A 10.296  11.012  5.594   1.00 33.20 ? 192 GLN E CD  1 
ATOM   944  O OE1 . GLN A 1 133 A 11.101  11.742  4.984   1.00 22.95 ? 192 GLN E OE1 1 
ATOM   945  N NE2 . GLN A 1 133 A 9.546   11.445  6.599   1.00 20.18 ? 192 GLN E NE2 1 
ATOM   946  N N   . PRO A 1 134 B 8.543   6.032   7.623   1.00 13.93 ? 192 PRO E N   1 
ATOM   947  C CA  . PRO A 1 134 B 7.730   5.199   8.518   1.00 12.23 ? 192 PRO E CA  1 
ATOM   948  C C   . PRO A 1 134 B 6.356   5.838   8.624   1.00 12.31 ? 192 PRO E C   1 
ATOM   949  O O   . PRO A 1 134 B 6.250   7.047   8.823   1.00 10.57 ? 192 PRO E O   1 
ATOM   950  C CB  . PRO A 1 134 B 8.472   5.200   9.859   1.00 12.74 ? 192 PRO E CB  1 
ATOM   951  C CG  . PRO A 1 134 B 9.914   5.339   9.393   1.00 13.52 ? 192 PRO E CG  1 
ATOM   952  C CD  . PRO A 1 134 B 9.848   6.382   8.252   1.00 16.44 ? 192 PRO E CD  1 
ATOM   953  N N   . GLY A 1 135 ? 5.333   4.957   8.520   1.00 10.34 ? 193 GLY E N   1 
ATOM   954  C CA  . GLY A 1 135 ? 3.934   5.444   8.565   1.00 10.91 ? 193 GLY E CA  1 
ATOM   955  C C   . GLY A 1 135 ? 3.379   5.399   7.123   1.00 11.11 ? 193 GLY E C   1 
ATOM   956  O O   . GLY A 1 135 ? 2.153   5.328   6.999   1.00 9.99  ? 193 GLY E O   1 
ATOM   957  N N   . ASP A 1 136 ? 4.219   5.488   6.123   1.00 6.65  ? 194 ASP E N   1 
ATOM   958  C CA  . ASP A 1 136 ? 3.766   5.454   4.738   1.00 9.51  ? 194 ASP E CA  1 
ATOM   959  C C   . ASP A 1 136 ? 3.387   4.049   4.258   1.00 6.56  ? 194 ASP E C   1 
ATOM   960  O O   . ASP A 1 136 ? 2.780   3.915   3.192   1.00 8.12  ? 194 ASP E O   1 
ATOM   961  C CB  . ASP A 1 136 ? 4.843   6.010   3.783   1.00 8.17  ? 194 ASP E CB  1 
ATOM   962  C CG  . ASP A 1 136 ? 4.896   7.549   3.841   1.00 14.18 ? 194 ASP E CG  1 
ATOM   963  O OD1 . ASP A 1 136 ? 5.967   8.128   3.567   1.00 10.82 ? 194 ASP E OD1 1 
ATOM   964  O OD2 . ASP A 1 136 ? 3.895   8.181   4.157   1.00 11.35 ? 194 ASP E OD2 1 
ATOM   965  N N   . SER A 1 137 ? 3.845   3.008   4.963   1.00 10.09 ? 195 SER E N   1 
ATOM   966  C CA  . SER A 1 137 ? 3.547   1.626   4.571   1.00 8.82  ? 195 SER E CA  1 
ATOM   967  C C   . SER A 1 137 ? 2.042   1.350   4.348   1.00 8.45  ? 195 SER E C   1 
ATOM   968  O O   . SER A 1 137 ? 1.253   1.894   5.130   1.00 9.00  ? 195 SER E O   1 
ATOM   969  C CB  . SER A 1 137 ? 3.991   0.656   5.718   1.00 11.66 ? 195 SER E CB  1 
ATOM   970  O OG  . SER A 1 137 ? 5.378   0.502   5.426   1.00 23.25 ? 195 SER E OG  1 
ATOM   971  N N   . GLY A 1 138 ? 1.785   0.544   3.369   1.00 7.26  ? 196 GLY E N   1 
ATOM   972  C CA  . GLY A 1 138 ? 0.457   0.111   2.957   1.00 6.56  ? 196 GLY E CA  1 
ATOM   973  C C   . GLY A 1 138 ? -0.155  1.091   1.963   1.00 12.06 ? 196 GLY E C   1 
ATOM   974  O O   . GLY A 1 138 ? -1.153  0.707   1.330   1.00 10.28 ? 196 GLY E O   1 
ATOM   975  N N   . GLY A 1 139 ? 0.389   2.281   1.860   1.00 6.70  ? 197 GLY E N   1 
ATOM   976  C CA  . GLY A 1 139 ? -0.201  3.348   1.005   1.00 9.92  ? 197 GLY E CA  1 
ATOM   977  C C   . GLY A 1 139 ? -0.107  2.981   -0.479  1.00 12.25 ? 197 GLY E C   1 
ATOM   978  O O   . GLY A 1 139 ? 0.604   2.085   -0.939  1.00 10.82 ? 197 GLY E O   1 
ATOM   979  N N   . SER A 1 140 ? -0.780  3.729   -1.286  1.00 6.38  ? 198 SER E N   1 
ATOM   980  C CA  . SER A 1 140 ? -0.962  3.478   -2.695  1.00 8.00  ? 198 SER E CA  1 
ATOM   981  C C   . SER A 1 140 ? 0.167   3.795   -3.643  1.00 9.56  ? 198 SER E C   1 
ATOM   982  O O   . SER A 1 140 ? 0.643   4.922   -3.508  1.00 8.46  ? 198 SER E O   1 
ATOM   983  C CB  . SER A 1 140 ? -2.201  4.326   -3.162  1.00 10.32 ? 198 SER E CB  1 
ATOM   984  O OG  . SER A 1 140 ? -3.140  4.514   -2.089  1.00 6.46  ? 198 SER E OG  1 
ATOM   985  N N   . LEU A 1 141 ? 0.468   2.855   -4.530  1.00 7.40  ? 199 LEU E N   1 
ATOM   986  C CA  . LEU A 1 141 ? 1.431   3.114   -5.620  1.00 7.87  ? 199 LEU E CA  1 
ATOM   987  C C   . LEU A 1 141 ? 0.437   3.042   -6.857  1.00 9.23  ? 199 LEU E C   1 
ATOM   988  O O   . LEU A 1 141 ? -0.262  2.019   -7.010  1.00 4.91  ? 199 LEU E O   1 
ATOM   989  C CB  . LEU A 1 141 ? 2.574   2.140   -5.790  1.00 10.31 ? 199 LEU E CB  1 
ATOM   990  C CG  . LEU A 1 141 ? 3.515   2.606   -6.934  1.00 9.14  ? 199 LEU E CG  1 
ATOM   991  C CD1 . LEU A 1 141 ? 4.435   3.720   -6.443  1.00 10.35 ? 199 LEU E CD1 1 
ATOM   992  C CD2 . LEU A 1 141 ? 4.296   1.375   -7.343  1.00 13.72 ? 199 LEU E CD2 1 
ATOM   993  N N   . PHE A 1 142 ? 0.441   4.115   -7.634  1.00 5.48  ? 200 PHE E N   1 
ATOM   994  C CA  . PHE A 1 142 ? -0.528  4.132   -8.785  1.00 7.47  ? 200 PHE E CA  1 
ATOM   995  C C   . PHE A 1 142 ? 0.008   4.984   -9.936  1.00 9.34  ? 200 PHE E C   1 
ATOM   996  O O   . PHE A 1 142 ? 0.988   5.714   -9.791  1.00 10.63 ? 200 PHE E O   1 
ATOM   997  C CB  . PHE A 1 142 ? -1.899  4.692   -8.283  1.00 5.90  ? 200 PHE E CB  1 
ATOM   998  C CG  . PHE A 1 142 ? -1.825  6.088   -7.734  1.00 10.60 ? 200 PHE E CG  1 
ATOM   999  C CD1 . PHE A 1 142 ? -2.251  7.165   -8.549  1.00 13.56 ? 200 PHE E CD1 1 
ATOM   1000 C CD2 . PHE A 1 142 ? -1.284  6.367   -6.478  1.00 10.95 ? 200 PHE E CD2 1 
ATOM   1001 C CE1 . PHE A 1 142 ? -2.177  8.478   -8.127  1.00 10.84 ? 200 PHE E CE1 1 
ATOM   1002 C CE2 . PHE A 1 142 ? -1.193  7.696   -6.027  1.00 13.59 ? 200 PHE E CE2 1 
ATOM   1003 C CZ  . PHE A 1 142 ? -1.652  8.736   -6.855  1.00 11.24 ? 200 PHE E CZ  1 
ATOM   1004 N N   . ALA A 1 143 ? -0.658  4.825   -11.056 1.00 7.97  ? 201 ALA E N   1 
ATOM   1005 C CA  . ALA A 1 143 ? -0.311  5.619   -12.298 1.00 11.13 ? 201 ALA E CA  1 
ATOM   1006 C C   . ALA A 1 143 ? -1.675  6.015   -12.859 1.00 6.60  ? 201 ALA E C   1 
ATOM   1007 O O   . ALA A 1 143 ? -2.359  5.110   -13.397 1.00 10.53 ? 201 ALA E O   1 
ATOM   1008 C CB  . ALA A 1 143 ? 0.542   4.796   -13.227 1.00 13.37 ? 201 ALA E CB  1 
ATOM   1009 N N   . GLY A 1 144 ? -2.053  7.234   -12.630 1.00 11.50 ? 202 GLY E N   1 
ATOM   1010 C CA  . GLY A 1 144 ? -3.435  7.658   -13.127 1.00 13.25 ? 202 GLY E CA  1 
ATOM   1011 C C   . GLY A 1 144 ? -4.440  6.809   -12.336 1.00 12.18 ? 202 GLY E C   1 
ATOM   1012 O O   . GLY A 1 144 ? -4.327  6.576   -11.094 1.00 12.48 ? 202 GLY E O   1 
ATOM   1013 N N   . SER A 1 145 ? -5.394  6.287   -13.071 1.00 9.46  ? 207 SER E N   1 
ATOM   1014 C CA  . SER A 1 145 ? -6.497  5.503   -12.441 1.00 9.61  ? 207 SER E CA  1 
ATOM   1015 C C   . SER A 1 145 ? -6.226  4.015   -12.303 1.00 9.87  ? 207 SER E C   1 
ATOM   1016 O O   . SER A 1 145 ? -7.129  3.223   -12.005 1.00 10.93 ? 207 SER E O   1 
ATOM   1017 C CB  . SER A 1 145 ? -7.760  5.881   -13.220 1.00 11.31 ? 207 SER E CB  1 
ATOM   1018 O OG  . SER A 1 145 ? -7.679  5.210   -14.479 1.00 13.74 ? 207 SER E OG  1 
ATOM   1019 N N   . THR A 1 146 ? -4.920  3.670   -12.488 1.00 8.08  ? 208 THR E N   1 
ATOM   1020 C CA  . THR A 1 146 ? -4.529  2.242   -12.371 1.00 7.24  ? 208 THR E CA  1 
ATOM   1021 C C   . THR A 1 146 ? -3.729  2.013   -11.080 1.00 12.87 ? 208 THR E C   1 
ATOM   1022 O O   . THR A 1 146 ? -2.678  2.664   -10.871 1.00 9.47  ? 208 THR E O   1 
ATOM   1023 C CB  . THR A 1 146 ? -3.642  1.796   -13.601 1.00 14.28 ? 208 THR E CB  1 
ATOM   1024 O OG1 . THR A 1 146 ? -4.358  2.046   -14.866 1.00 13.80 ? 208 THR E OG1 1 
ATOM   1025 C CG2 . THR A 1 146 ? -3.164  0.329   -13.421 1.00 13.99 ? 208 THR E CG2 1 
ATOM   1026 N N   . ALA A 1 147 ? -4.275  1.125   -10.254 1.00 10.12 ? 209 ALA E N   1 
ATOM   1027 C CA  . ALA A 1 147 ? -3.606  0.710   -8.994  1.00 8.31  ? 209 ALA E CA  1 
ATOM   1028 C C   . ALA A 1 147 ? -2.457  -0.223  -9.339  1.00 8.63  ? 209 ALA E C   1 
ATOM   1029 O O   . ALA A 1 147 ? -2.660  -1.180  -10.152 1.00 7.52  ? 209 ALA E O   1 
ATOM   1030 C CB  . ALA A 1 147 ? -4.643  -0.050  -8.123  1.00 6.92  ? 209 ALA E CB  1 
ATOM   1031 N N   . LEU A 1 148 ? -1.283  -0.031  -8.698  1.00 7.03  ? 210 LEU E N   1 
ATOM   1032 C CA  . LEU A 1 148 ? -0.160  -0.906  -8.956  1.00 5.82  ? 210 LEU E CA  1 
ATOM   1033 C C   . LEU A 1 148 ? 0.439   -1.607  -7.718  1.00 6.44  ? 210 LEU E C   1 
ATOM   1034 O O   . LEU A 1 148 ? 0.899   -2.729  -7.925  1.00 8.85  ? 210 LEU E O   1 
ATOM   1035 C CB  . LEU A 1 148 ? 0.988   -0.075  -9.584  1.00 8.97  ? 210 LEU E CB  1 
ATOM   1036 C CG  . LEU A 1 148 ? 0.606   0.640   -10.911 1.00 7.90  ? 210 LEU E CG  1 
ATOM   1037 C CD1 . LEU A 1 148 ? 1.718   1.682   -11.162 1.00 11.35 ? 210 LEU E CD1 1 
ATOM   1038 C CD2 . LEU A 1 148 ? 0.423   -0.353  -12.026 1.00 12.18 ? 210 LEU E CD2 1 
ATOM   1039 N N   . GLY A 1 149 ? 0.502   -0.912  -6.614  1.00 5.01  ? 211 GLY E N   1 
ATOM   1040 C CA  . GLY A 1 149 ? 1.176   -1.585  -5.457  1.00 8.06  ? 211 GLY E CA  1 
ATOM   1041 C C   . GLY A 1 149 ? 0.883   -0.957  -4.147  1.00 6.59  ? 211 GLY E C   1 
ATOM   1042 O O   . GLY A 1 149 ? 0.143   0.023   -3.999  1.00 8.48  ? 211 GLY E O   1 
ATOM   1043 N N   . LEU A 1 150 ? 1.456   -1.667  -3.115  1.00 9.00  ? 212 LEU E N   1 
ATOM   1044 C CA  . LEU A 1 150 ? 1.262   -1.211  -1.713  1.00 7.04  ? 212 LEU E CA  1 
ATOM   1045 C C   . LEU A 1 150 ? 2.672   -0.954  -1.139  1.00 6.16  ? 212 LEU E C   1 
ATOM   1046 O O   . LEU A 1 150 ? 3.530   -1.844  -1.189  1.00 8.47  ? 212 LEU E O   1 
ATOM   1047 C CB  . LEU A 1 150 ? 0.534   -2.260  -0.940  1.00 4.44  ? 212 LEU E CB  1 
ATOM   1048 C CG  . LEU A 1 150 ? -0.790  -2.799  -1.552  1.00 7.84  ? 212 LEU E CG  1 
ATOM   1049 C CD1 . LEU A 1 150 ? -1.051  -4.173  -0.901  1.00 8.73  ? 212 LEU E CD1 1 
ATOM   1050 C CD2 . LEU A 1 150 ? -1.925  -1.860  -1.197  1.00 10.47 ? 212 LEU E CD2 1 
ATOM   1051 N N   . THR A 1 151 ? 2.811   0.206   -0.559  1.00 7.16  ? 213 THR E N   1 
ATOM   1052 C CA  . THR A 1 151 ? 4.167   0.532   0.015   1.00 5.98  ? 213 THR E CA  1 
ATOM   1053 C C   . THR A 1 151 ? 4.602   -0.490  1.078   1.00 10.26 ? 213 THR E C   1 
ATOM   1054 O O   . THR A 1 151 ? 3.905   -0.658  2.079   1.00 8.31  ? 213 THR E O   1 
ATOM   1055 C CB  . THR A 1 151 ? 4.170   1.981   0.617   1.00 7.98  ? 213 THR E CB  1 
ATOM   1056 O OG1 . THR A 1 151 ? 3.589   2.831   -0.414  1.00 9.13  ? 213 THR E OG1 1 
ATOM   1057 C CG2 . THR A 1 151 ? 5.587   2.429   0.994   1.00 6.77  ? 213 THR E CG2 1 
ATOM   1058 N N   . SER A 1 152 ? 5.796   -1.025  0.880   1.00 10.10 ? 214 SER E N   1 
ATOM   1059 C CA  . SER A 1 152 ? 6.330   -2.006  1.884   1.00 7.75  ? 214 SER E CA  1 
ATOM   1060 C C   . SER A 1 152 ? 7.434   -1.378  2.723   1.00 11.06 ? 214 SER E C   1 
ATOM   1061 O O   . SER A 1 152 ? 7.342   -1.256  3.985   1.00 12.35 ? 214 SER E O   1 
ATOM   1062 C CB  . SER A 1 152 ? 6.820   -3.228  1.132   1.00 5.56  ? 214 SER E CB  1 
ATOM   1063 O OG  . SER A 1 152 ? 7.420   -4.152  2.105   1.00 12.12 ? 214 SER E OG  1 
ATOM   1064 N N   . GLY A 1 153 ? 8.483   -0.918  2.067   1.00 12.12 ? 215 GLY E N   1 
ATOM   1065 C CA  . GLY A 1 153 ? 9.632   -0.326  2.853   1.00 11.82 ? 215 GLY E CA  1 
ATOM   1066 C C   . GLY A 1 153 ? 10.647  0.245   1.852   1.00 12.57 ? 215 GLY E C   1 
ATOM   1067 O O   . GLY A 1 153 ? 10.356  0.460   0.675   1.00 12.90 ? 215 GLY E O   1 
ATOM   1068 N N   . GLY A 1 154 ? 11.814  0.516   2.412   1.00 14.80 ? 216 GLY E N   1 
ATOM   1069 C CA  . GLY A 1 154 ? 12.914  1.080   1.555   1.00 13.44 ? 216 GLY E CA  1 
ATOM   1070 C C   . GLY A 1 154 ? 14.030  1.622   2.444   1.00 18.12 ? 216 GLY E C   1 
ATOM   1071 O O   . GLY A 1 154 ? 14.123  1.292   3.628   1.00 13.01 ? 216 GLY E O   1 
ATOM   1072 N N   . SER A 1 155 ? 14.827  2.437   1.800   1.00 15.82 ? 217 SER E N   1 
ATOM   1073 C CA  . SER A 1 155 ? 15.990  3.101   2.478   1.00 19.85 ? 217 SER E CA  1 
ATOM   1074 C C   . SER A 1 155 ? 15.881  4.588   2.148   1.00 19.34 ? 217 SER E C   1 
ATOM   1075 O O   . SER A 1 155 ? 15.209  5.016   1.170   1.00 17.50 ? 217 SER E O   1 
ATOM   1076 C CB  . SER A 1 155 ? 17.253  2.447   1.976   1.00 20.23 ? 217 SER E CB  1 
ATOM   1077 O OG  . SER A 1 155 ? 17.287  2.620   0.566   1.00 32.94 ? 217 SER E OG  1 
ATOM   1078 N N   . GLY A 1 156 ? 16.490  5.395   2.970   1.00 20.96 ? 218 GLY E N   1 
ATOM   1079 C CA  . GLY A 1 156 ? 16.533  6.854   2.840   1.00 22.14 ? 218 GLY E CA  1 
ATOM   1080 C C   . GLY A 1 156 ? 15.297  7.499   3.423   1.00 22.43 ? 218 GLY E C   1 
ATOM   1081 O O   . GLY A 1 156 ? 14.604  6.918   4.277   1.00 27.09 ? 218 GLY E O   1 
ATOM   1082 N N   . ASN A 1 157 ? 15.055  8.709   2.903   1.00 23.38 ? 219 ASN E N   1 
ATOM   1083 C CA  . ASN A 1 157 ? 13.905  9.489   3.359   1.00 23.61 ? 219 ASN E CA  1 
ATOM   1084 C C   . ASN A 1 157 ? 13.547  10.557  2.328   1.00 21.06 ? 219 ASN E C   1 
ATOM   1085 O O   . ASN A 1 157 ? 14.236  10.660  1.310   1.00 23.98 ? 219 ASN E O   1 
ATOM   1086 C CB  . ASN A 1 157 ? 14.201  10.021  4.792   1.00 33.02 ? 219 ASN E CB  1 
ATOM   1087 C CG  . ASN A 1 157 ? 15.494  10.851  4.652   1.00 39.65 ? 219 ASN E CG  1 
ATOM   1088 O OD1 . ASN A 1 157 ? 15.390  11.940  4.067   1.00 35.70 ? 219 ASN E OD1 1 
ATOM   1089 N ND2 . ASN A 1 157 ? 16.592  10.252  5.115   1.00 41.83 ? 219 ASN E ND2 1 
ATOM   1090 N N   . CYS A 1 158 ? 12.490  11.303  2.627   1.00 22.09 ? 220 CYS E N   1 
ATOM   1091 C CA  . CYS A 1 158 ? 12.037  12.308  1.638   1.00 22.86 ? 220 CYS E CA  1 
ATOM   1092 C C   . CYS A 1 158 ? 12.841  13.582  1.610   1.00 30.74 ? 220 CYS E C   1 
ATOM   1093 O O   . CYS A 1 158 ? 12.399  14.502  0.868   1.00 30.89 ? 220 CYS E O   1 
ATOM   1094 C CB  . CYS A 1 158 ? 10.539  12.537  1.848   1.00 20.80 ? 220 CYS E CB  1 
ATOM   1095 S SG  . CYS A 1 158 ? 9.623   11.139  1.126   1.00 19.09 ? 220 CYS E SG  1 
ATOM   1096 N N   . ARG A 1 159 ? 13.931  13.628  2.354   1.00 31.59 ? 221 ARG E N   1 
ATOM   1097 C CA  . ARG A 1 159 ? 14.734  14.890  2.312   1.00 35.53 ? 221 ARG E CA  1 
ATOM   1098 C C   . ARG A 1 159 ? 15.948  14.610  1.452   1.00 39.37 ? 221 ARG E C   1 
ATOM   1099 O O   . ARG A 1 159 ? 16.345  15.442  0.615   1.00 42.67 ? 221 ARG E O   1 
ATOM   1100 C CB  . ARG A 1 159 ? 15.069  15.374  3.710   1.00 40.08 ? 221 ARG E CB  1 
ATOM   1101 N N   . THR A 1 160 ? 16.479  13.415  1.649   1.00 37.56 ? 222 THR E N   1 
ATOM   1102 C CA  . THR A 1 160 ? 17.682  12.982  0.906   1.00 40.95 ? 222 THR E CA  1 
ATOM   1103 C C   . THR A 1 160 ? 17.341  12.122  -0.293  1.00 40.23 ? 222 THR E C   1 
ATOM   1104 O O   . THR A 1 160 ? 18.198  11.895  -1.173  1.00 39.88 ? 222 THR E O   1 
ATOM   1105 C CB  . THR A 1 160 ? 18.654  12.292  1.943   1.00 45.41 ? 222 THR E CB  1 
ATOM   1106 O OG1 . THR A 1 160 ? 18.393  10.846  1.961   1.00 51.60 ? 222 THR E OG1 1 
ATOM   1107 C CG2 . THR A 1 160 ? 18.500  12.925  3.337   1.00 49.73 ? 222 THR E CG2 1 
ATOM   1108 N N   . GLY A 1 161 ? 16.088  11.665  -0.260  1.00 37.51 ? 223 GLY E N   1 
ATOM   1109 C CA  . GLY A 1 161 ? 15.570  10.776  -1.346  1.00 33.68 ? 223 GLY E CA  1 
ATOM   1110 C C   . GLY A 1 161 ? 15.924  9.359   -0.855  1.00 31.34 ? 223 GLY E C   1 
ATOM   1111 O O   . GLY A 1 161 ? 16.569  9.237   0.218   1.00 30.56 ? 223 GLY E O   1 
ATOM   1112 N N   . GLY A 1 162 ? 15.488  8.392   -1.631  1.00 27.81 ? 224 GLY E N   1 
ATOM   1113 C CA  . GLY A 1 162 ? 15.768  6.986   -1.232  1.00 24.75 ? 224 GLY E CA  1 
ATOM   1114 C C   . GLY A 1 162 ? 15.137  6.074   -2.266  1.00 24.01 ? 224 GLY E C   1 
ATOM   1115 O O   . GLY A 1 162 ? 14.682  6.555   -3.317  1.00 19.26 ? 224 GLY E O   1 
ATOM   1116 N N   . THR A 1 163 ? 15.171  4.795   -1.937  1.00 19.18 ? 225 THR E N   1 
ATOM   1117 C CA  . THR A 1 163 ? 14.667  3.690   -2.748  1.00 18.51 ? 225 THR E CA  1 
ATOM   1118 C C   . THR A 1 163 ? 13.499  3.041   -2.008  1.00 20.35 ? 225 THR E C   1 
ATOM   1119 O O   . THR A 1 163 ? 13.661  2.878   -0.766  1.00 16.92 ? 225 THR E O   1 
ATOM   1120 C CB  . THR A 1 163 ? 15.787  2.616   -2.977  1.00 21.25 ? 225 THR E CB  1 
ATOM   1121 O OG1 . THR A 1 163 ? 16.762  3.360   -3.734  1.00 30.82 ? 225 THR E OG1 1 
ATOM   1122 C CG2 . THR A 1 163 ? 15.318  1.364   -3.738  1.00 25.37 ? 225 THR E CG2 1 
ATOM   1123 N N   . THR A 1 164 ? 12.428  2.758   -2.742  1.00 14.37 ? 226 THR E N   1 
ATOM   1124 C CA  . THR A 1 164 ? 11.302  2.119   -2.028  1.00 12.68 ? 226 THR E CA  1 
ATOM   1125 C C   . THR A 1 164 ? 10.845  0.922   -2.834  1.00 10.50 ? 226 THR E C   1 
ATOM   1126 O O   . THR A 1 164 ? 10.995  0.837   -4.064  1.00 10.26 ? 226 THR E O   1 
ATOM   1127 C CB  . THR A 1 164 ? 10.140  3.106   -1.666  1.00 13.93 ? 226 THR E CB  1 
ATOM   1128 O OG1 . THR A 1 164 ? 9.765   3.667   -2.948  1.00 15.58 ? 226 THR E OG1 1 
ATOM   1129 C CG2 . THR A 1 164 ? 10.598  4.156   -0.635  1.00 17.64 ? 226 THR E CG2 1 
ATOM   1130 N N   . PHE A 1 165 ? 10.287  -0.016  -2.021  1.00 8.38  ? 227 PHE E N   1 
ATOM   1131 C CA  . PHE A 1 165 ? 9.785   -1.280  -2.563  1.00 8.11  ? 227 PHE E CA  1 
ATOM   1132 C C   . PHE A 1 165 ? 8.262   -1.413  -2.272  1.00 8.03  ? 227 PHE E C   1 
ATOM   1133 O O   . PHE A 1 165 ? 7.848   -0.994  -1.185  1.00 7.31  ? 227 PHE E O   1 
ATOM   1134 C CB  . PHE A 1 165 ? 10.489  -2.475  -1.892  1.00 11.31 ? 227 PHE E CB  1 
ATOM   1135 C CG  . PHE A 1 165 ? 11.999  -2.255  -2.101  1.00 10.53 ? 227 PHE E CG  1 
ATOM   1136 C CD1 . PHE A 1 165 ? 12.742  -1.641  -1.119  1.00 13.59 ? 227 PHE E CD1 1 
ATOM   1137 C CD2 . PHE A 1 165 ? 12.536  -2.746  -3.279  1.00 13.60 ? 227 PHE E CD2 1 
ATOM   1138 C CE1 . PHE A 1 165 ? 14.137  -1.489  -1.324  1.00 17.88 ? 227 PHE E CE1 1 
ATOM   1139 C CE2 . PHE A 1 165 ? 13.924  -2.599  -3.523  1.00 17.94 ? 227 PHE E CE2 1 
ATOM   1140 C CZ  . PHE A 1 165 ? 14.696  -1.954  -2.522  1.00 17.60 ? 227 PHE E CZ  1 
ATOM   1141 N N   . TYR A 1 166 ? 7.597   -1.993  -3.248  1.00 8.12  ? 228 TYR E N   1 
ATOM   1142 C CA  . TYR A 1 166 ? 6.128   -2.161  -3.117  1.00 7.13  ? 228 TYR E CA  1 
ATOM   1143 C C   . TYR A 1 166 ? 5.657   -3.552  -3.441  1.00 7.84  ? 228 TYR E C   1 
ATOM   1144 O O   . TYR A 1 166 ? 6.171   -4.171  -4.409  1.00 9.82  ? 228 TYR E O   1 
ATOM   1145 C CB  . TYR A 1 166 ? 5.394   -1.268  -4.234  1.00 8.43  ? 228 TYR E CB  1 
ATOM   1146 C CG  . TYR A 1 166 ? 5.823   0.178   -3.979  1.00 8.68  ? 228 TYR E CG  1 
ATOM   1147 C CD1 . TYR A 1 166 ? 4.974   1.076   -3.306  1.00 9.06  ? 228 TYR E CD1 1 
ATOM   1148 C CD2 . TYR A 1 166 ? 7.079   0.581   -4.351  1.00 8.91  ? 228 TYR E CD2 1 
ATOM   1149 C CE1 . TYR A 1 166 ? 5.373   2.366   -2.987  1.00 5.70  ? 228 TYR E CE1 1 
ATOM   1150 C CE2 . TYR A 1 166 ? 7.509   1.893   -4.070  1.00 10.38 ? 228 TYR E CE2 1 
ATOM   1151 C CZ  . TYR A 1 166 ? 6.689   2.738   -3.371  1.00 7.67  ? 228 TYR E CZ  1 
ATOM   1152 O OH  . TYR A 1 166 ? 7.210   3.999   -3.115  1.00 12.80 ? 228 TYR E OH  1 
ATOM   1153 N N   . GLN A 1 167 ? 4.653   -4.002  -2.731  1.00 6.45  ? 229 GLN E N   1 
ATOM   1154 C CA  . GLN A 1 167 ? 4.023   -5.314  -3.026  1.00 7.75  ? 229 GLN E CA  1 
ATOM   1155 C C   . GLN A 1 167 ? 3.103   -5.063  -4.243  1.00 6.96  ? 229 GLN E C   1 
ATOM   1156 O O   . GLN A 1 167 ? 2.241   -4.141  -4.231  1.00 9.19  ? 229 GLN E O   1 
ATOM   1157 C CB  . GLN A 1 167 ? 3.149   -5.717  -1.824  1.00 3.49  ? 229 GLN E CB  1 
ATOM   1158 C CG  . GLN A 1 167 ? 2.122   -6.820  -2.093  1.00 6.53  ? 229 GLN E CG  1 
ATOM   1159 C CD  . GLN A 1 167 ? 2.747   -8.192  -2.295  1.00 9.26  ? 229 GLN E CD  1 
ATOM   1160 O OE1 . GLN A 1 167 ? 3.510   -8.704  -1.476  1.00 8.22  ? 229 GLN E OE1 1 
ATOM   1161 N NE2 . GLN A 1 167 ? 2.406   -8.798  -3.447  1.00 7.93  ? 229 GLN E NE2 1 
ATOM   1162 N N   . PRO A 1 168 ? 3.228   -5.826  -5.283  1.00 9.32  ? 230 PRO E N   1 
ATOM   1163 C CA  . PRO A 1 168 ? 2.362   -5.737  -6.462  1.00 4.60  ? 230 PRO E CA  1 
ATOM   1164 C C   . PRO A 1 168 ? 0.916   -5.990  -5.999  1.00 6.99  ? 230 PRO E C   1 
ATOM   1165 O O   . PRO A 1 168 ? 0.629   -6.975  -5.256  1.00 5.33  ? 230 PRO E O   1 
ATOM   1166 C CB  . PRO A 1 168 ? 2.861   -6.789  -7.412  1.00 9.58  ? 230 PRO E CB  1 
ATOM   1167 C CG  . PRO A 1 168 ? 4.307   -6.968  -6.958  1.00 12.60 ? 230 PRO E CG  1 
ATOM   1168 C CD  . PRO A 1 168 ? 4.205   -6.940  -5.430  1.00 9.97  ? 230 PRO E CD  1 
ATOM   1169 N N   . VAL A 1 169 ? 0.011   -5.051  -6.381  1.00 6.81  ? 231 VAL E N   1 
ATOM   1170 C CA  . VAL A 1 169 ? -1.389  -5.157  -5.917  1.00 7.73  ? 231 VAL E CA  1 
ATOM   1171 C C   . VAL A 1 169 ? -2.157  -6.346  -6.512  1.00 8.66  ? 231 VAL E C   1 
ATOM   1172 O O   . VAL A 1 169 ? -3.126  -6.873  -5.899  1.00 7.26  ? 231 VAL E O   1 
ATOM   1173 C CB  . VAL A 1 169 ? -2.102  -3.753  -6.133  1.00 9.55  ? 231 VAL E CB  1 
ATOM   1174 C CG1 . VAL A 1 169 ? -2.515  -3.527  -7.559  1.00 5.72  ? 231 VAL E CG1 1 
ATOM   1175 C CG2 . VAL A 1 169 ? -3.263  -3.600  -5.131  1.00 13.63 ? 231 VAL E CG2 1 
ATOM   1176 N N   . THR A 1 170 ? -1.839  -6.741  -7.718  1.00 7.42  ? 232 THR E N   1 
ATOM   1177 C CA  . THR A 1 170 ? -2.550  -7.869  -8.366  1.00 8.89  ? 232 THR E CA  1 
ATOM   1178 C C   . THR A 1 170 ? -2.409  -9.154  -7.561  1.00 8.11  ? 232 THR E C   1 
ATOM   1179 O O   . THR A 1 170 ? -3.415  -9.887  -7.496  1.00 10.98 ? 232 THR E O   1 
ATOM   1180 C CB  . THR A 1 170 ? -2.184  -8.031  -9.873  1.00 12.49 ? 232 THR E CB  1 
ATOM   1181 O OG1 . THR A 1 170 ? -0.704  -8.170  -9.791  1.00 19.00 ? 232 THR E OG1 1 
ATOM   1182 C CG2 . THR A 1 170 ? -2.611  -6.837  -10.728 1.00 16.55 ? 232 THR E CG2 1 
ATOM   1183 N N   . GLU A 1 171 ? -1.242  -9.404  -6.918  1.00 8.23  ? 233 GLU E N   1 
ATOM   1184 C CA  . GLU A 1 171 ? -1.094  -10.642 -6.144  1.00 13.46 ? 233 GLU E CA  1 
ATOM   1185 C C   . GLU A 1 171 ? -1.995  -10.624 -4.929  1.00 10.00 ? 233 GLU E C   1 
ATOM   1186 O O   . GLU A 1 171 ? -2.571  -11.643 -4.586  1.00 11.30 ? 233 GLU E O   1 
ATOM   1187 C CB  . GLU A 1 171 ? 0.366   -10.821 -5.723  1.00 14.11 ? 233 GLU E CB  1 
ATOM   1188 C CG  . GLU A 1 171 ? 0.834   -12.086 -5.072  1.00 38.70 ? 233 GLU E CG  1 
ATOM   1189 C CD  . GLU A 1 171 ? 2.267   -12.175 -4.593  1.00 43.39 ? 233 GLU E CD  1 
ATOM   1190 O OE1 . GLU A 1 171 ? 3.105   -11.285 -4.552  1.00 40.56 ? 233 GLU E OE1 1 
ATOM   1191 O OE2 . GLU A 1 171 ? 2.523   -13.369 -4.225  1.00 58.61 ? 233 GLU E OE2 1 
ATOM   1192 N N   . ALA A 1 172 ? -2.095  -9.462  -4.307  1.00 7.72  ? 234 ALA E N   1 
ATOM   1193 C CA  . ALA A 1 172 ? -2.970  -9.260  -3.136  1.00 8.68  ? 234 ALA E CA  1 
ATOM   1194 C C   . ALA A 1 172 ? -4.427  -9.411  -3.549  1.00 6.91  ? 234 ALA E C   1 
ATOM   1195 O O   . ALA A 1 172 ? -5.208  -10.067 -2.829  1.00 11.33 ? 234 ALA E O   1 
ATOM   1196 C CB  . ALA A 1 172 ? -2.681  -7.887  -2.537  1.00 9.53  ? 234 ALA E CB  1 
ATOM   1197 N N   . LEU A 1 173 ? -4.864  -8.846  -4.672  1.00 7.32  ? 235 LEU E N   1 
ATOM   1198 C CA  . LEU A 1 173 ? -6.258  -8.982  -5.107  1.00 6.36  ? 235 LEU E CA  1 
ATOM   1199 C C   . LEU A 1 173 ? -6.619  -10.437 -5.377  1.00 11.64 ? 235 LEU E C   1 
ATOM   1200 O O   . LEU A 1 173 ? -7.672  -10.907 -4.963  1.00 14.03 ? 235 LEU E O   1 
ATOM   1201 C CB  . LEU A 1 173 ? -6.447  -8.135  -6.382  1.00 7.80  ? 235 LEU E CB  1 
ATOM   1202 C CG  . LEU A 1 173 ? -6.360  -6.626  -6.125  1.00 12.06 ? 235 LEU E CG  1 
ATOM   1203 C CD1 . LEU A 1 173 ? -6.309  -5.904  -7.470  1.00 12.20 ? 235 LEU E CD1 1 
ATOM   1204 C CD2 . LEU A 1 173 ? -7.558  -6.061  -5.355  1.00 8.44  ? 235 LEU E CD2 1 
ATOM   1205 N N   . SER A 1 174 A -5.705  -11.153 -6.063  1.00 12.72 ? 235 SER E N   1 
ATOM   1206 C CA  . SER A 1 174 A -6.030  -12.582 -6.354  1.00 16.48 ? 235 SER E CA  1 
ATOM   1207 C C   . SER A 1 174 A -5.943  -13.419 -5.085  1.00 14.72 ? 235 SER E C   1 
ATOM   1208 O O   . SER A 1 174 A -6.759  -14.384 -4.970  1.00 14.90 ? 235 SER E O   1 
ATOM   1209 C CB  . SER A 1 174 A -5.219  -13.079 -7.531  1.00 15.68 ? 235 SER E CB  1 
ATOM   1210 O OG  . SER A 1 174 A -3.899  -13.093 -7.135  1.00 30.19 ? 235 SER E OG  1 
ATOM   1211 N N   . ALA A 1 175 ? -5.100  -13.108 -4.125  1.00 14.73 ? 236 ALA E N   1 
ATOM   1212 C CA  . ALA A 1 175 ? -5.042  -13.891 -2.871  1.00 14.12 ? 236 ALA E CA  1 
ATOM   1213 C C   . ALA A 1 175 ? -6.388  -13.891 -2.200  1.00 13.17 ? 236 ALA E C   1 
ATOM   1214 O O   . ALA A 1 175 ? -6.768  -14.833 -1.471  1.00 14.76 ? 236 ALA E O   1 
ATOM   1215 C CB  . ALA A 1 175 ? -3.969  -13.264 -1.927  1.00 11.93 ? 236 ALA E CB  1 
ATOM   1216 N N   . TYR A 1 176 ? -7.115  -12.751 -2.311  1.00 9.75  ? 237 TYR E N   1 
ATOM   1217 C CA  . TYR A 1 176 ? -8.403  -12.608 -1.593  1.00 9.63  ? 237 TYR E CA  1 
ATOM   1218 C C   . TYR A 1 176 ? -9.623  -12.595 -2.464  1.00 8.45  ? 237 TYR E C   1 
ATOM   1219 O O   . TYR A 1 176 ? -10.731 -12.405 -1.871  1.00 10.71 ? 237 TYR E O   1 
ATOM   1220 C CB  . TYR A 1 176 ? -8.309  -11.313 -0.668  1.00 8.70  ? 237 TYR E CB  1 
ATOM   1221 C CG  . TYR A 1 176 ? -7.162  -11.355 0.309   1.00 10.38 ? 237 TYR E CG  1 
ATOM   1222 C CD1 . TYR A 1 176 ? -6.976  -12.464 1.178   1.00 10.68 ? 237 TYR E CD1 1 
ATOM   1223 C CD2 . TYR A 1 176 ? -6.263  -10.323 0.381   1.00 5.85  ? 237 TYR E CD2 1 
ATOM   1224 C CE1 . TYR A 1 176 ? -5.905  -12.512 2.090   1.00 12.13 ? 237 TYR E CE1 1 
ATOM   1225 C CE2 . TYR A 1 176 ? -5.167  -10.316 1.290   1.00 7.45  ? 237 TYR E CE2 1 
ATOM   1226 C CZ  . TYR A 1 176 ? -5.013  -11.431 2.139   1.00 12.92 ? 237 TYR E CZ  1 
ATOM   1227 O OH  . TYR A 1 176 ? -3.984  -11.428 3.028   1.00 10.74 ? 237 TYR E OH  1 
ATOM   1228 N N   . GLY A 1 177 ? -9.463  -12.766 -3.772  1.00 8.94  ? 238 GLY E N   1 
ATOM   1229 C CA  . GLY A 1 177 ? -10.625 -12.731 -4.695  1.00 11.57 ? 238 GLY E CA  1 
ATOM   1230 C C   . GLY A 1 177 ? -11.260 -11.329 -4.672  1.00 12.21 ? 238 GLY E C   1 
ATOM   1231 O O   . GLY A 1 177 ? -12.527 -11.212 -4.681  1.00 13.53 ? 238 GLY E O   1 
ATOM   1232 N N   . ALA A 1 178 ? -10.424 -10.322 -4.648  1.00 8.27  ? 239 ALA E N   1 
ATOM   1233 C CA  . ALA A 1 178 ? -10.962 -8.919  -4.539  1.00 8.65  ? 239 ALA E CA  1 
ATOM   1234 C C   . ALA A 1 178 ? -10.799 -8.160  -5.834  1.00 10.59 ? 239 ALA E C   1 
ATOM   1235 O O   . ALA A 1 178 ? -9.963  -8.566  -6.671  1.00 11.02 ? 239 ALA E O   1 
ATOM   1236 C CB  . ALA A 1 178 ? -10.169 -8.266  -3.430  1.00 6.12  ? 239 ALA E CB  1 
ATOM   1237 N N   . THR A 1 179 ? -11.566 -7.111  -5.976  1.00 9.40  ? 240 THR E N   1 
ATOM   1238 C CA  . THR A 1 179 ? -11.484 -6.218  -7.149  1.00 8.23  ? 240 THR E CA  1 
ATOM   1239 C C   . THR A 1 179 ? -11.404 -4.780  -6.598  1.00 11.72 ? 240 THR E C   1 
ATOM   1240 O O   . THR A 1 179 ? -12.068 -4.501  -5.584  1.00 9.68  ? 240 THR E O   1 
ATOM   1241 C CB  . THR A 1 179 ? -12.654 -6.420  -8.159  1.00 20.81 ? 240 THR E CB  1 
ATOM   1242 O OG1 . THR A 1 179 ? -13.914 -6.169  -7.447  1.00 21.17 ? 240 THR E OG1 1 
ATOM   1243 C CG2 . THR A 1 179 ? -12.773 -7.842  -8.690  1.00 19.33 ? 240 THR E CG2 1 
ATOM   1244 N N   . VAL A 1 180 ? -10.625 -3.907  -7.253  1.00 9.73  ? 241 VAL E N   1 
ATOM   1245 C CA  . VAL A 1 180 ? -10.504 -2.543  -6.789  1.00 10.80 ? 241 VAL E CA  1 
ATOM   1246 C C   . VAL A 1 180 ? -11.830 -1.796  -7.083  1.00 10.42 ? 241 VAL E C   1 
ATOM   1247 O O   . VAL A 1 180 ? -12.534 -2.083  -8.058  1.00 10.09 ? 241 VAL E O   1 
ATOM   1248 C CB  . VAL A 1 180 ? -9.287  -1.768  -7.369  1.00 17.29 ? 241 VAL E CB  1 
ATOM   1249 C CG1 . VAL A 1 180 ? -7.969  -2.414  -7.012  1.00 22.07 ? 241 VAL E CG1 1 
ATOM   1250 C CG2 . VAL A 1 180 ? -9.410  -1.588  -8.851  1.00 13.10 ? 241 VAL E CG2 1 
ATOM   1251 N N   . LEU A 1 181 ? -12.129 -0.906  -6.152  1.00 9.59  ? 242 LEU E N   1 
ATOM   1252 C CA  . LEU A 1 181 ? -13.380 -0.085  -6.290  1.00 8.91  ? 242 LEU E CA  1 
ATOM   1253 C C   . LEU A 1 181 ? -12.965 1.214   -7.063  1.00 11.54 ? 242 LEU E C   1 
ATOM   1254 O O   . LEU A 1 181 ? -11.861 1.672   -6.856  1.00 10.33 ? 242 LEU E O   1 
ATOM   1255 C CB  . LEU A 1 181 ? -13.947 0.208   -4.959  1.00 6.86  ? 242 LEU E CB  1 
ATOM   1256 C CG  . LEU A 1 181 ? -14.646 -0.833  -4.123  1.00 7.38  ? 242 LEU E CG  1 
ATOM   1257 C CD1 . LEU A 1 181 ? -14.920 -0.195  -2.747  1.00 13.04 ? 242 LEU E CD1 1 
ATOM   1258 C CD2 . LEU A 1 181 ? -15.923 -1.287  -4.773  1.00 14.45 ? 242 LEU E CD2 1 
ATOM   1259 O OXT . LEU A 1 181 ? -13.764 1.763   -7.816  1.00 14.94 ? 242 LEU E OXT 1 
HETATM 1260 C C   . ACE B 2 1   ? 18.253  -0.934  4.965   1.00 41.02 ? 5   ACE P C   1 
HETATM 1261 O O   . ACE B 2 1   ? 17.754  -0.135  5.778   1.00 36.79 ? 5   ACE P O   1 
HETATM 1262 C CH3 . ACE B 2 1   ? 19.722  -1.249  4.958   1.00 44.01 ? 5   ACE P CH3 1 
ATOM   1263 N N   . PRO B 2 2   ? 17.532  -1.572  4.022   1.00 32.27 ? 4   PRO P N   1 
ATOM   1264 C CA  . PRO B 2 2   ? 16.104  -1.241  3.892   1.00 25.21 ? 4   PRO P CA  1 
ATOM   1265 C C   . PRO B 2 2   ? 15.383  -1.705  5.133   1.00 21.72 ? 4   PRO P C   1 
ATOM   1266 O O   . PRO B 2 2   ? 15.829  -2.642  5.873   1.00 18.44 ? 4   PRO P O   1 
ATOM   1267 C CB  . PRO B 2 2   ? 15.706  -1.919  2.590   1.00 29.41 ? 4   PRO P CB  1 
ATOM   1268 C CG  . PRO B 2 2   ? 16.599  -3.132  2.506   1.00 29.86 ? 4   PRO P CG  1 
ATOM   1269 C CD  . PRO B 2 2   ? 17.933  -2.682  3.125   1.00 30.21 ? 4   PRO P CD  1 
ATOM   1270 N N   . ALA B 2 3   ? 14.275  -1.038  5.391   1.00 19.05 ? 3   ALA P N   1 
ATOM   1271 C CA  . ALA B 2 3   ? 13.415  -1.324  6.559   1.00 19.37 ? 3   ALA P CA  1 
ATOM   1272 C C   . ALA B 2 3   ? 11.959  -1.110  6.187   1.00 17.18 ? 3   ALA P C   1 
ATOM   1273 O O   . ALA B 2 3   ? 11.636  -0.297  5.287   1.00 13.58 ? 3   ALA P O   1 
ATOM   1274 C CB  . ALA B 2 3   ? 13.771  -0.363  7.696   1.00 20.42 ? 3   ALA P CB  1 
ATOM   1275 N N   . PRO B 2 4   ? 11.099  -1.823  6.918   1.00 14.82 ? 2   PRO P N   1 
ATOM   1276 C CA  . PRO B 2 4   ? 9.663   -1.723  6.666   1.00 14.93 ? 2   PRO P CA  1 
ATOM   1277 C C   . PRO B 2 4   ? 9.203   -0.354  7.128   1.00 18.07 ? 2   PRO P C   1 
ATOM   1278 O O   . PRO B 2 4   ? 9.633   0.083   8.237   1.00 18.25 ? 2   PRO P O   1 
ATOM   1279 C CB  . PRO B 2 4   ? 9.021   -2.855  7.444   1.00 16.92 ? 2   PRO P CB  1 
ATOM   1280 C CG  . PRO B 2 4   ? 10.145  -3.631  8.089   1.00 18.84 ? 2   PRO P CG  1 
ATOM   1281 C CD  . PRO B 2 4   ? 11.416  -2.794  7.984   1.00 20.22 ? 2   PRO P CD  1 
ATOM   1282 N N   . TYR B 2 5   ? 8.396   0.306   6.325   1.00 10.00 ? 1   TYR P N   1 
ATOM   1283 C CA  . TYR B 2 5   ? 7.887   1.619   6.781   1.00 13.52 ? 1   TYR P CA  1 
ATOM   1284 C C   . TYR B 2 5   ? 6.507   1.420   7.472   1.00 14.95 ? 1   TYR P C   1 
ATOM   1285 O O   . TYR B 2 5   ? 5.726   2.440   7.468   1.00 13.05 ? 1   TYR P O   1 
ATOM   1286 C CB  . TYR B 2 5   ? 7.870   2.570   5.610   1.00 19.13 ? 1   TYR P CB  1 
ATOM   1287 C CG  . TYR B 2 5   ? 9.223   3.032   5.136   1.00 19.60 ? 1   TYR P CG  1 
ATOM   1288 C CD1 . TYR B 2 5   ? 10.334  3.104   5.974   1.00 21.46 ? 1   TYR P CD1 1 
ATOM   1289 C CD2 . TYR B 2 5   ? 9.348   3.447   3.809   1.00 19.18 ? 1   TYR P CD2 1 
ATOM   1290 C CE1 . TYR B 2 5   ? 11.580  3.563   5.488   1.00 23.96 ? 1   TYR P CE1 1 
ATOM   1291 C CE2 . TYR B 2 5   ? 10.576  3.903   3.315   1.00 27.12 ? 1   TYR P CE2 1 
ATOM   1292 C CZ  . TYR B 2 5   ? 11.679  3.969   4.170   1.00 27.70 ? 1   TYR P CZ  1 
ATOM   1293 O OH  . TYR B 2 5   ? 12.848  4.433   3.614   1.00 32.50 ? 1   TYR P OH  1 
ATOM   1294 O OXT . TYR B 2 5   ? 6.186   0.422   8.247   1.00 12.36 ? 1   TYR P OXT 1 
HETATM 1295 O O   . HOH C 3 .   ? -7.560  -11.883 10.954  0.83 22.36 ? 243 HOH E O   1 
HETATM 1296 O O   . HOH C 3 .   ? -13.016 9.252   1.796   1.00 16.66 ? 244 HOH E O   1 
HETATM 1297 O O   . HOH C 3 .   ? 9.874   -1.461  -19.387 0.80 22.23 ? 245 HOH E O   1 
HETATM 1298 O O   . HOH C 3 .   ? -11.129 11.019  2.436   0.93 16.01 ? 246 HOH E O   1 
HETATM 1299 O O   . HOH C 3 .   ? 9.551   -3.705  -17.345 0.95 20.76 ? 247 HOH E O   1 
HETATM 1300 O O   . HOH C 3 .   ? -8.645  13.926  3.510   0.51 18.49 ? 248 HOH E O   1 
HETATM 1301 O O   . HOH C 3 .   ? -14.882 1.429   7.924   1.00 9.79  ? 249 HOH E O   1 
HETATM 1302 O O   . HOH C 3 .   ? -1.376  -4.013  -16.331 0.66 28.31 ? 250 HOH E O   1 
HETATM 1303 O O   . HOH C 3 .   ? 14.003  -5.224  -13.203 0.84 20.12 ? 251 HOH E O   1 
HETATM 1304 O O   . HOH C 3 .   ? -1.638  -10.661 14.926  0.54 20.54 ? 252 HOH E O   1 
HETATM 1305 O O   . HOH C 3 .   ? -4.093  10.622  6.652   1.00 18.00 ? 253 HOH E O   1 
HETATM 1306 O O   . HOH C 3 .   ? -14.136 7.910   5.894   0.65 15.79 ? 254 HOH E O   1 
HETATM 1307 O O   . HOH C 3 .   ? 9.110   -14.676 -9.487  0.35 30.36 ? 255 HOH E O   1 
HETATM 1308 O O   . HOH C 3 .   ? 5.328   -6.129  -13.284 0.60 17.26 ? 256 HOH E O   1 
HETATM 1309 O O   . HOH C 3 .   ? -14.648 3.875   9.261   1.00 15.56 ? 257 HOH E O   1 
HETATM 1310 O O   . HOH C 3 .   ? -7.222  8.832   8.432   0.76 14.34 ? 258 HOH E O   1 
HETATM 1311 O O   . HOH C 3 .   ? 13.513  5.217   -14.139 0.71 26.83 ? 259 HOH E O   1 
HETATM 1312 O O   . HOH C 3 .   ? 15.120  -6.169  -9.206  0.65 26.24 ? 260 HOH E O   1 
HETATM 1313 O O   . HOH C 3 .   ? -14.151 -3.872  13.935  0.90 13.42 ? 261 HOH E O   1 
HETATM 1314 O O   . HOH C 3 .   ? -14.365 0.112   13.155  0.85 12.78 ? 262 HOH E O   1 
HETATM 1315 O O   . HOH C 3 .   ? 18.335  -11.728 -4.647  0.35 30.66 ? 263 HOH E O   1 
HETATM 1316 O O   . HOH C 3 .   ? 3.252   -4.954  -10.682 1.00 22.03 ? 264 HOH E O   1 
HETATM 1317 O O   . HOH C 3 .   ? -2.228  -12.228 -10.106 0.55 27.37 ? 265 HOH E O   1 
HETATM 1318 O O   . HOH C 3 .   ? 7.753   -7.065  -8.947  1.00 15.15 ? 266 HOH E O   1 
HETATM 1319 O O   . HOH C 3 .   ? 12.217  -11.603 -5.691  1.00 15.71 ? 267 HOH E O   1 
HETATM 1320 O O   . HOH C 3 .   ? -0.228  -1.034  18.233  0.60 26.06 ? 268 HOH E O   1 
HETATM 1321 O O   . HOH C 3 .   ? 0.481   -5.270  -9.473  1.00 17.06 ? 269 HOH E O   1 
HETATM 1322 O O   . HOH C 3 .   ? 2.834   -10.856 -7.417  0.80 28.48 ? 270 HOH E O   1 
HETATM 1323 O O   . HOH C 3 .   ? -2.768  -2.563  18.725  0.64 23.05 ? 271 HOH E O   1 
HETATM 1324 O O   . HOH C 3 .   ? 17.083  -14.649 -2.046  0.38 27.60 ? 272 HOH E O   1 
HETATM 1325 O O   . HOH C 3 .   ? 17.170  -7.327  -4.862  0.38 30.36 ? 273 HOH E O   1 
HETATM 1326 O O   . HOH C 3 .   ? -8.368  0.098   16.649  0.48 18.66 ? 274 HOH E O   1 
HETATM 1327 O O   . HOH C 3 .   ? 15.954  2.656   -7.562  0.97 24.36 ? 275 HOH E O   1 
HETATM 1328 O O   . HOH C 3 .   ? -9.484  -11.173 -7.962  0.89 30.18 ? 276 HOH E O   1 
HETATM 1329 O O   . HOH C 3 .   ? -0.287  9.341   -11.798 0.78 21.68 ? 277 HOH E O   1 
HETATM 1330 O O   . HOH C 3 .   ? -14.900 -10.023 -5.641  1.00 28.42 ? 278 HOH E O   1 
HETATM 1331 O O   . HOH C 3 .   ? 13.365  -16.168 2.997   0.67 12.99 ? 279 HOH E O   1 
HETATM 1332 O O   . HOH C 3 .   ? -14.491 3.727   -10.106 0.54 14.20 ? 280 HOH E O   1 
HETATM 1333 O O   . HOH C 3 .   ? -17.434 -3.939  -6.754  0.50 32.01 ? 281 HOH E O   1 
HETATM 1334 O O   . HOH C 3 .   ? -3.004  11.789  -10.164 0.50 32.00 ? 282 HOH E O   1 
HETATM 1335 O O   . HOH C 3 .   ? 19.498  -13.108 5.305   0.53 25.47 ? 283 HOH E O   1 
HETATM 1336 O O   . HOH C 3 .   ? 3.649   -15.975 2.418   0.72 11.31 ? 284 HOH E O   1 
HETATM 1337 O O   . HOH C 3 .   ? -12.934 3.968   -8.109  1.00 4.54  ? 285 HOH E O   1 
HETATM 1338 O O   . HOH C 3 .   ? -8.394  -16.099 0.392   1.00 17.96 ? 286 HOH E O   1 
HETATM 1339 O O   . HOH C 3 .   ? 18.505  4.955   -1.092  0.51 28.50 ? 287 HOH E O   1 
HETATM 1340 O O   . HOH C 3 .   ? -9.866  1.431   -5.088  1.00 11.06 ? 288 HOH E O   1 
HETATM 1341 O O   . HOH C 3 .   ? 14.051  9.646   -3.822  0.90 18.01 ? 289 HOH E O   1 
HETATM 1342 O O   . HOH C 3 .   ? 7.826   14.062  -5.599  0.64 12.92 ? 290 HOH E O   1 
HETATM 1343 O O   . HOH C 3 .   ? 10.327  11.122  -4.375  1.00 25.48 ? 291 HOH E O   1 
HETATM 1344 O O   . HOH C 3 .   ? -23.106 -10.185 -3.149  0.60 30.04 ? 292 HOH E O   1 
HETATM 1345 O O   . HOH C 3 .   ? -15.141 4.855   -7.110  0.50 26.01 ? 293 HOH E O   1 
HETATM 1346 O O   . HOH C 3 .   ? 11.887  -14.272 6.348   0.95 15.14 ? 294 HOH E O   1 
HETATM 1347 O O   . HOH C 3 .   ? -3.192  -13.942 3.618   1.00 8.88  ? 295 HOH E O   1 
HETATM 1348 O O   . HOH C 3 .   ? -8.784  3.194   -2.976  1.00 8.89  ? 296 HOH E O   1 
HETATM 1349 O O   . HOH C 3 .   ? 12.881  6.518   1.260   1.00 18.91 ? 297 HOH E O   1 
HETATM 1350 O O   . HOH C 3 .   ? 16.262  -11.662 7.230   0.80 27.00 ? 298 HOH E O   1 
HETATM 1351 O O   . HOH C 3 .   ? -15.347 7.643   -4.597  1.00 11.95 ? 299 HOH E O   1 
HETATM 1352 O O   . HOH C 3 .   ? 2.670   5.252   0.772   1.00 15.71 ? 300 HOH E O   1 
HETATM 1353 O O   . HOH C 3 .   ? -11.045 -10.764 3.254   0.90 25.04 ? 301 HOH E O   1 
HETATM 1354 O O   . HOH C 3 .   ? -10.514 -13.244 4.263   0.75 20.55 ? 302 HOH E O   1 
HETATM 1355 O O   . HOH C 3 .   ? -14.401 -11.039 4.960   0.81 19.13 ? 303 HOH E O   1 
HETATM 1356 O O   . HOH C 3 .   ? -7.313  20.789  -4.465  0.36 13.60 ? 304 HOH E O   1 
HETATM 1357 O O   . HOH C 3 .   ? 1.791   15.848  -0.421  0.60 16.31 ? 305 HOH E O   1 
HETATM 1358 O O   . HOH C 3 .   ? 5.668   -9.592  11.392  0.95 17.41 ? 306 HOH E O   1 
HETATM 1359 O O   . HOH C 3 .   ? 7.905   -5.613  11.054  0.60 28.04 ? 307 HOH E O   1 
HETATM 1360 O O   . HOH C 3 .   ? 3.324   3.868   13.950  0.70 28.24 ? 308 HOH E O   1 
HETATM 1361 O O   . HOH C 3 .   ? 5.012   -6.976  12.027  0.75 28.41 ? 309 HOH E O   1 
HETATM 1362 O O   . HOH C 3 .   ? -17.675 -3.972  4.744   0.80 26.44 ? 310 HOH E O   1 
HETATM 1363 O O   . HOH C 3 .   ? 9.484   2.306   -20.113 0.94 24.17 ? 311 HOH E O   1 
HETATM 1364 O O   . HOH C 3 .   ? 11.836  -5.470  -16.893 0.61 32.18 ? 312 HOH E O   1 
HETATM 1365 O O   . HOH C 3 .   ? 5.594   16.464  3.480   0.35 30.02 ? 313 HOH E O   1 
HETATM 1366 O O   . HOH C 3 .   ? -11.023 15.804  1.440   0.70 28.00 ? 314 HOH E O   1 
HETATM 1367 O O   . HOH C 3 .   ? -4.626  20.475  1.398   0.70 28.18 ? 315 HOH E O   1 
HETATM 1368 O O   . HOH C 3 .   ? 1.308   -2.954  -17.714 0.70 28.25 ? 316 HOH E O   1 
HETATM 1369 O O   . HOH C 3 .   ? -4.624  17.279  3.283   0.90 28.77 ? 317 HOH E O   1 
HETATM 1370 O O   . HOH C 3 .   ? 10.180  10.377  9.283   0.45 18.42 ? 318 HOH E O   1 
HETATM 1371 O O   . HOH C 3 .   ? 6.027   3.142   12.019  0.36 15.42 ? 319 HOH E O   1 
HETATM 1372 O O   . HOH C 3 .   ? 6.739   8.868   10.748  0.50 30.04 ? 320 HOH E O   1 
HETATM 1373 O O   . HOH C 3 .   ? -8.369  5.591   10.138  0.91 14.06 ? 321 HOH E O   1 
HETATM 1374 O O   . HOH C 3 .   ? -13.157 5.945   8.088   0.50 17.71 ? 322 HOH E O   1 
HETATM 1375 O O   . HOH C 3 .   ? -22.305 1.634   7.824   0.59 21.16 ? 323 HOH E O   1 
HETATM 1376 O O   . HOH C 3 .   ? -19.898 -3.031  10.930  0.92 18.76 ? 324 HOH E O   1 
HETATM 1377 O O   . HOH C 3 .   ? -20.384 7.485   6.369   0.51 20.53 ? 325 HOH E O   1 
HETATM 1378 O O   . HOH C 3 .   ? -10.312 9.028   8.543   0.35 30.24 ? 326 HOH E O   1 
HETATM 1379 O O   . HOH C 3 .   ? -10.698 6.550   9.909   0.60 20.23 ? 327 HOH E O   1 
HETATM 1380 O O   . HOH C 3 .   ? 9.335   7.769   -15.872 0.41 16.87 ? 328 HOH E O   1 
HETATM 1381 O O   . HOH C 3 .   ? -5.401  -8.636  17.760  0.81 14.58 ? 329 HOH E O   1 
HETATM 1382 O O   . HOH C 3 .   ? 5.075   -6.699  -10.664 0.77 28.90 ? 330 HOH E O   1 
HETATM 1383 O O   . HOH C 3 .   ? 16.562  -9.137  -6.390  0.58 20.07 ? 331 HOH E O   1 
HETATM 1384 O O   . HOH C 3 .   ? -4.274  4.669   -16.118 0.97 25.98 ? 332 HOH E O   1 
HETATM 1385 O O   . HOH C 3 .   ? -12.451 -1.591  14.654  1.00 26.47 ? 333 HOH E O   1 
HETATM 1386 O O   . HOH C 3 .   ? 11.608  -13.879 -6.413  0.38 20.18 ? 334 HOH E O   1 
HETATM 1387 O O   . HOH C 3 .   ? -7.124  2.649   -15.185 0.81 26.52 ? 335 HOH E O   1 
HETATM 1388 O O   . HOH C 3 .   ? 16.554  -5.156  -6.711  0.37 26.67 ? 336 HOH E O   1 
HETATM 1389 O O   . HOH C 3 .   ? -8.709  -4.567  -12.774 0.40 20.75 ? 337 HOH E O   1 
HETATM 1390 O O   . HOH C 3 .   ? -5.251  -9.635  -9.837  0.55 27.31 ? 338 HOH E O   1 
HETATM 1391 O O   . HOH C 3 .   ? 5.826   -10.381 -7.132  0.57 17.93 ? 339 HOH E O   1 
HETATM 1392 O O   . HOH C 3 .   ? 1.879   8.473   -13.196 0.79 22.33 ? 340 HOH E O   1 
HETATM 1393 O O   . HOH C 3 .   ? -6.716  3.125   16.806  0.68 28.76 ? 341 HOH E O   1 
HETATM 1394 O O   . HOH C 3 .   ? 12.453  9.536   -12.448 0.42 28.04 ? 342 HOH E O   1 
HETATM 1395 O O   . HOH C 3 .   ? -21.194 -10.977 5.580   0.47 26.35 ? 343 HOH E O   1 
HETATM 1396 O O   . HOH C 3 .   ? -9.511  -5.180  -9.867  0.73 15.11 ? 344 HOH E O   1 
HETATM 1397 O O   . HOH C 3 .   ? -1.611  -14.189 -4.995  0.63 13.45 ? 345 HOH E O   1 
HETATM 1398 O O   . HOH C 3 .   ? 18.571  -8.906  -1.266  0.45 26.41 ? 346 HOH E O   1 
HETATM 1399 O O   . HOH C 3 .   ? -8.952  -15.728 -6.097  0.51 28.43 ? 347 HOH E O   1 
HETATM 1400 O O   . HOH C 3 .   ? 4.122   10.742  -12.205 0.38 28.82 ? 348 HOH E O   1 
HETATM 1401 O O   . HOH C 3 .   ? 5.409   -10.810 -2.867  0.65 26.24 ? 349 HOH E O   1 
HETATM 1402 O O   . HOH C 3 .   ? 0.337   -14.321 -2.914  0.62 12.65 ? 350 HOH E O   1 
HETATM 1403 O O   . HOH C 3 .   ? 16.577  5.241   -5.884  0.55 18.32 ? 351 HOH E O   1 
HETATM 1404 O O   . HOH C 3 .   ? 1.813   -16.649 -0.977  0.43 22.34 ? 352 HOH E O   1 
HETATM 1405 O O   . HOH C 3 .   ? -16.414 -7.872  -6.465  0.66 25.22 ? 353 HOH E O   1 
HETATM 1406 O O   . HOH C 3 .   ? -14.255 -13.145 -4.674  0.65 22.42 ? 354 HOH E O   1 
HETATM 1407 O O   . HOH C 3 .   ? -13.459 -15.639 -4.055  0.50 30.01 ? 355 HOH E O   1 
HETATM 1408 O O   . HOH C 3 .   ? 11.559  10.431  -7.106  0.54 20.65 ? 356 HOH E O   1 
HETATM 1409 O O   . HOH C 3 .   ? 16.445  7.772   -5.416  0.52 20.45 ? 357 HOH E O   1 
HETATM 1410 O O   . HOH C 3 .   ? -19.788 -3.375  -7.797  0.66 14.46 ? 358 HOH E O   1 
HETATM 1411 O O   . HOH C 3 .   ? -12.579 -14.354 -1.346  0.61 20.50 ? 359 HOH E O   1 
HETATM 1412 O O   . HOH C 3 .   ? 17.954  -0.399  -0.571  0.45 26.49 ? 360 HOH E O   1 
HETATM 1413 O O   . HOH C 3 .   ? -1.390  14.523  -9.091  0.61 26.73 ? 361 HOH E O   1 
HETATM 1414 O O   . HOH C 3 .   ? 13.193  11.947  -3.455  0.53 28.03 ? 362 HOH E O   1 
HETATM 1415 O O   . HOH C 3 .   ? 19.574  8.686   -0.189  0.65 28.26 ? 363 HOH E O   1 
HETATM 1416 O O   . HOH C 3 .   ? 4.542   15.373  -5.412  0.50 25.77 ? 364 HOH E O   1 
HETATM 1417 O O   . HOH C 3 .   ? 12.659  -16.683 7.804   0.45 19.45 ? 365 HOH E O   1 
HETATM 1418 O O   . HOH C 3 .   ? -2.081  10.984  10.934  0.46 23.48 ? 366 HOH E O   1 
HETATM 1419 O O   . HOH C 3 .   ? -4.871  17.348  -8.415  0.50 24.57 ? 367 HOH E O   1 
HETATM 1420 O O   . HOH C 3 .   ? -11.362 12.853  -8.840  0.49 26.69 ? 368 HOH E O   1 
HETATM 1421 O O   . HOH C 3 .   ? -21.382 -11.818 -0.057  0.48 28.25 ? 369 HOH E O   1 
HETATM 1422 O O   . HOH C 3 .   ? 3.422   -3.858  1.280   0.54 12.90 ? 370 HOH E O   1 
HETATM 1423 O O   . HOH C 3 .   ? -16.699 -11.065 1.702   0.59 22.83 ? 371 HOH E O   1 
HETATM 1424 O O   . HOH C 3 .   ? -20.480 -2.915  -0.745  0.75 17.27 ? 372 HOH E O   1 
HETATM 1425 O O   . HOH C 3 .   ? 0.182   16.903  -2.246  0.60 22.48 ? 373 HOH E O   1 
HETATM 1426 O O   . HOH C 3 .   ? -13.027 -13.261 5.415   0.45 20.18 ? 374 HOH E O   1 
HETATM 1427 O O   . HOH C 3 .   ? 8.361   -10.748 10.840  0.80 16.15 ? 375 HOH E O   1 
HETATM 1428 O O   . HOH C 3 .   ? -19.303 -4.565  3.340   0.59 12.49 ? 376 HOH E O   1 
HETATM 1429 O O   . HOH C 3 .   ? -16.896 6.422   0.407   0.73 21.71 ? 377 HOH E O   1 
HETATM 1430 O O   . HOH C 3 .   ? 8.401   0.257   -21.721 1.00 22.03 ? 378 HOH E O   1 
HETATM 1431 O O   . HOH C 3 .   ? -20.243 -3.539  1.527   0.60 21.94 ? 379 HOH E O   1 
HETATM 1432 O O   . HOH C 3 .   ? -22.975 3.517   6.506   0.50 26.81 ? 380 HOH E O   1 
HETATM 1433 O O   . HOH C 3 .   ? 16.354  0.697   -14.155 0.46 29.77 ? 381 HOH E O   1 
HETATM 1434 O O   . HOH C 3 .   ? -7.320  6.689   13.194  0.60 24.83 ? 382 HOH E O   1 
HETATM 1435 O O   . HOH C 3 .   ? -13.094 4.577   14.043  0.71 16.57 ? 383 HOH E O   1 
HETATM 1436 O O   . HOH C 3 .   ? -2.056  5.466   16.174  0.40 25.00 ? 384 HOH E O   1 
HETATM 1437 O O   . HOH C 3 .   ? 7.739   10.770  -12.391 0.50 24.72 ? 385 HOH E O   1 
HETATM 1438 O O   . HOH C 3 .   ? 6.444   -13.454 -2.736  0.61 25.85 ? 386 HOH E O   1 
HETATM 1439 O O   . HOH C 3 .   ? -12.540 13.486  -6.983  0.59 21.12 ? 387 HOH E O   1 
HETATM 1440 O O   . HOH C 3 .   ? 1.005   -6.076  -18.525 0.53 23.91 ? 388 HOH E O   1 
HETATM 1441 O O   . HOH C 3 .   ? 7.354   -5.380  -17.664 0.48 27.08 ? 389 HOH E O   1 
HETATM 1442 O O   . HOH C 3 .   ? 6.563   14.950  5.391   0.45 24.13 ? 390 HOH E O   1 
HETATM 1443 O O   . HOH C 3 .   ? 4.383   2.022   10.239  0.60 18.11 ? 391 HOH E O   1 
HETATM 1444 O O   . HOH C 3 .   ? 5.444   -5.578  -16.342 0.53 25.38 ? 392 HOH E O   1 
HETATM 1445 O O   . HOH C 3 .   ? -7.889  -12.687 13.711  0.51 21.48 ? 393 HOH E O   1 
HETATM 1446 O O   . HOH C 3 .   ? -7.494  -12.863 15.947  0.49 23.55 ? 394 HOH E O   1 
HETATM 1447 O O   . HOH C 3 .   ? 3.589   -8.774  -10.644 0.50 19.86 ? 395 HOH E O   1 
HETATM 1448 O O   . HOH C 3 .   ? -8.757  -8.201  -9.671  0.56 20.43 ? 396 HOH E O   1 
HETATM 1449 O O   . HOH C 3 .   ? -14.288 -2.362  -11.972 0.56 20.74 ? 397 HOH E O   1 
HETATM 1450 O O   . HOH C 3 .   ? 19.395  1.039   -2.006  0.37 29.13 ? 398 HOH E O   1 
HETATM 1451 O O   . HOH C 3 .   ? 17.849  -6.199  0.731   0.90 19.03 ? 399 HOH E O   1 
HETATM 1452 O O   . HOH C 3 .   ? 10.167  -10.409 13.413  0.39 24.49 ? 400 HOH E O   1 
HETATM 1453 O O   . HOH C 3 .   ? 12.929  7.247   6.570   0.60 24.08 ? 401 HOH E O   1 
HETATM 1454 O O   . HOH C 3 .   ? -18.818 8.347   2.084   0.57 23.06 ? 402 HOH E O   1 
HETATM 1455 O O   . HOH C 3 .   ? 1.748   -1.910  -19.907 0.61 18.81 ? 403 HOH E O   1 
HETATM 1456 O O   . HOH C 3 .   ? 12.738  9.258   8.349   0.40 28.06 ? 404 HOH E O   1 
HETATM 1457 O O   . HOH C 3 .   ? 0.607   14.550  5.538   0.38 30.64 ? 405 HOH E O   1 
HETATM 1458 O O   . HOH C 3 .   ? -6.488  12.192  5.761   0.50 21.23 ? 406 HOH E O   1 
HETATM 1459 O O   . HOH C 3 .   ? 15.938  -2.753  -13.682 0.32 29.18 ? 407 HOH E O   1 
HETATM 1460 O O   . HOH C 3 .   ? -1.483  12.122  7.328   0.42 21.67 ? 408 HOH E O   1 
HETATM 1461 O O   . HOH C 3 .   ? -2.113  -9.271  -13.983 0.50 28.32 ? 409 HOH E O   1 
HETATM 1462 O O   . HOH C 3 .   ? 14.145  2.910   -15.044 0.42 21.23 ? 410 HOH E O   1 
HETATM 1463 O O   . HOH C 3 .   ? 3.626   12.703  10.131  0.40 24.87 ? 411 HOH E O   1 
HETATM 1464 O O   . HOH C 3 .   ? 1.220   -8.029  17.656  0.55 18.49 ? 412 HOH E O   1 
HETATM 1465 O O   . HOH C 3 .   ? -0.133  -11.088 -10.483 0.40 16.14 ? 413 HOH E O   1 
HETATM 1466 O O   . HOH C 3 .   ? -5.947  -18.825 -6.415  0.45 25.86 ? 414 HOH E O   1 
HETATM 1467 O O   . HOH C 3 .   ? 16.857  6.368   -9.793  0.37 24.07 ? 415 HOH E O   1 
HETATM 1468 O O   . HOH C 3 .   ? 3.819   -15.575 -3.349  0.51 27.70 ? 416 HOH E O   1 
HETATM 1469 O O   . HOH C 3 .   ? -4.333  11.006  -14.217 0.60 19.27 ? 417 HOH E O   1 
HETATM 1470 O O   . HOH C 3 .   ? 16.628  -14.906 0.276   0.51 21.52 ? 418 HOH E O   1 
HETATM 1471 O O   . HOH C 3 .   ? 4.508   -17.334 -1.799  0.42 23.27 ? 419 HOH E O   1 
HETATM 1472 O O   . HOH C 3 .   ? 18.305  -11.626 0.935   0.50 23.32 ? 420 HOH E O   1 
HETATM 1473 O O   . HOH C 3 .   ? 20.891  -11.458 2.091   0.42 23.77 ? 421 HOH E O   1 
HETATM 1474 O O   . HOH C 3 .   ? -21.649 -5.234  -5.295  0.45 19.49 ? 422 HOH E O   1 
HETATM 1475 O O   . HOH C 3 .   ? 20.679  0.499   1.600   0.42 28.05 ? 423 HOH E O   1 
HETATM 1476 O O   . HOH C 3 .   ? -0.450  6.915   16.229  0.40 29.11 ? 424 HOH E O   1 
HETATM 1477 O O   . HOH D 3 .   ? 17.642  -4.317  6.456   0.50 20.76 ? 356 HOH P O   1 
HETATM 1478 O O   . HOH D 3 .   ? 16.356  2.294   6.322   0.55 26.36 ? 357 HOH P O   1 
HETATM 1479 O O   . HOH D 3 .   ? 19.984  1.659   5.109   0.42 29.36 ? 387 HOH P O   1 
# 
